data_1D5V
#
_entry.id   1D5V
#
_cell.length_a   1.000
_cell.length_b   1.000
_cell.length_c   1.000
_cell.angle_alpha   90.00
_cell.angle_beta   90.00
_cell.angle_gamma   90.00
#
_symmetry.space_group_name_H-M   'P 1'
#
_entity_poly.entity_id   1
_entity_poly.type   'polypeptide(L)'
_entity_poly.pdbx_seq_one_letter_code
;MLVKPPYSYIALITMAIQNAPEKKITLNGIYQFIMDRFPFYRENKQGWQNSIRHNLSLNECFVKVPRDDKKPGKGSYWTL
DPDSYNMFENGSFL
;
_entity_poly.pdbx_strand_id   A
#
# COMPACT_ATOMS: atom_id res chain seq x y z
N MET A 1 -26.21 3.16 -10.34
CA MET A 1 -25.86 1.89 -9.65
C MET A 1 -24.36 1.86 -9.36
N LEU A 2 -23.99 1.31 -8.23
CA LEU A 2 -22.54 1.23 -7.85
C LEU A 2 -22.16 -0.23 -7.62
N VAL A 3 -20.95 -0.60 -7.90
CA VAL A 3 -20.49 -2.02 -7.70
C VAL A 3 -19.12 -2.01 -7.04
N LYS A 4 -18.87 -2.92 -6.13
CA LYS A 4 -17.54 -2.94 -5.47
C LYS A 4 -16.51 -3.51 -6.46
N PRO A 5 -15.23 -3.36 -6.21
CA PRO A 5 -14.18 -3.87 -7.14
C PRO A 5 -13.86 -5.36 -6.89
N PRO A 6 -14.14 -6.23 -7.83
CA PRO A 6 -13.82 -7.69 -7.66
C PRO A 6 -12.38 -7.90 -7.18
N TYR A 7 -11.60 -6.85 -7.14
CA TYR A 7 -10.19 -6.98 -6.69
C TYR A 7 -10.17 -7.31 -5.20
N SER A 8 -9.31 -8.19 -4.79
CA SER A 8 -9.22 -8.55 -3.35
C SER A 8 -8.55 -7.39 -2.60
N TYR A 9 -8.65 -7.38 -1.30
CA TYR A 9 -8.02 -6.27 -0.53
C TYR A 9 -6.51 -6.29 -0.79
N ILE A 10 -5.93 -7.45 -0.87
CA ILE A 10 -4.46 -7.53 -1.13
C ILE A 10 -4.17 -7.00 -2.54
N ALA A 11 -5.01 -7.31 -3.49
CA ALA A 11 -4.79 -6.82 -4.88
C ALA A 11 -4.95 -5.30 -4.92
N LEU A 12 -5.92 -4.77 -4.23
CA LEU A 12 -6.10 -3.30 -4.23
C LEU A 12 -4.84 -2.64 -3.67
N ILE A 13 -4.29 -3.17 -2.62
CA ILE A 13 -3.05 -2.59 -2.06
C ILE A 13 -1.97 -2.66 -3.14
N THR A 14 -1.90 -3.76 -3.83
CA THR A 14 -0.88 -3.93 -4.90
C THR A 14 -1.13 -2.93 -6.04
N MET A 15 -2.37 -2.73 -6.40
CA MET A 15 -2.66 -1.78 -7.52
C MET A 15 -2.38 -0.34 -7.09
N ALA A 16 -2.71 0.00 -5.88
CA ALA A 16 -2.48 1.40 -5.41
C ALA A 16 -1.01 1.77 -5.58
N ILE A 17 -0.12 0.88 -5.25
CA ILE A 17 1.32 1.18 -5.37
C ILE A 17 1.67 1.39 -6.84
N GLN A 18 1.11 0.59 -7.70
CA GLN A 18 1.41 0.72 -9.16
C GLN A 18 0.87 2.04 -9.71
N ASN A 19 -0.31 2.43 -9.31
CA ASN A 19 -0.90 3.70 -9.83
C ASN A 19 -0.53 4.87 -8.92
N ALA A 20 0.34 4.64 -7.96
CA ALA A 20 0.73 5.75 -7.05
C ALA A 20 1.76 6.64 -7.75
N PRO A 21 1.47 7.90 -8.01
CA PRO A 21 2.43 8.80 -8.68
C PRO A 21 3.84 8.62 -8.11
N GLU A 22 3.92 8.20 -6.88
CA GLU A 22 5.23 7.96 -6.22
C GLU A 22 5.26 6.50 -5.75
N LYS A 23 6.31 5.79 -6.03
CA LYS A 23 6.36 4.36 -5.60
C LYS A 23 6.24 4.31 -4.08
N LYS A 24 6.88 5.21 -3.40
CA LYS A 24 6.79 5.21 -1.90
C LYS A 24 5.54 6.01 -1.53
N ILE A 25 4.59 5.38 -0.89
CA ILE A 25 3.32 6.07 -0.50
C ILE A 25 3.04 5.82 0.97
N THR A 26 2.46 6.78 1.64
CA THR A 26 2.18 6.60 3.09
C THR A 26 0.90 5.78 3.27
N LEU A 27 0.70 5.24 4.43
CA LEU A 27 -0.50 4.42 4.72
C LEU A 27 -1.73 5.31 4.49
N ASN A 28 -1.68 6.52 4.97
CA ASN A 28 -2.82 7.45 4.80
C ASN A 28 -3.05 7.74 3.32
N GLY A 29 -1.99 7.90 2.56
CA GLY A 29 -2.12 8.20 1.11
C GLY A 29 -2.88 7.07 0.40
N ILE A 30 -2.64 5.85 0.78
CA ILE A 30 -3.32 4.71 0.10
C ILE A 30 -4.84 4.85 0.28
N TYR A 31 -5.31 5.25 1.43
CA TYR A 31 -6.79 5.39 1.60
C TYR A 31 -7.32 6.42 0.60
N GLN A 32 -6.63 7.52 0.43
CA GLN A 32 -7.13 8.57 -0.50
C GLN A 32 -7.25 8.02 -1.93
N PHE A 33 -6.31 7.22 -2.37
CA PHE A 33 -6.39 6.68 -3.75
C PHE A 33 -7.66 5.84 -3.91
N ILE A 34 -7.90 4.95 -2.99
CA ILE A 34 -9.11 4.07 -3.10
C ILE A 34 -10.39 4.92 -3.11
N MET A 35 -10.45 5.95 -2.31
CA MET A 35 -11.69 6.79 -2.30
C MET A 35 -11.93 7.40 -3.69
N ASP A 36 -10.90 7.90 -4.32
CA ASP A 36 -11.09 8.53 -5.66
C ASP A 36 -11.31 7.45 -6.73
N ARG A 37 -10.44 6.48 -6.81
CA ARG A 37 -10.61 5.42 -7.84
C ARG A 37 -11.96 4.73 -7.62
N PHE A 38 -12.26 4.36 -6.40
CA PHE A 38 -13.54 3.68 -6.09
C PHE A 38 -14.30 4.50 -5.04
N PRO A 39 -15.39 5.15 -5.38
CA PRO A 39 -16.16 6.00 -4.42
C PRO A 39 -17.11 5.19 -3.54
N PHE A 40 -17.27 3.92 -3.81
CA PHE A 40 -18.18 3.09 -2.97
C PHE A 40 -17.70 3.12 -1.52
N TYR A 41 -16.41 3.17 -1.33
CA TYR A 41 -15.83 3.18 0.04
C TYR A 41 -16.21 4.47 0.78
N ARG A 42 -16.45 5.53 0.07
CA ARG A 42 -16.81 6.80 0.76
C ARG A 42 -18.09 6.58 1.57
N GLU A 43 -19.04 5.85 1.05
CA GLU A 43 -20.28 5.60 1.81
C GLU A 43 -19.93 4.91 3.13
N ASN A 44 -18.99 4.00 3.07
CA ASN A 44 -18.55 3.25 4.29
C ASN A 44 -17.07 3.55 4.54
N LYS A 45 -16.77 4.36 5.52
CA LYS A 45 -15.34 4.69 5.81
C LYS A 45 -14.77 3.71 6.84
N GLN A 46 -15.35 3.67 8.00
CA GLN A 46 -14.82 2.76 9.06
C GLN A 46 -15.08 1.30 8.68
N GLY A 47 -14.14 0.44 8.95
CA GLY A 47 -14.31 -1.01 8.63
C GLY A 47 -13.28 -1.45 7.58
N TRP A 48 -13.29 -0.85 6.43
CA TRP A 48 -12.33 -1.27 5.37
C TRP A 48 -10.97 -0.59 5.58
N GLN A 49 -10.95 0.57 6.17
CA GLN A 49 -9.65 1.27 6.38
C GLN A 49 -8.78 0.47 7.36
N ASN A 50 -9.36 -0.07 8.39
CA ASN A 50 -8.58 -0.86 9.39
C ASN A 50 -8.10 -2.20 8.81
N SER A 51 -8.90 -2.86 8.03
CA SER A 51 -8.48 -4.18 7.48
C SER A 51 -7.21 -4.02 6.62
N ILE A 52 -7.13 -2.97 5.85
CA ILE A 52 -5.92 -2.77 5.01
C ILE A 52 -4.68 -2.68 5.90
N ARG A 53 -4.77 -2.01 7.02
CA ARG A 53 -3.60 -1.88 7.93
C ARG A 53 -3.25 -3.25 8.51
N HIS A 54 -4.24 -4.04 8.82
CA HIS A 54 -3.98 -5.39 9.40
C HIS A 54 -3.14 -6.22 8.43
N ASN A 55 -3.47 -6.19 7.17
CA ASN A 55 -2.68 -6.97 6.17
C ASN A 55 -1.30 -6.35 6.03
N LEU A 56 -1.21 -5.04 6.05
CA LEU A 56 0.12 -4.37 5.90
C LEU A 56 0.97 -4.61 7.15
N SER A 57 1.22 -5.86 7.46
CA SER A 57 2.07 -6.18 8.64
C SER A 57 2.34 -7.69 8.63
N LEU A 58 1.31 -8.48 8.60
CA LEU A 58 1.50 -9.96 8.58
C LEU A 58 2.13 -10.34 7.24
N ASN A 59 1.70 -9.72 6.17
CA ASN A 59 2.27 -10.04 4.84
C ASN A 59 3.70 -9.49 4.78
N GLU A 60 4.65 -10.35 4.51
CA GLU A 60 6.07 -9.89 4.45
C GLU A 60 6.40 -9.46 3.01
N CYS A 61 5.46 -9.56 2.12
CA CYS A 61 5.71 -9.16 0.71
C CYS A 61 5.99 -7.66 0.64
N PHE A 62 5.28 -6.88 1.40
CA PHE A 62 5.50 -5.40 1.36
C PHE A 62 6.74 -5.04 2.19
N VAL A 63 7.42 -3.99 1.82
CA VAL A 63 8.64 -3.56 2.58
C VAL A 63 8.40 -2.16 3.14
N LYS A 64 8.60 -1.99 4.43
CA LYS A 64 8.39 -0.64 5.03
C LYS A 64 9.73 0.11 5.03
N VAL A 65 9.74 1.29 4.45
CA VAL A 65 11.00 2.10 4.36
C VAL A 65 10.71 3.52 4.86
N PRO A 66 10.67 3.71 6.16
CA PRO A 66 10.39 5.05 6.76
C PRO A 66 11.47 6.09 6.40
N ARG A 67 11.11 7.34 6.36
CA ARG A 67 12.12 8.38 6.05
C ARG A 67 13.03 8.53 7.27
N ASP A 68 13.85 9.53 7.31
CA ASP A 68 14.75 9.72 8.49
C ASP A 68 13.91 10.12 9.70
N ASP A 69 14.32 9.75 10.88
CA ASP A 69 13.54 10.12 12.09
C ASP A 69 13.66 11.62 12.34
N LYS A 70 14.67 12.25 11.80
CA LYS A 70 14.85 13.71 12.02
C LYS A 70 13.63 14.46 11.49
N LYS A 71 13.12 14.06 10.35
CA LYS A 71 11.94 14.76 9.79
C LYS A 71 10.67 14.25 10.47
N PRO A 72 9.86 15.10 11.08
CA PRO A 72 8.62 14.67 11.77
C PRO A 72 7.45 14.48 10.79
N GLY A 73 6.24 14.55 11.27
CA GLY A 73 5.06 14.39 10.37
C GLY A 73 4.99 12.96 9.84
N LYS A 74 4.96 12.82 8.54
CA LYS A 74 4.89 11.47 7.92
C LYS A 74 6.14 10.66 8.29
N GLY A 75 5.97 9.39 8.54
CA GLY A 75 7.15 8.54 8.91
C GLY A 75 6.92 7.09 8.47
N SER A 76 6.30 6.89 7.34
CA SER A 76 6.05 5.49 6.87
C SER A 76 5.86 5.47 5.35
N TYR A 77 6.49 4.53 4.69
CA TYR A 77 6.35 4.40 3.21
C TYR A 77 6.08 2.93 2.87
N TRP A 78 5.46 2.67 1.75
CA TRP A 78 5.16 1.27 1.34
C TRP A 78 5.70 1.02 -0.07
N THR A 79 6.37 -0.09 -0.28
CA THR A 79 6.92 -0.37 -1.64
C THR A 79 7.18 -1.87 -1.80
N LEU A 80 7.36 -2.34 -3.00
CA LEU A 80 7.61 -3.80 -3.22
C LEU A 80 9.12 -4.06 -3.22
N ASP A 81 9.58 -4.92 -2.35
CA ASP A 81 11.04 -5.21 -2.30
C ASP A 81 11.28 -6.49 -1.49
N PRO A 82 12.39 -7.16 -1.70
CA PRO A 82 12.72 -8.40 -0.94
C PRO A 82 13.34 -8.08 0.42
N ASP A 83 13.99 -9.03 1.03
CA ASP A 83 14.64 -8.74 2.34
C ASP A 83 15.93 -7.96 2.06
N SER A 84 15.81 -6.82 1.45
CA SER A 84 17.01 -6.00 1.12
C SER A 84 17.42 -5.15 2.32
N TYR A 85 17.52 -5.76 3.48
CA TYR A 85 17.90 -4.97 4.69
C TYR A 85 19.37 -4.56 4.58
N ASN A 86 20.26 -5.50 4.42
CA ASN A 86 21.73 -5.16 4.33
C ASN A 86 22.24 -5.39 2.91
N MET A 87 21.37 -5.44 1.94
CA MET A 87 21.86 -5.67 0.54
C MET A 87 22.62 -4.43 0.07
N PHE A 88 22.83 -3.50 0.95
CA PHE A 88 23.58 -2.25 0.58
C PHE A 88 24.98 -2.64 0.11
N GLU A 89 25.58 -3.60 0.77
CA GLU A 89 26.97 -4.04 0.39
C GLU A 89 26.87 -5.36 -0.38
N ASN A 90 27.65 -5.51 -1.41
CA ASN A 90 27.63 -6.77 -2.23
C ASN A 90 29.06 -7.30 -2.37
N GLY A 91 29.20 -8.59 -2.53
CA GLY A 91 30.56 -9.19 -2.67
C GLY A 91 31.10 -9.52 -1.28
N SER A 92 30.46 -9.00 -0.26
CA SER A 92 30.91 -9.28 1.13
C SER A 92 30.44 -10.69 1.53
N PHE A 93 29.45 -11.20 0.84
CA PHE A 93 28.93 -12.56 1.17
C PHE A 93 28.71 -13.35 -0.13
N LEU A 94 28.93 -14.64 -0.08
CA LEU A 94 28.74 -15.49 -1.30
C LEU A 94 27.64 -16.51 -1.00
N MET A 1 -27.20 -1.49 -6.72
CA MET A 1 -26.30 -0.31 -6.52
C MET A 1 -24.85 -0.72 -6.78
N LEU A 2 -23.91 0.01 -6.25
CA LEU A 2 -22.49 -0.34 -6.46
C LEU A 2 -22.11 -1.46 -5.49
N VAL A 3 -21.11 -2.23 -5.83
CA VAL A 3 -20.68 -3.37 -4.95
C VAL A 3 -19.17 -3.29 -4.73
N LYS A 4 -18.68 -3.92 -3.70
CA LYS A 4 -17.21 -3.88 -3.44
C LYS A 4 -16.46 -4.45 -4.65
N PRO A 5 -15.59 -3.71 -5.29
CA PRO A 5 -14.82 -4.21 -6.47
C PRO A 5 -14.31 -5.64 -6.24
N PRO A 6 -14.07 -6.38 -7.29
CA PRO A 6 -13.57 -7.79 -7.18
C PRO A 6 -12.10 -7.84 -6.75
N TYR A 7 -11.49 -6.71 -6.52
CA TYR A 7 -10.06 -6.70 -6.11
C TYR A 7 -9.96 -7.00 -4.61
N SER A 8 -9.08 -7.88 -4.23
CA SER A 8 -8.93 -8.20 -2.79
C SER A 8 -8.31 -6.99 -2.09
N TYR A 9 -8.33 -6.97 -0.78
CA TYR A 9 -7.74 -5.79 -0.07
C TYR A 9 -6.26 -5.68 -0.43
N ILE A 10 -5.58 -6.78 -0.53
CA ILE A 10 -4.13 -6.75 -0.87
C ILE A 10 -3.94 -6.21 -2.30
N ALA A 11 -4.77 -6.62 -3.21
CA ALA A 11 -4.62 -6.16 -4.62
C ALA A 11 -4.85 -4.64 -4.71
N LEU A 12 -5.79 -4.12 -3.98
CA LEU A 12 -6.06 -2.66 -4.04
C LEU A 12 -4.79 -1.91 -3.61
N ILE A 13 -4.11 -2.39 -2.61
CA ILE A 13 -2.87 -1.72 -2.16
C ILE A 13 -1.78 -1.90 -3.22
N THR A 14 -1.69 -3.07 -3.81
CA THR A 14 -0.64 -3.31 -4.83
C THR A 14 -0.87 -2.39 -6.04
N MET A 15 -2.10 -2.22 -6.44
CA MET A 15 -2.38 -1.35 -7.62
C MET A 15 -2.12 0.11 -7.23
N ALA A 16 -2.44 0.48 -6.02
CA ALA A 16 -2.23 1.88 -5.57
C ALA A 16 -0.75 2.24 -5.72
N ILE A 17 0.13 1.38 -5.27
CA ILE A 17 1.58 1.68 -5.40
C ILE A 17 1.93 1.84 -6.88
N GLN A 18 1.52 0.89 -7.67
CA GLN A 18 1.82 0.95 -9.13
C GLN A 18 1.18 2.19 -9.75
N ASN A 19 -0.02 2.51 -9.34
CA ASN A 19 -0.71 3.71 -9.91
C ASN A 19 -0.20 4.99 -9.25
N ALA A 20 0.57 4.87 -8.21
CA ALA A 20 1.08 6.09 -7.52
C ALA A 20 2.27 6.66 -8.32
N PRO A 21 2.30 7.95 -8.60
CA PRO A 21 3.44 8.54 -9.36
C PRO A 21 4.78 8.00 -8.85
N GLU A 22 4.89 7.83 -7.55
CA GLU A 22 6.14 7.28 -6.93
C GLU A 22 5.78 5.99 -6.20
N LYS A 23 6.56 4.95 -6.36
CA LYS A 23 6.24 3.67 -5.68
C LYS A 23 6.23 3.89 -4.16
N LYS A 24 7.06 4.74 -3.65
CA LYS A 24 7.07 4.96 -2.17
C LYS A 24 5.88 5.87 -1.82
N ILE A 25 4.93 5.33 -1.10
CA ILE A 25 3.72 6.13 -0.72
C ILE A 25 3.48 6.00 0.78
N THR A 26 2.74 6.92 1.35
CA THR A 26 2.49 6.87 2.82
C THR A 26 1.21 6.07 3.13
N LEU A 27 1.03 5.71 4.36
CA LEU A 27 -0.16 4.95 4.79
C LEU A 27 -1.42 5.76 4.46
N ASN A 28 -1.42 7.00 4.86
CA ASN A 28 -2.59 7.89 4.61
C ASN A 28 -2.79 8.07 3.10
N GLY A 29 -1.73 8.20 2.36
CA GLY A 29 -1.86 8.42 0.89
C GLY A 29 -2.58 7.23 0.24
N ILE A 30 -2.30 6.03 0.68
CA ILE A 30 -2.97 4.85 0.07
C ILE A 30 -4.49 4.96 0.28
N TYR A 31 -4.93 5.37 1.44
CA TYR A 31 -6.40 5.50 1.65
C TYR A 31 -6.99 6.50 0.66
N GLN A 32 -6.31 7.59 0.41
CA GLN A 32 -6.84 8.60 -0.54
C GLN A 32 -7.04 7.98 -1.93
N PHE A 33 -6.10 7.19 -2.37
CA PHE A 33 -6.22 6.56 -3.71
C PHE A 33 -7.49 5.70 -3.80
N ILE A 34 -7.71 4.84 -2.84
CA ILE A 34 -8.90 3.95 -2.89
C ILE A 34 -10.21 4.75 -2.92
N MET A 35 -10.38 5.69 -2.04
CA MET A 35 -11.64 6.49 -2.04
C MET A 35 -11.82 7.21 -3.38
N ASP A 36 -10.81 7.91 -3.81
CA ASP A 36 -10.92 8.64 -5.11
C ASP A 36 -10.98 7.63 -6.27
N ARG A 37 -10.21 6.59 -6.19
CA ARG A 37 -10.21 5.57 -7.28
C ARG A 37 -11.57 4.86 -7.30
N PHE A 38 -12.03 4.39 -6.17
CA PHE A 38 -13.35 3.68 -6.10
C PHE A 38 -14.30 4.44 -5.16
N PRO A 39 -15.44 4.90 -5.63
CA PRO A 39 -16.40 5.65 -4.78
C PRO A 39 -17.24 4.71 -3.89
N PHE A 40 -17.12 3.43 -4.09
CA PHE A 40 -17.90 2.46 -3.28
C PHE A 40 -17.55 2.61 -1.80
N TYR A 41 -16.30 2.79 -1.50
CA TYR A 41 -15.86 2.89 -0.08
C TYR A 41 -16.42 4.17 0.56
N ARG A 42 -16.66 5.18 -0.22
CA ARG A 42 -17.20 6.44 0.37
C ARG A 42 -18.53 6.14 1.08
N GLU A 43 -19.23 5.12 0.68
CA GLU A 43 -20.53 4.78 1.33
C GLU A 43 -20.29 3.84 2.51
N ASN A 44 -19.06 3.52 2.79
CA ASN A 44 -18.75 2.61 3.93
C ASN A 44 -17.40 3.00 4.54
N LYS A 45 -17.41 3.68 5.65
CA LYS A 45 -16.12 4.10 6.29
C LYS A 45 -15.61 3.03 7.25
N GLN A 46 -16.32 2.76 8.30
CA GLN A 46 -15.85 1.75 9.28
C GLN A 46 -15.93 0.35 8.67
N GLY A 47 -14.99 -0.50 9.00
CA GLY A 47 -14.99 -1.89 8.45
C GLY A 47 -13.81 -2.07 7.50
N TRP A 48 -13.73 -1.28 6.47
CA TRP A 48 -12.61 -1.42 5.50
C TRP A 48 -11.43 -0.55 5.92
N GLN A 49 -11.61 0.33 6.86
CA GLN A 49 -10.50 1.23 7.28
C GLN A 49 -9.42 0.41 8.00
N ASN A 50 -9.76 -0.28 9.05
CA ASN A 50 -8.75 -1.07 9.79
C ASN A 50 -8.26 -2.26 8.97
N SER A 51 -9.11 -2.81 8.14
CA SER A 51 -8.68 -4.00 7.33
C SER A 51 -7.50 -3.64 6.44
N ILE A 52 -7.49 -2.48 5.85
CA ILE A 52 -6.36 -2.11 4.95
C ILE A 52 -5.04 -2.12 5.72
N ARG A 53 -4.97 -1.46 6.85
CA ARG A 53 -3.71 -1.45 7.65
C ARG A 53 -3.47 -2.83 8.27
N HIS A 54 -4.51 -3.49 8.69
CA HIS A 54 -4.34 -4.82 9.34
C HIS A 54 -3.67 -5.80 8.36
N ASN A 55 -4.05 -5.77 7.11
CA ASN A 55 -3.44 -6.73 6.14
C ASN A 55 -1.97 -6.37 5.89
N LEU A 56 -1.55 -5.17 6.21
CA LEU A 56 -0.13 -4.79 5.94
C LEU A 56 0.82 -5.59 6.84
N SER A 57 0.48 -5.82 8.07
CA SER A 57 1.41 -6.58 8.96
C SER A 57 1.47 -8.05 8.54
N LEU A 58 0.34 -8.67 8.34
CA LEU A 58 0.34 -10.11 7.95
C LEU A 58 1.03 -10.31 6.59
N ASN A 59 0.80 -9.42 5.66
CA ASN A 59 1.43 -9.59 4.32
C ASN A 59 2.90 -9.21 4.38
N GLU A 60 3.78 -10.17 4.21
CA GLU A 60 5.24 -9.89 4.25
C GLU A 60 5.73 -9.55 2.84
N CYS A 61 4.87 -9.67 1.86
CA CYS A 61 5.28 -9.38 0.46
C CYS A 61 5.68 -7.90 0.32
N PHE A 62 5.03 -7.03 1.04
CA PHE A 62 5.37 -5.58 0.93
C PHE A 62 6.63 -5.30 1.75
N VAL A 63 7.38 -4.29 1.37
CA VAL A 63 8.63 -3.94 2.10
C VAL A 63 8.47 -2.57 2.78
N LYS A 64 8.79 -2.49 4.04
CA LYS A 64 8.65 -1.20 4.76
C LYS A 64 9.86 -0.30 4.49
N VAL A 65 9.68 1.00 4.51
CA VAL A 65 10.80 1.94 4.26
C VAL A 65 10.68 3.13 5.24
N PRO A 66 11.71 3.48 5.97
CA PRO A 66 11.62 4.62 6.93
C PRO A 66 11.61 5.97 6.20
N ARG A 67 11.58 7.05 6.93
CA ARG A 67 11.56 8.40 6.29
C ARG A 67 12.89 9.11 6.56
N ASP A 68 13.21 10.11 5.78
CA ASP A 68 14.48 10.84 5.98
C ASP A 68 14.47 11.49 7.37
N ASP A 69 15.62 11.79 7.91
CA ASP A 69 15.68 12.40 9.26
C ASP A 69 14.93 13.73 9.27
N LYS A 70 14.75 14.34 8.12
CA LYS A 70 14.04 15.64 8.08
C LYS A 70 12.63 15.47 8.63
N LYS A 71 11.97 14.38 8.28
CA LYS A 71 10.60 14.14 8.79
C LYS A 71 10.69 13.48 10.17
N PRO A 72 9.76 13.74 11.05
CA PRO A 72 9.79 13.14 12.42
C PRO A 72 9.44 11.66 12.41
N GLY A 73 9.21 11.12 11.25
CA GLY A 73 8.87 9.67 11.15
C GLY A 73 7.37 9.47 11.41
N LYS A 74 6.54 10.16 10.68
CA LYS A 74 5.07 10.01 10.87
C LYS A 74 4.70 8.55 10.61
N GLY A 75 5.29 7.99 9.61
CA GLY A 75 5.01 6.57 9.25
C GLY A 75 6.07 6.09 8.27
N SER A 76 6.06 4.83 7.89
CA SER A 76 7.08 4.31 6.94
C SER A 76 6.47 4.23 5.54
N TYR A 77 7.20 4.66 4.53
CA TYR A 77 6.64 4.57 3.15
C TYR A 77 6.58 3.09 2.75
N TRP A 78 5.75 2.76 1.79
CA TRP A 78 5.62 1.34 1.36
C TRP A 78 5.99 1.20 -0.12
N THR A 79 6.77 0.22 -0.45
CA THR A 79 7.17 0.00 -1.87
C THR A 79 7.49 -1.49 -2.07
N LEU A 80 7.69 -1.91 -3.30
CA LEU A 80 7.99 -3.35 -3.56
C LEU A 80 9.50 -3.55 -3.69
N ASP A 81 10.05 -4.39 -2.85
CA ASP A 81 11.52 -4.68 -2.90
C ASP A 81 11.71 -6.20 -2.72
N PRO A 82 11.56 -6.96 -3.78
CA PRO A 82 11.69 -8.46 -3.74
C PRO A 82 12.97 -8.94 -3.06
N ASP A 83 13.61 -9.93 -3.63
CA ASP A 83 14.86 -10.45 -3.01
C ASP A 83 15.99 -9.44 -3.23
N SER A 84 15.81 -8.26 -2.73
CA SER A 84 16.86 -7.21 -2.89
C SER A 84 18.15 -7.71 -2.24
N TYR A 85 18.03 -8.45 -1.18
CA TYR A 85 19.25 -8.96 -0.49
C TYR A 85 20.05 -9.84 -1.46
N ASN A 86 19.38 -10.64 -2.25
CA ASN A 86 20.10 -11.53 -3.20
C ASN A 86 20.41 -10.80 -4.51
N MET A 87 20.46 -9.49 -4.49
CA MET A 87 20.75 -8.74 -5.74
C MET A 87 22.23 -8.90 -6.09
N PHE A 88 22.55 -9.85 -6.94
CA PHE A 88 23.97 -10.06 -7.34
C PHE A 88 24.25 -9.17 -8.55
N GLU A 89 23.23 -8.70 -9.21
CA GLU A 89 23.42 -7.84 -10.40
C GLU A 89 23.75 -6.42 -9.94
N ASN A 90 24.33 -5.63 -10.80
CA ASN A 90 24.70 -4.23 -10.41
C ASN A 90 23.42 -3.41 -10.22
N GLY A 91 23.32 -2.70 -9.12
CA GLY A 91 22.10 -1.88 -8.87
C GLY A 91 22.08 -1.42 -7.41
N SER A 92 21.05 -1.77 -6.69
CA SER A 92 20.94 -1.36 -5.26
C SER A 92 21.93 -2.17 -4.42
N PHE A 93 22.49 -3.20 -4.98
CA PHE A 93 23.45 -4.05 -4.22
C PHE A 93 24.65 -3.22 -3.73
N LEU A 94 25.16 -2.33 -4.54
CA LEU A 94 26.33 -1.52 -4.09
C LEU A 94 25.87 -0.41 -3.14
N MET A 1 -25.60 3.10 -5.25
CA MET A 1 -25.86 2.18 -6.39
C MET A 1 -24.56 1.48 -6.78
N LEU A 2 -23.50 1.85 -6.15
CA LEU A 2 -22.18 1.23 -6.44
C LEU A 2 -22.07 -0.09 -5.68
N VAL A 3 -21.20 -0.97 -6.10
CA VAL A 3 -21.03 -2.28 -5.40
C VAL A 3 -19.54 -2.51 -5.13
N LYS A 4 -19.23 -3.36 -4.20
CA LYS A 4 -17.79 -3.61 -3.88
C LYS A 4 -17.07 -4.07 -5.17
N PRO A 5 -16.13 -3.29 -5.69
CA PRO A 5 -15.40 -3.67 -6.93
C PRO A 5 -14.93 -5.13 -6.89
N PRO A 6 -14.64 -5.73 -8.03
CA PRO A 6 -14.17 -7.14 -8.10
C PRO A 6 -12.68 -7.29 -7.77
N TYR A 7 -12.03 -6.23 -7.40
CA TYR A 7 -10.58 -6.32 -7.08
C TYR A 7 -10.38 -6.83 -5.65
N SER A 8 -9.38 -7.64 -5.44
CA SER A 8 -9.12 -8.17 -4.08
C SER A 8 -8.50 -7.06 -3.24
N TYR A 9 -8.56 -7.16 -1.93
CA TYR A 9 -7.97 -6.10 -1.09
C TYR A 9 -6.48 -5.98 -1.41
N ILE A 10 -5.83 -7.09 -1.61
CA ILE A 10 -4.37 -7.05 -1.92
C ILE A 10 -4.19 -6.37 -3.29
N ALA A 11 -5.05 -6.66 -4.23
CA ALA A 11 -4.93 -6.03 -5.57
C ALA A 11 -5.07 -4.51 -5.45
N LEU A 12 -6.04 -4.03 -4.71
CA LEU A 12 -6.19 -2.56 -4.57
C LEU A 12 -4.92 -2.00 -3.94
N ILE A 13 -4.40 -2.66 -2.94
CA ILE A 13 -3.16 -2.17 -2.29
C ILE A 13 -1.98 -2.34 -3.25
N THR A 14 -1.83 -3.51 -3.80
CA THR A 14 -0.70 -3.76 -4.75
C THR A 14 -0.82 -2.84 -5.96
N MET A 15 -2.01 -2.65 -6.44
CA MET A 15 -2.22 -1.77 -7.63
C MET A 15 -1.96 -0.31 -7.26
N ALA A 16 -2.35 0.09 -6.08
CA ALA A 16 -2.15 1.50 -5.66
C ALA A 16 -0.65 1.83 -5.66
N ILE A 17 0.17 0.94 -5.18
CA ILE A 17 1.64 1.21 -5.15
C ILE A 17 2.16 1.41 -6.58
N GLN A 18 1.82 0.50 -7.45
CA GLN A 18 2.28 0.62 -8.86
C GLN A 18 1.57 1.77 -9.55
N ASN A 19 0.31 1.95 -9.29
CA ASN A 19 -0.45 3.05 -9.93
C ASN A 19 -0.11 4.39 -9.26
N ALA A 20 0.58 4.36 -8.16
CA ALA A 20 0.93 5.64 -7.47
C ALA A 20 2.14 6.28 -8.18
N PRO A 21 2.14 7.58 -8.39
CA PRO A 21 3.30 8.27 -9.04
C PRO A 21 4.62 7.68 -8.55
N GLU A 22 4.92 7.86 -7.29
CA GLU A 22 6.17 7.29 -6.71
C GLU A 22 5.80 6.00 -5.98
N LYS A 23 6.59 4.97 -6.12
CA LYS A 23 6.25 3.70 -5.44
C LYS A 23 6.25 3.92 -3.93
N LYS A 24 7.04 4.85 -3.46
CA LYS A 24 7.07 5.12 -1.99
C LYS A 24 5.86 5.98 -1.62
N ILE A 25 4.82 5.36 -1.13
CA ILE A 25 3.58 6.10 -0.74
C ILE A 25 3.31 5.91 0.74
N THR A 26 2.72 6.87 1.38
CA THR A 26 2.44 6.75 2.85
C THR A 26 1.19 5.90 3.07
N LEU A 27 1.03 5.39 4.26
CA LEU A 27 -0.15 4.54 4.59
C LEU A 27 -1.42 5.37 4.37
N ASN A 28 -1.44 6.57 4.87
CA ASN A 28 -2.62 7.46 4.67
C ASN A 28 -2.84 7.68 3.18
N GLY A 29 -1.78 7.84 2.44
CA GLY A 29 -1.91 8.07 0.97
C GLY A 29 -2.62 6.91 0.30
N ILE A 30 -2.35 5.70 0.68
CA ILE A 30 -3.02 4.54 0.03
C ILE A 30 -4.54 4.65 0.21
N TYR A 31 -5.00 5.03 1.37
CA TYR A 31 -6.47 5.14 1.57
C TYR A 31 -7.06 6.18 0.61
N GLN A 32 -6.38 7.27 0.41
CA GLN A 32 -6.91 8.33 -0.51
C GLN A 32 -7.09 7.74 -1.91
N PHE A 33 -6.14 6.94 -2.35
CA PHE A 33 -6.24 6.33 -3.70
C PHE A 33 -7.50 5.47 -3.83
N ILE A 34 -7.74 4.60 -2.90
CA ILE A 34 -8.95 3.73 -2.98
C ILE A 34 -10.25 4.54 -2.98
N MET A 35 -10.39 5.44 -2.05
CA MET A 35 -11.66 6.24 -1.99
C MET A 35 -11.86 7.07 -3.25
N ASP A 36 -10.82 7.66 -3.80
CA ASP A 36 -10.99 8.51 -5.01
C ASP A 36 -11.49 7.69 -6.22
N ARG A 37 -10.84 6.60 -6.54
CA ARG A 37 -11.28 5.83 -7.74
C ARG A 37 -12.56 5.05 -7.44
N PHE A 38 -12.83 4.73 -6.20
CA PHE A 38 -14.07 3.95 -5.86
C PHE A 38 -14.82 4.66 -4.73
N PRO A 39 -15.53 5.71 -5.05
CA PRO A 39 -16.32 6.49 -4.04
C PRO A 39 -17.21 5.56 -3.20
N PHE A 40 -17.26 4.31 -3.55
CA PHE A 40 -18.08 3.35 -2.79
C PHE A 40 -17.60 3.29 -1.34
N TYR A 41 -16.31 3.32 -1.14
CA TYR A 41 -15.75 3.26 0.24
C TYR A 41 -16.06 4.56 0.99
N ARG A 42 -16.26 5.64 0.29
CA ARG A 42 -16.57 6.92 0.99
C ARG A 42 -17.84 6.74 1.82
N GLU A 43 -18.80 6.02 1.30
CA GLU A 43 -20.06 5.80 2.05
C GLU A 43 -19.89 4.60 2.99
N ASN A 44 -18.69 4.11 3.12
CA ASN A 44 -18.44 2.94 4.01
C ASN A 44 -17.14 3.17 4.79
N LYS A 45 -17.21 3.18 6.09
CA LYS A 45 -15.99 3.38 6.93
C LYS A 45 -15.81 2.15 7.84
N GLN A 46 -16.52 1.11 7.55
CA GLN A 46 -16.44 -0.13 8.39
C GLN A 46 -15.01 -0.69 8.42
N GLY A 47 -14.87 -1.87 8.94
CA GLY A 47 -13.54 -2.53 9.06
C GLY A 47 -12.71 -2.43 7.77
N TRP A 48 -13.30 -2.03 6.68
CA TRP A 48 -12.47 -1.95 5.43
C TRP A 48 -11.32 -0.97 5.68
N GLN A 49 -11.59 0.09 6.39
CA GLN A 49 -10.53 1.10 6.66
C GLN A 49 -9.38 0.45 7.44
N ASN A 50 -9.70 -0.26 8.50
CA ASN A 50 -8.63 -0.89 9.32
C ASN A 50 -8.07 -2.16 8.64
N SER A 51 -8.90 -2.87 7.93
CA SER A 51 -8.44 -4.12 7.27
C SER A 51 -7.31 -3.85 6.27
N ILE A 52 -7.38 -2.76 5.55
CA ILE A 52 -6.33 -2.47 4.54
C ILE A 52 -4.94 -2.36 5.17
N ARG A 53 -4.79 -1.57 6.20
CA ARG A 53 -3.44 -1.43 6.82
C ARG A 53 -3.15 -2.62 7.75
N HIS A 54 -4.17 -3.20 8.33
CA HIS A 54 -3.93 -4.36 9.23
C HIS A 54 -3.26 -5.49 8.43
N ASN A 55 -3.70 -5.71 7.23
CA ASN A 55 -3.08 -6.79 6.40
C ASN A 55 -1.63 -6.41 6.08
N LEU A 56 -1.38 -5.16 5.79
CA LEU A 56 0.01 -4.74 5.47
C LEU A 56 0.94 -5.03 6.65
N SER A 57 0.55 -4.70 7.85
CA SER A 57 1.44 -4.96 9.01
C SER A 57 1.68 -6.46 9.19
N LEU A 58 0.65 -7.25 9.11
CA LEU A 58 0.84 -8.73 9.25
C LEU A 58 1.59 -9.28 8.04
N ASN A 59 1.27 -8.82 6.87
CA ASN A 59 1.96 -9.34 5.66
C ASN A 59 3.39 -8.80 5.62
N GLU A 60 4.35 -9.68 5.68
CA GLU A 60 5.77 -9.24 5.66
C GLU A 60 6.26 -9.19 4.21
N CYS A 61 5.43 -9.57 3.27
CA CYS A 61 5.84 -9.54 1.84
C CYS A 61 6.20 -8.11 1.44
N PHE A 62 5.43 -7.16 1.91
CA PHE A 62 5.72 -5.73 1.55
C PHE A 62 6.84 -5.20 2.43
N VAL A 63 7.60 -4.24 1.94
CA VAL A 63 8.72 -3.67 2.74
C VAL A 63 8.42 -2.20 3.04
N LYS A 64 8.37 -1.84 4.29
CA LYS A 64 8.10 -0.42 4.65
C LYS A 64 9.42 0.35 4.64
N VAL A 65 9.47 1.44 3.92
CA VAL A 65 10.72 2.24 3.84
C VAL A 65 10.65 3.41 4.84
N PRO A 66 11.43 3.41 5.90
CA PRO A 66 11.39 4.52 6.89
C PRO A 66 12.16 5.75 6.41
N ARG A 67 11.60 6.92 6.59
CA ARG A 67 12.31 8.15 6.14
C ARG A 67 13.41 8.48 7.15
N ASP A 68 14.36 9.25 6.75
CA ASP A 68 15.47 9.61 7.68
C ASP A 68 14.90 10.40 8.86
N ASP A 69 15.60 10.39 9.97
CA ASP A 69 15.10 11.13 11.17
C ASP A 69 14.96 12.62 10.82
N LYS A 70 15.82 13.12 9.97
CA LYS A 70 15.73 14.56 9.59
C LYS A 70 14.36 14.83 8.96
N LYS A 71 13.81 13.87 8.25
CA LYS A 71 12.48 14.09 7.61
C LYS A 71 11.38 13.99 8.68
N PRO A 72 10.53 14.98 8.81
CA PRO A 72 9.42 14.94 9.81
C PRO A 72 8.20 14.18 9.28
N GLY A 73 8.39 13.50 8.19
CA GLY A 73 7.27 12.74 7.56
C GLY A 73 6.45 11.99 8.63
N LYS A 74 5.31 11.47 8.23
CA LYS A 74 4.46 10.72 9.20
C LYS A 74 4.94 9.28 9.32
N GLY A 75 4.22 8.37 8.73
CA GLY A 75 4.60 6.93 8.81
C GLY A 75 5.64 6.60 7.74
N SER A 76 6.06 5.37 7.68
CA SER A 76 7.09 4.97 6.67
C SER A 76 6.41 4.76 5.31
N TYR A 77 7.17 4.79 4.24
CA TYR A 77 6.57 4.60 2.89
C TYR A 77 6.55 3.10 2.54
N TRP A 78 5.64 2.70 1.70
CA TRP A 78 5.55 1.26 1.31
C TRP A 78 5.94 1.09 -0.16
N THR A 79 6.72 0.07 -0.45
CA THR A 79 7.15 -0.17 -1.86
C THR A 79 7.23 -1.68 -2.10
N LEU A 80 7.20 -2.09 -3.34
CA LEU A 80 7.28 -3.54 -3.65
C LEU A 80 8.75 -4.00 -3.57
N ASP A 81 8.98 -5.28 -3.49
CA ASP A 81 10.38 -5.77 -3.39
C ASP A 81 11.16 -5.30 -4.63
N PRO A 82 12.48 -5.25 -4.58
CA PRO A 82 13.30 -4.81 -5.75
C PRO A 82 13.00 -5.64 -7.01
N ASP A 83 14.01 -5.94 -7.78
CA ASP A 83 13.79 -6.74 -9.01
C ASP A 83 13.75 -8.22 -8.63
N SER A 84 13.03 -8.55 -7.59
CA SER A 84 12.93 -9.97 -7.15
C SER A 84 12.44 -10.82 -8.33
N TYR A 85 11.74 -10.22 -9.24
CA TYR A 85 11.24 -10.97 -10.43
C TYR A 85 12.42 -11.57 -11.18
N ASN A 86 13.50 -10.85 -11.29
CA ASN A 86 14.67 -11.40 -12.03
C ASN A 86 15.26 -12.55 -11.21
N MET A 87 14.95 -12.58 -9.95
CA MET A 87 15.46 -13.66 -9.07
C MET A 87 14.46 -14.82 -9.07
N PHE A 88 14.81 -15.92 -9.69
CA PHE A 88 13.86 -17.07 -9.70
C PHE A 88 13.76 -17.64 -8.29
N GLU A 89 14.87 -17.73 -7.61
CA GLU A 89 14.88 -18.24 -6.21
C GLU A 89 15.91 -17.44 -5.41
N ASN A 90 15.76 -17.35 -4.12
CA ASN A 90 16.76 -16.57 -3.32
C ASN A 90 18.14 -17.21 -3.50
N GLY A 91 19.16 -16.40 -3.59
CA GLY A 91 20.54 -16.95 -3.78
C GLY A 91 20.84 -17.06 -5.28
N SER A 92 19.84 -16.81 -6.09
CA SER A 92 20.05 -16.90 -7.57
C SER A 92 21.10 -15.86 -7.99
N PHE A 93 21.09 -14.70 -7.38
CA PHE A 93 22.08 -13.65 -7.73
C PHE A 93 23.49 -14.27 -7.80
N LEU A 94 23.64 -15.45 -7.30
CA LEU A 94 24.96 -16.13 -7.31
C LEU A 94 25.45 -16.30 -8.76
N MET A 1 -27.51 -0.07 -4.06
CA MET A 1 -26.44 0.98 -4.02
C MET A 1 -25.33 0.57 -4.98
N LEU A 2 -24.15 1.12 -4.80
CA LEU A 2 -23.02 0.77 -5.70
C LEU A 2 -22.48 -0.61 -5.32
N VAL A 3 -21.80 -1.27 -6.24
CA VAL A 3 -21.26 -2.63 -5.94
C VAL A 3 -19.73 -2.57 -5.81
N LYS A 4 -19.18 -3.36 -4.94
CA LYS A 4 -17.70 -3.35 -4.76
C LYS A 4 -17.03 -3.95 -6.00
N PRO A 5 -15.84 -3.52 -6.35
CA PRO A 5 -15.12 -4.05 -7.56
C PRO A 5 -14.53 -5.45 -7.31
N PRO A 6 -14.24 -6.18 -8.36
CA PRO A 6 -13.67 -7.56 -8.26
C PRO A 6 -12.20 -7.57 -7.83
N TYR A 7 -11.76 -6.60 -7.07
CA TYR A 7 -10.33 -6.58 -6.61
C TYR A 7 -10.30 -6.87 -5.11
N SER A 8 -9.41 -7.73 -4.68
CA SER A 8 -9.32 -8.05 -3.24
C SER A 8 -8.53 -6.95 -2.53
N TYR A 9 -8.43 -7.01 -1.24
CA TYR A 9 -7.68 -5.97 -0.49
C TYR A 9 -6.22 -5.94 -0.96
N ILE A 10 -5.66 -7.08 -1.27
CA ILE A 10 -4.24 -7.12 -1.70
C ILE A 10 -4.09 -6.46 -3.08
N ALA A 11 -5.01 -6.68 -3.97
CA ALA A 11 -4.91 -6.09 -5.34
C ALA A 11 -5.11 -4.57 -5.29
N LEU A 12 -6.02 -4.10 -4.50
CA LEU A 12 -6.25 -2.63 -4.43
C LEU A 12 -4.96 -1.96 -3.97
N ILE A 13 -4.28 -2.56 -3.02
CA ILE A 13 -3.00 -1.98 -2.52
C ILE A 13 -1.95 -2.06 -3.63
N THR A 14 -1.93 -3.14 -4.36
CA THR A 14 -0.92 -3.30 -5.45
C THR A 14 -1.17 -2.28 -6.56
N MET A 15 -2.39 -2.03 -6.90
CA MET A 15 -2.69 -1.06 -7.99
C MET A 15 -2.37 0.35 -7.52
N ALA A 16 -2.68 0.66 -6.30
CA ALA A 16 -2.39 2.03 -5.78
C ALA A 16 -0.90 2.32 -5.90
N ILE A 17 -0.07 1.41 -5.48
CA ILE A 17 1.41 1.64 -5.59
C ILE A 17 1.77 1.82 -7.05
N GLN A 18 1.32 0.93 -7.90
CA GLN A 18 1.63 1.03 -9.35
C GLN A 18 1.07 2.34 -9.92
N ASN A 19 -0.10 2.71 -9.49
CA ASN A 19 -0.72 3.98 -10.01
C ASN A 19 0.06 5.18 -9.48
N ALA A 20 0.83 4.99 -8.44
CA ALA A 20 1.59 6.13 -7.87
C ALA A 20 2.84 6.40 -8.72
N PRO A 21 3.27 7.63 -8.80
CA PRO A 21 4.49 7.98 -9.59
C PRO A 21 5.73 7.37 -8.92
N GLU A 22 5.88 7.62 -7.65
CA GLU A 22 7.02 7.04 -6.89
C GLU A 22 6.50 5.81 -6.15
N LYS A 23 7.26 4.75 -6.10
CA LYS A 23 6.77 3.53 -5.41
C LYS A 23 6.65 3.80 -3.90
N LYS A 24 7.43 4.69 -3.38
CA LYS A 24 7.35 4.97 -1.91
C LYS A 24 6.14 5.86 -1.65
N ILE A 25 5.18 5.36 -0.91
CA ILE A 25 3.95 6.15 -0.61
C ILE A 25 3.58 5.95 0.86
N THR A 26 2.90 6.90 1.43
CA THR A 26 2.50 6.78 2.87
C THR A 26 1.27 5.89 2.99
N LEU A 27 1.11 5.24 4.12
CA LEU A 27 -0.08 4.36 4.31
C LEU A 27 -1.36 5.18 4.16
N ASN A 28 -1.40 6.35 4.75
CA ASN A 28 -2.62 7.21 4.64
C ASN A 28 -2.89 7.56 3.17
N GLY A 29 -1.87 7.83 2.41
CA GLY A 29 -2.08 8.20 0.98
C GLY A 29 -2.77 7.07 0.21
N ILE A 30 -2.41 5.85 0.46
CA ILE A 30 -3.04 4.71 -0.28
C ILE A 30 -4.55 4.71 -0.02
N TYR A 31 -4.97 4.92 1.20
CA TYR A 31 -6.43 4.90 1.50
C TYR A 31 -7.15 5.96 0.68
N GLN A 32 -6.57 7.13 0.57
CA GLN A 32 -7.24 8.22 -0.18
C GLN A 32 -7.44 7.79 -1.64
N PHE A 33 -6.47 7.13 -2.21
CA PHE A 33 -6.61 6.69 -3.64
C PHE A 33 -7.80 5.75 -3.79
N ILE A 34 -7.94 4.80 -2.90
CA ILE A 34 -9.08 3.82 -3.00
C ILE A 34 -10.42 4.55 -2.96
N MET A 35 -10.63 5.40 -2.01
CA MET A 35 -11.93 6.12 -1.93
C MET A 35 -12.09 6.99 -3.18
N ASP A 36 -11.03 7.62 -3.62
CA ASP A 36 -11.15 8.48 -4.84
C ASP A 36 -11.36 7.61 -6.07
N ARG A 37 -10.69 6.49 -6.16
CA ARG A 37 -10.87 5.61 -7.35
C ARG A 37 -12.24 4.93 -7.28
N PHE A 38 -12.56 4.32 -6.15
CA PHE A 38 -13.87 3.64 -6.00
C PHE A 38 -14.70 4.37 -4.92
N PRO A 39 -15.81 5.00 -5.25
CA PRO A 39 -16.63 5.74 -4.25
C PRO A 39 -17.49 4.78 -3.41
N PHE A 40 -17.44 3.53 -3.71
CA PHE A 40 -18.23 2.53 -2.93
C PHE A 40 -17.78 2.59 -1.47
N TYR A 41 -16.50 2.72 -1.26
CA TYR A 41 -15.96 2.76 0.13
C TYR A 41 -16.36 4.06 0.84
N ARG A 42 -16.70 5.09 0.12
CA ARG A 42 -17.09 6.36 0.81
C ARG A 42 -18.30 6.09 1.71
N GLU A 43 -19.24 5.31 1.24
CA GLU A 43 -20.44 5.01 2.07
C GLU A 43 -20.01 4.31 3.35
N ASN A 44 -19.12 3.37 3.23
CA ASN A 44 -18.61 2.62 4.41
C ASN A 44 -17.16 3.03 4.68
N LYS A 45 -16.93 3.75 5.75
CA LYS A 45 -15.54 4.21 6.07
C LYS A 45 -14.94 3.35 7.18
N GLN A 46 -15.74 2.97 8.15
CA GLN A 46 -15.20 2.15 9.27
C GLN A 46 -15.29 0.66 8.95
N GLY A 47 -14.27 -0.09 9.29
CA GLY A 47 -14.26 -1.56 9.02
C GLY A 47 -13.26 -1.88 7.92
N TRP A 48 -13.51 -1.44 6.72
CA TRP A 48 -12.57 -1.74 5.60
C TRP A 48 -11.27 -0.94 5.76
N GLN A 49 -11.36 0.27 6.21
CA GLN A 49 -10.13 1.12 6.35
C GLN A 49 -9.13 0.48 7.31
N ASN A 50 -9.55 0.08 8.48
CA ASN A 50 -8.59 -0.53 9.45
C ASN A 50 -8.22 -1.96 9.03
N SER A 51 -9.08 -2.61 8.30
CA SER A 51 -8.79 -4.02 7.88
C SER A 51 -7.49 -4.06 7.05
N ILE A 52 -7.31 -3.12 6.18
CA ILE A 52 -6.08 -3.12 5.34
C ILE A 52 -4.83 -2.91 6.21
N ARG A 53 -4.87 -2.04 7.18
CA ARG A 53 -3.66 -1.83 8.03
C ARG A 53 -3.31 -3.15 8.71
N HIS A 54 -4.30 -3.84 9.23
CA HIS A 54 -4.04 -5.15 9.90
C HIS A 54 -3.41 -6.10 8.88
N ASN A 55 -3.87 -6.07 7.67
CA ASN A 55 -3.32 -6.97 6.62
C ASN A 55 -1.89 -6.56 6.27
N LEU A 56 -1.63 -5.28 6.19
CA LEU A 56 -0.26 -4.82 5.84
C LEU A 56 0.74 -5.31 6.88
N SER A 57 0.38 -5.28 8.14
CA SER A 57 1.32 -5.74 9.21
C SER A 57 1.60 -7.23 9.06
N LEU A 58 0.58 -8.03 8.93
CA LEU A 58 0.80 -9.50 8.80
C LEU A 58 1.44 -9.82 7.44
N ASN A 59 1.13 -9.05 6.43
CA ASN A 59 1.71 -9.32 5.08
C ASN A 59 3.17 -8.88 5.06
N GLU A 60 4.08 -9.82 4.96
CA GLU A 60 5.53 -9.47 4.93
C GLU A 60 5.97 -9.27 3.48
N CYS A 61 5.09 -9.42 2.54
CA CYS A 61 5.47 -9.25 1.10
C CYS A 61 5.77 -7.77 0.83
N PHE A 62 5.24 -6.89 1.64
CA PHE A 62 5.48 -5.42 1.43
C PHE A 62 6.78 -5.01 2.12
N VAL A 63 7.42 -3.97 1.64
CA VAL A 63 8.70 -3.50 2.26
C VAL A 63 8.49 -2.10 2.86
N LYS A 64 8.79 -1.94 4.12
CA LYS A 64 8.62 -0.60 4.75
C LYS A 64 9.83 0.27 4.39
N VAL A 65 9.70 1.57 4.48
CA VAL A 65 10.85 2.46 4.15
C VAL A 65 10.92 3.61 5.15
N PRO A 66 11.42 3.35 6.33
CA PRO A 66 11.56 4.38 7.40
C PRO A 66 12.19 5.68 6.88
N ARG A 67 11.52 6.79 7.05
CA ARG A 67 12.08 8.08 6.57
C ARG A 67 13.12 8.57 7.57
N ASP A 68 13.46 9.83 7.54
CA ASP A 68 14.48 10.36 8.48
C ASP A 68 14.00 10.19 9.93
N ASP A 69 14.91 9.87 10.82
CA ASP A 69 14.52 9.71 12.25
C ASP A 69 14.18 11.09 12.83
N LYS A 70 14.67 12.13 12.21
CA LYS A 70 14.39 13.50 12.72
C LYS A 70 12.89 13.76 12.72
N LYS A 71 12.19 13.31 11.71
CA LYS A 71 10.71 13.54 11.63
C LYS A 71 10.02 12.23 11.24
N PRO A 72 9.79 11.36 12.18
CA PRO A 72 9.11 10.05 11.93
C PRO A 72 7.58 10.18 11.99
N GLY A 73 7.10 11.38 11.96
CA GLY A 73 5.63 11.61 12.03
C GLY A 73 4.92 10.95 10.84
N LYS A 74 5.50 11.02 9.68
CA LYS A 74 4.84 10.41 8.49
C LYS A 74 5.05 8.89 8.52
N GLY A 75 5.55 8.39 9.61
CA GLY A 75 5.78 6.92 9.72
C GLY A 75 6.76 6.45 8.65
N SER A 76 6.43 5.40 7.94
CA SER A 76 7.34 4.87 6.88
C SER A 76 6.56 4.68 5.58
N TYR A 77 7.19 4.89 4.45
CA TYR A 77 6.48 4.71 3.15
C TYR A 77 6.42 3.21 2.85
N TRP A 78 5.53 2.80 1.99
CA TRP A 78 5.39 1.35 1.64
C TRP A 78 5.72 1.13 0.17
N THR A 79 6.46 0.10 -0.13
CA THR A 79 6.84 -0.18 -1.56
C THR A 79 7.09 -1.68 -1.75
N LEU A 80 7.05 -2.16 -2.97
CA LEU A 80 7.28 -3.61 -3.22
C LEU A 80 8.77 -3.87 -3.43
N ASP A 81 9.31 -4.85 -2.73
CA ASP A 81 10.75 -5.19 -2.89
C ASP A 81 11.06 -6.44 -2.08
N PRO A 82 12.10 -7.18 -2.42
CA PRO A 82 12.48 -8.39 -1.66
C PRO A 82 13.37 -8.05 -0.46
N ASP A 83 14.06 -9.00 0.09
CA ASP A 83 14.95 -8.70 1.26
C ASP A 83 16.33 -8.27 0.73
N SER A 84 16.35 -7.29 -0.13
CA SER A 84 17.65 -6.82 -0.71
C SER A 84 18.58 -6.34 0.41
N TYR A 85 18.06 -5.64 1.38
CA TYR A 85 18.92 -5.13 2.48
C TYR A 85 19.60 -6.28 3.24
N ASN A 86 18.89 -7.35 3.46
CA ASN A 86 19.47 -8.49 4.22
C ASN A 86 20.44 -9.28 3.34
N MET A 87 20.39 -9.07 2.06
CA MET A 87 21.30 -9.82 1.15
C MET A 87 22.67 -9.14 1.10
N PHE A 88 23.70 -9.85 1.52
CA PHE A 88 25.08 -9.28 1.50
C PHE A 88 25.93 -10.07 0.50
N GLU A 89 25.31 -10.89 -0.30
CA GLU A 89 26.05 -11.70 -1.31
C GLU A 89 25.64 -11.26 -2.72
N ASN A 90 26.18 -11.91 -3.72
CA ASN A 90 25.85 -11.54 -5.13
C ASN A 90 24.36 -11.72 -5.38
N GLY A 91 23.65 -12.21 -4.42
CA GLY A 91 22.18 -12.41 -4.58
C GLY A 91 21.92 -13.85 -5.05
N SER A 92 22.09 -14.80 -4.18
CA SER A 92 21.87 -16.22 -4.57
C SER A 92 20.38 -16.55 -4.50
N PHE A 93 19.65 -16.26 -5.55
CA PHE A 93 18.19 -16.55 -5.56
C PHE A 93 17.98 -18.06 -5.37
N LEU A 94 18.78 -18.87 -6.01
CA LEU A 94 18.63 -20.34 -5.86
C LEU A 94 18.82 -20.70 -4.39
N MET A 1 -26.91 1.72 -7.98
CA MET A 1 -26.34 0.90 -6.86
C MET A 1 -24.87 0.58 -7.15
N LEU A 2 -24.10 0.38 -6.13
CA LEU A 2 -22.64 0.06 -6.30
C LEU A 2 -22.29 -1.16 -5.47
N VAL A 3 -21.28 -1.90 -5.88
CA VAL A 3 -20.86 -3.12 -5.13
C VAL A 3 -19.35 -3.07 -4.88
N LYS A 4 -18.88 -3.82 -3.92
CA LYS A 4 -17.42 -3.83 -3.63
C LYS A 4 -16.66 -4.27 -4.89
N PRO A 5 -15.80 -3.45 -5.45
CA PRO A 5 -15.03 -3.84 -6.68
C PRO A 5 -14.48 -5.27 -6.55
N PRO A 6 -14.83 -6.17 -7.45
CA PRO A 6 -14.34 -7.58 -7.40
C PRO A 6 -12.85 -7.70 -7.05
N TYR A 7 -12.11 -6.63 -7.06
CA TYR A 7 -10.66 -6.73 -6.72
C TYR A 7 -10.49 -7.08 -5.25
N SER A 8 -9.53 -7.90 -4.93
CA SER A 8 -9.30 -8.27 -3.50
C SER A 8 -8.65 -7.10 -2.77
N TYR A 9 -8.69 -7.12 -1.46
CA TYR A 9 -8.07 -6.01 -0.68
C TYR A 9 -6.58 -5.92 -1.01
N ILE A 10 -5.91 -7.04 -1.14
CA ILE A 10 -4.46 -7.00 -1.46
C ILE A 10 -4.27 -6.45 -2.87
N ALA A 11 -5.11 -6.84 -3.78
CA ALA A 11 -4.99 -6.33 -5.19
C ALA A 11 -5.14 -4.81 -5.22
N LEU A 12 -6.12 -4.29 -4.55
CA LEU A 12 -6.32 -2.81 -4.56
C LEU A 12 -5.08 -2.13 -3.96
N ILE A 13 -4.52 -2.70 -2.92
CA ILE A 13 -3.30 -2.08 -2.32
C ILE A 13 -2.13 -2.27 -3.30
N THR A 14 -2.06 -3.41 -3.92
CA THR A 14 -0.96 -3.66 -4.89
C THR A 14 -1.04 -2.64 -6.04
N MET A 15 -2.23 -2.35 -6.48
CA MET A 15 -2.40 -1.38 -7.60
C MET A 15 -2.03 0.03 -7.14
N ALA A 16 -2.38 0.38 -5.94
CA ALA A 16 -2.06 1.74 -5.44
C ALA A 16 -0.55 1.99 -5.48
N ILE A 17 0.22 1.04 -5.01
CA ILE A 17 1.69 1.21 -5.02
C ILE A 17 2.18 1.37 -6.46
N GLN A 18 1.76 0.49 -7.32
CA GLN A 18 2.20 0.57 -8.75
C GLN A 18 1.61 1.82 -9.43
N ASN A 19 0.38 2.13 -9.13
CA ASN A 19 -0.26 3.32 -9.78
C ASN A 19 0.37 4.61 -9.24
N ALA A 20 1.08 4.54 -8.14
CA ALA A 20 1.69 5.78 -7.58
C ALA A 20 2.95 6.12 -8.38
N PRO A 21 3.27 7.39 -8.55
CA PRO A 21 4.50 7.79 -9.29
C PRO A 21 5.74 7.33 -8.55
N GLU A 22 5.76 7.52 -7.25
CA GLU A 22 6.91 7.06 -6.42
C GLU A 22 6.45 5.84 -5.64
N LYS A 23 7.18 4.75 -5.73
CA LYS A 23 6.75 3.53 -5.00
C LYS A 23 6.67 3.85 -3.51
N LYS A 24 7.39 4.84 -3.07
CA LYS A 24 7.35 5.22 -1.63
C LYS A 24 6.10 6.06 -1.39
N ILE A 25 4.98 5.42 -1.17
CA ILE A 25 3.70 6.16 -0.93
C ILE A 25 3.32 6.06 0.54
N THR A 26 2.70 7.06 1.08
CA THR A 26 2.33 7.04 2.52
C THR A 26 1.08 6.19 2.74
N LEU A 27 0.94 5.67 3.92
CA LEU A 27 -0.22 4.80 4.27
C LEU A 27 -1.52 5.59 4.09
N ASN A 28 -1.58 6.79 4.61
CA ASN A 28 -2.81 7.62 4.47
C ASN A 28 -3.12 7.86 2.99
N GLY A 29 -2.12 8.12 2.20
CA GLY A 29 -2.35 8.40 0.75
C GLY A 29 -3.04 7.22 0.06
N ILE A 30 -2.67 6.01 0.38
CA ILE A 30 -3.31 4.84 -0.29
C ILE A 30 -4.82 4.86 0.01
N TYR A 31 -5.21 5.20 1.21
CA TYR A 31 -6.66 5.23 1.53
C TYR A 31 -7.37 6.24 0.61
N GLN A 32 -6.74 7.36 0.36
CA GLN A 32 -7.37 8.39 -0.52
C GLN A 32 -7.59 7.81 -1.93
N PHE A 33 -6.64 7.05 -2.40
CA PHE A 33 -6.73 6.47 -3.77
C PHE A 33 -7.97 5.56 -3.90
N ILE A 34 -8.24 4.74 -2.93
CA ILE A 34 -9.42 3.83 -3.04
C ILE A 34 -10.74 4.59 -2.95
N MET A 35 -10.82 5.56 -2.07
CA MET A 35 -12.11 6.31 -1.95
C MET A 35 -12.35 7.17 -3.20
N ASP A 36 -11.32 7.78 -3.73
CA ASP A 36 -11.51 8.63 -4.95
C ASP A 36 -11.78 7.72 -6.16
N ARG A 37 -11.00 6.70 -6.33
CA ARG A 37 -11.20 5.78 -7.49
C ARG A 37 -12.49 4.97 -7.32
N PHE A 38 -12.82 4.61 -6.11
CA PHE A 38 -14.06 3.81 -5.88
C PHE A 38 -14.92 4.47 -4.77
N PRO A 39 -15.65 5.49 -5.12
CA PRO A 39 -16.53 6.22 -4.16
C PRO A 39 -17.43 5.26 -3.36
N PHE A 40 -17.39 4.00 -3.72
CA PHE A 40 -18.22 2.99 -3.01
C PHE A 40 -17.83 2.95 -1.53
N TYR A 41 -16.57 3.06 -1.25
CA TYR A 41 -16.09 3.02 0.16
C TYR A 41 -16.51 4.28 0.94
N ARG A 42 -16.75 5.36 0.25
CA ARG A 42 -17.17 6.61 0.97
C ARG A 42 -18.45 6.35 1.75
N GLU A 43 -19.39 5.63 1.19
CA GLU A 43 -20.66 5.36 1.91
C GLU A 43 -20.40 4.48 3.13
N ASN A 44 -19.28 3.81 3.15
CA ASN A 44 -18.93 2.93 4.31
C ASN A 44 -17.48 3.20 4.72
N LYS A 45 -17.27 4.01 5.71
CA LYS A 45 -15.87 4.33 6.15
C LYS A 45 -15.39 3.32 7.19
N GLN A 46 -16.21 3.02 8.16
CA GLN A 46 -15.78 2.06 9.23
C GLN A 46 -15.91 0.62 8.71
N GLY A 47 -15.00 -0.24 9.11
CA GLY A 47 -15.06 -1.67 8.67
C GLY A 47 -13.93 -1.99 7.69
N TRP A 48 -13.85 -1.28 6.59
CA TRP A 48 -12.78 -1.56 5.60
C TRP A 48 -11.54 -0.71 5.93
N GLN A 49 -11.68 0.25 6.79
CA GLN A 49 -10.52 1.13 7.12
C GLN A 49 -9.36 0.31 7.72
N ASN A 50 -9.62 -0.50 8.70
CA ASN A 50 -8.53 -1.29 9.35
C ASN A 50 -8.09 -2.47 8.48
N SER A 51 -8.99 -3.10 7.78
CA SER A 51 -8.61 -4.28 6.95
C SER A 51 -7.55 -3.90 5.92
N ILE A 52 -7.46 -2.64 5.57
CA ILE A 52 -6.44 -2.23 4.56
C ILE A 52 -5.04 -2.20 5.17
N ARG A 53 -4.79 -1.29 6.07
CA ARG A 53 -3.43 -1.19 6.67
C ARG A 53 -3.15 -2.40 7.56
N HIS A 54 -4.16 -3.02 8.11
CA HIS A 54 -3.90 -4.20 8.98
C HIS A 54 -3.19 -5.28 8.13
N ASN A 55 -3.64 -5.46 6.92
CA ASN A 55 -3.01 -6.47 6.03
C ASN A 55 -1.56 -6.09 5.77
N LEU A 56 -1.28 -4.83 5.58
CA LEU A 56 0.13 -4.40 5.33
C LEU A 56 0.97 -4.67 6.58
N SER A 57 1.03 -5.91 7.00
CA SER A 57 1.83 -6.25 8.20
C SER A 57 2.16 -7.74 8.20
N LEU A 58 1.17 -8.58 8.11
CA LEU A 58 1.44 -10.05 8.10
C LEU A 58 2.22 -10.43 6.85
N ASN A 59 1.88 -9.86 5.73
CA ASN A 59 2.61 -10.20 4.48
C ASN A 59 4.03 -9.63 4.57
N GLU A 60 5.01 -10.46 4.34
CA GLU A 60 6.42 -10.00 4.41
C GLU A 60 6.86 -9.49 3.05
N CYS A 61 6.00 -9.56 2.07
CA CYS A 61 6.36 -9.08 0.70
C CYS A 61 6.59 -7.56 0.75
N PHE A 62 5.78 -6.86 1.50
CA PHE A 62 5.94 -5.38 1.59
C PHE A 62 7.00 -5.05 2.65
N VAL A 63 7.91 -4.16 2.35
CA VAL A 63 8.96 -3.79 3.35
C VAL A 63 8.78 -2.32 3.74
N LYS A 64 8.75 -2.04 5.00
CA LYS A 64 8.57 -0.63 5.46
C LYS A 64 9.82 0.17 5.06
N VAL A 65 9.65 1.38 4.61
CA VAL A 65 10.82 2.24 4.21
C VAL A 65 10.87 3.46 5.15
N PRO A 66 11.96 3.70 5.84
CA PRO A 66 12.04 4.86 6.77
C PRO A 66 12.10 6.20 6.01
N ARG A 67 12.40 7.28 6.70
CA ARG A 67 12.46 8.61 6.03
C ARG A 67 13.78 9.29 6.36
N ASP A 68 14.29 10.11 5.48
CA ASP A 68 15.57 10.82 5.76
C ASP A 68 15.28 12.11 6.54
N ASP A 69 16.30 12.73 7.05
CA ASP A 69 16.11 13.99 7.82
C ASP A 69 15.74 15.13 6.87
N LYS A 70 16.09 15.02 5.62
CA LYS A 70 15.77 16.11 4.65
C LYS A 70 14.26 16.34 4.59
N LYS A 71 13.48 15.28 4.48
CA LYS A 71 12.01 15.43 4.40
C LYS A 71 11.35 14.35 5.28
N PRO A 72 10.69 14.71 6.36
CA PRO A 72 10.03 13.72 7.26
C PRO A 72 8.62 13.37 6.78
N GLY A 73 7.99 12.41 7.41
CA GLY A 73 6.61 12.04 7.00
C GLY A 73 5.93 11.28 8.14
N LYS A 74 4.81 10.64 7.87
CA LYS A 74 4.10 9.89 8.94
C LYS A 74 4.41 8.39 8.85
N GLY A 75 4.89 7.82 9.91
CA GLY A 75 5.21 6.36 9.92
C GLY A 75 6.34 6.06 8.92
N SER A 76 6.11 5.16 8.01
CA SER A 76 7.15 4.80 7.01
C SER A 76 6.50 4.61 5.64
N TYR A 77 7.20 4.89 4.57
CA TYR A 77 6.58 4.70 3.23
C TYR A 77 6.57 3.21 2.90
N TRP A 78 5.75 2.82 1.95
CA TRP A 78 5.65 1.37 1.60
C TRP A 78 6.06 1.15 0.14
N THR A 79 6.76 0.08 -0.11
CA THR A 79 7.20 -0.24 -1.50
C THR A 79 7.25 -1.76 -1.65
N LEU A 80 7.14 -2.27 -2.84
CA LEU A 80 7.18 -3.75 -3.02
C LEU A 80 8.51 -4.29 -2.52
N ASP A 81 9.57 -3.59 -2.81
CA ASP A 81 10.91 -4.04 -2.35
C ASP A 81 11.92 -2.88 -2.54
N PRO A 82 12.88 -2.70 -1.65
CA PRO A 82 13.87 -1.59 -1.81
C PRO A 82 14.56 -1.60 -3.18
N ASP A 83 15.53 -2.45 -3.37
CA ASP A 83 16.23 -2.52 -4.68
C ASP A 83 16.97 -3.86 -4.73
N SER A 84 16.33 -4.90 -4.30
CA SER A 84 16.98 -6.24 -4.28
C SER A 84 17.69 -6.48 -5.62
N TYR A 85 19.00 -6.49 -5.62
CA TYR A 85 19.75 -6.72 -6.89
C TYR A 85 20.00 -8.22 -7.06
N ASN A 86 20.94 -8.76 -6.33
CA ASN A 86 21.25 -10.22 -6.45
C ASN A 86 20.57 -11.01 -5.32
N MET A 87 19.83 -10.34 -4.49
CA MET A 87 19.15 -11.07 -3.37
C MET A 87 17.76 -11.51 -3.83
N PHE A 88 17.53 -12.79 -3.90
CA PHE A 88 16.19 -13.28 -4.34
C PHE A 88 15.17 -12.95 -3.25
N GLU A 89 15.57 -13.03 -2.02
CA GLU A 89 14.64 -12.73 -0.91
C GLU A 89 14.33 -11.22 -0.89
N ASN A 90 13.25 -10.84 -0.26
CA ASN A 90 12.87 -9.40 -0.22
C ASN A 90 13.67 -8.66 0.85
N GLY A 91 14.94 -8.89 0.93
CA GLY A 91 15.77 -8.18 1.95
C GLY A 91 15.76 -8.94 3.27
N SER A 92 15.02 -10.02 3.35
CA SER A 92 14.99 -10.79 4.63
C SER A 92 16.41 -11.26 4.96
N PHE A 93 17.16 -11.65 3.96
CA PHE A 93 18.55 -12.12 4.20
C PHE A 93 19.48 -10.92 4.26
N LEU A 94 20.25 -10.80 5.31
CA LEU A 94 21.19 -9.65 5.44
C LEU A 94 22.50 -10.03 4.72
N MET A 1 -27.89 -1.74 -6.35
CA MET A 1 -27.09 -0.71 -5.62
C MET A 1 -25.61 -0.85 -5.99
N LEU A 2 -24.77 -0.06 -5.39
CA LEU A 2 -23.31 -0.13 -5.70
C LEU A 2 -22.72 -1.37 -5.04
N VAL A 3 -21.76 -1.99 -5.69
CA VAL A 3 -21.11 -3.22 -5.10
C VAL A 3 -19.58 -3.05 -5.15
N LYS A 4 -18.87 -3.80 -4.35
CA LYS A 4 -17.39 -3.69 -4.35
C LYS A 4 -16.81 -4.40 -5.59
N PRO A 5 -15.69 -3.93 -6.10
CA PRO A 5 -15.04 -4.54 -7.29
C PRO A 5 -14.39 -5.90 -6.95
N PRO A 6 -14.12 -6.72 -7.94
CA PRO A 6 -13.52 -8.06 -7.72
C PRO A 6 -12.03 -8.01 -7.36
N TYR A 7 -11.56 -6.95 -6.76
CA TYR A 7 -10.11 -6.86 -6.38
C TYR A 7 -9.97 -7.19 -4.90
N SER A 8 -9.03 -8.02 -4.55
CA SER A 8 -8.83 -8.37 -3.12
C SER A 8 -8.27 -7.16 -2.39
N TYR A 9 -8.35 -7.12 -1.08
CA TYR A 9 -7.80 -5.95 -0.35
C TYR A 9 -6.31 -5.84 -0.66
N ILE A 10 -5.62 -6.95 -0.67
CA ILE A 10 -4.18 -6.91 -0.99
C ILE A 10 -4.01 -6.47 -2.44
N ALA A 11 -4.86 -6.94 -3.32
CA ALA A 11 -4.76 -6.55 -4.76
C ALA A 11 -4.94 -5.03 -4.89
N LEU A 12 -5.90 -4.45 -4.20
CA LEU A 12 -6.08 -2.98 -4.31
C LEU A 12 -4.80 -2.30 -3.85
N ILE A 13 -4.19 -2.81 -2.82
CA ILE A 13 -2.92 -2.20 -2.33
C ILE A 13 -1.86 -2.31 -3.41
N THR A 14 -1.81 -3.45 -4.06
CA THR A 14 -0.78 -3.67 -5.11
C THR A 14 -0.96 -2.66 -6.25
N MET A 15 -2.17 -2.41 -6.67
CA MET A 15 -2.37 -1.43 -7.78
C MET A 15 -2.06 -0.02 -7.28
N ALA A 16 -2.46 0.28 -6.08
CA ALA A 16 -2.21 1.64 -5.52
C ALA A 16 -0.73 2.01 -5.69
N ILE A 17 0.15 1.16 -5.26
CA ILE A 17 1.61 1.45 -5.38
C ILE A 17 1.96 1.62 -6.86
N GLN A 18 1.46 0.75 -7.69
CA GLN A 18 1.77 0.82 -9.14
C GLN A 18 1.32 2.16 -9.75
N ASN A 19 0.12 2.58 -9.45
CA ASN A 19 -0.37 3.86 -10.04
C ASN A 19 -0.03 5.04 -9.13
N ALA A 20 0.82 4.83 -8.16
CA ALA A 20 1.19 5.95 -7.26
C ALA A 20 2.23 6.84 -7.98
N PRO A 21 1.96 8.11 -8.20
CA PRO A 21 2.93 9.00 -8.88
C PRO A 21 4.35 8.74 -8.38
N GLU A 22 4.49 8.49 -7.11
CA GLU A 22 5.83 8.20 -6.52
C GLU A 22 5.83 6.75 -6.06
N LYS A 23 6.90 6.03 -6.30
CA LYS A 23 6.92 4.60 -5.89
C LYS A 23 6.74 4.53 -4.36
N LYS A 24 7.36 5.43 -3.65
CA LYS A 24 7.22 5.43 -2.17
C LYS A 24 5.90 6.14 -1.82
N ILE A 25 5.07 5.53 -1.02
CA ILE A 25 3.76 6.17 -0.66
C ILE A 25 3.46 5.96 0.83
N THR A 26 2.82 6.91 1.45
CA THR A 26 2.49 6.79 2.90
C THR A 26 1.26 5.90 3.10
N LEU A 27 1.09 5.38 4.28
CA LEU A 27 -0.08 4.50 4.57
C LEU A 27 -1.36 5.30 4.33
N ASN A 28 -1.43 6.49 4.87
CA ASN A 28 -2.63 7.35 4.69
C ASN A 28 -2.83 7.65 3.20
N GLY A 29 -1.77 7.89 2.48
CA GLY A 29 -1.89 8.22 1.03
C GLY A 29 -2.58 7.07 0.29
N ILE A 30 -2.25 5.84 0.62
CA ILE A 30 -2.89 4.69 -0.08
C ILE A 30 -4.40 4.74 0.11
N TYR A 31 -4.85 5.03 1.30
CA TYR A 31 -6.33 5.07 1.55
C TYR A 31 -6.99 6.15 0.70
N GLN A 32 -6.38 7.29 0.55
CA GLN A 32 -7.00 8.37 -0.26
C GLN A 32 -7.20 7.88 -1.70
N PHE A 33 -6.25 7.16 -2.23
CA PHE A 33 -6.38 6.66 -3.62
C PHE A 33 -7.61 5.75 -3.78
N ILE A 34 -7.81 4.83 -2.88
CA ILE A 34 -8.96 3.90 -3.01
C ILE A 34 -10.29 4.68 -3.00
N MET A 35 -10.49 5.55 -2.06
CA MET A 35 -11.77 6.32 -2.02
C MET A 35 -11.90 7.17 -3.30
N ASP A 36 -10.83 7.76 -3.76
CA ASP A 36 -10.91 8.60 -4.98
C ASP A 36 -11.34 7.77 -6.20
N ARG A 37 -10.86 6.56 -6.32
CA ARG A 37 -11.24 5.72 -7.49
C ARG A 37 -12.62 5.09 -7.27
N PHE A 38 -12.74 4.19 -6.34
CA PHE A 38 -14.06 3.54 -6.10
C PHE A 38 -14.82 4.33 -5.01
N PRO A 39 -15.95 4.93 -5.33
CA PRO A 39 -16.73 5.74 -4.34
C PRO A 39 -17.58 4.89 -3.40
N PHE A 40 -17.67 3.61 -3.64
CA PHE A 40 -18.48 2.74 -2.75
C PHE A 40 -17.94 2.82 -1.31
N TYR A 41 -16.64 2.84 -1.18
CA TYR A 41 -16.00 2.88 0.17
C TYR A 41 -16.28 4.21 0.85
N ARG A 42 -16.49 5.26 0.09
CA ARG A 42 -16.75 6.58 0.72
C ARG A 42 -18.01 6.49 1.59
N GLU A 43 -19.01 5.79 1.14
CA GLU A 43 -20.26 5.67 1.94
C GLU A 43 -20.00 4.77 3.15
N ASN A 44 -18.85 4.14 3.18
CA ASN A 44 -18.49 3.26 4.32
C ASN A 44 -17.01 3.42 4.64
N LYS A 45 -16.69 4.20 5.64
CA LYS A 45 -15.26 4.41 6.00
C LYS A 45 -14.81 3.48 7.13
N GLN A 46 -15.73 2.97 7.90
CA GLN A 46 -15.34 2.06 9.02
C GLN A 46 -15.31 0.60 8.56
N GLY A 47 -14.30 -0.12 8.95
CA GLY A 47 -14.19 -1.57 8.58
C GLY A 47 -13.13 -1.77 7.49
N TRP A 48 -13.45 -1.42 6.28
CA TRP A 48 -12.48 -1.62 5.18
C TRP A 48 -11.20 -0.80 5.40
N GLN A 49 -11.34 0.38 5.94
CA GLN A 49 -10.14 1.25 6.14
C GLN A 49 -9.11 0.58 7.07
N ASN A 50 -9.54 0.09 8.21
CA ASN A 50 -8.58 -0.53 9.15
C ASN A 50 -8.07 -1.89 8.65
N SER A 51 -8.91 -2.67 8.03
CA SER A 51 -8.46 -4.03 7.59
C SER A 51 -7.29 -3.98 6.61
N ILE A 52 -7.28 -3.05 5.70
CA ILE A 52 -6.16 -2.98 4.71
C ILE A 52 -4.82 -2.74 5.43
N ARG A 53 -4.74 -1.76 6.29
CA ARG A 53 -3.43 -1.54 6.98
C ARG A 53 -3.16 -2.70 7.94
N HIS A 54 -4.19 -3.31 8.46
CA HIS A 54 -3.97 -4.46 9.36
C HIS A 54 -3.44 -5.61 8.51
N ASN A 55 -3.95 -5.72 7.31
CA ASN A 55 -3.49 -6.79 6.38
C ASN A 55 -2.00 -6.62 6.10
N LEU A 56 -1.54 -5.39 6.01
CA LEU A 56 -0.10 -5.14 5.72
C LEU A 56 0.78 -5.78 6.80
N SER A 57 0.41 -5.65 8.05
CA SER A 57 1.24 -6.24 9.13
C SER A 57 1.37 -7.75 8.94
N LEU A 58 0.29 -8.42 8.68
CA LEU A 58 0.36 -9.90 8.47
C LEU A 58 1.07 -10.19 7.15
N ASN A 59 0.83 -9.40 6.15
CA ASN A 59 1.48 -9.65 4.84
C ASN A 59 2.94 -9.20 4.91
N GLU A 60 3.85 -10.14 4.84
CA GLU A 60 5.30 -9.79 4.91
C GLU A 60 5.82 -9.49 3.51
N CYS A 61 5.04 -9.77 2.50
CA CYS A 61 5.50 -9.52 1.11
C CYS A 61 5.80 -8.02 0.94
N PHE A 62 5.03 -7.18 1.58
CA PHE A 62 5.27 -5.72 1.44
C PHE A 62 6.46 -5.33 2.33
N VAL A 63 7.24 -4.35 1.92
CA VAL A 63 8.45 -3.94 2.70
C VAL A 63 8.31 -2.48 3.15
N LYS A 64 8.55 -2.23 4.42
CA LYS A 64 8.46 -0.84 4.93
C LYS A 64 9.71 -0.05 4.51
N VAL A 65 9.63 1.25 4.49
CA VAL A 65 10.80 2.09 4.09
C VAL A 65 10.95 3.24 5.08
N PRO A 66 11.62 3.01 6.19
CA PRO A 66 11.83 4.05 7.23
C PRO A 66 12.32 5.38 6.66
N ARG A 67 11.77 6.47 7.11
CA ARG A 67 12.19 7.81 6.62
C ARG A 67 13.39 8.29 7.44
N ASP A 68 14.27 9.07 6.87
CA ASP A 68 15.44 9.57 7.66
C ASP A 68 14.93 10.43 8.81
N ASP A 69 15.53 10.30 9.97
CA ASP A 69 15.09 11.10 11.14
C ASP A 69 15.36 12.58 10.89
N LYS A 70 16.47 12.92 10.31
CA LYS A 70 16.78 14.36 10.06
C LYS A 70 15.75 14.97 9.11
N LYS A 71 15.35 14.25 8.09
CA LYS A 71 14.35 14.80 7.14
C LYS A 71 12.94 14.46 7.66
N PRO A 72 12.13 15.42 8.02
CA PRO A 72 10.76 15.13 8.53
C PRO A 72 9.79 14.78 7.40
N GLY A 73 9.45 13.52 7.29
CA GLY A 73 8.51 13.09 6.21
C GLY A 73 7.11 12.90 6.80
N LYS A 74 6.28 12.14 6.13
CA LYS A 74 4.89 11.91 6.63
C LYS A 74 4.78 10.51 7.24
N GLY A 75 5.90 9.93 7.60
CA GLY A 75 5.89 8.57 8.23
C GLY A 75 6.63 7.57 7.32
N SER A 76 6.46 6.30 7.59
CA SER A 76 7.16 5.28 6.77
C SER A 76 6.41 5.09 5.44
N TYR A 77 7.12 4.83 4.38
CA TYR A 77 6.47 4.63 3.05
C TYR A 77 6.46 3.14 2.71
N TRP A 78 5.63 2.74 1.79
CA TRP A 78 5.53 1.29 1.40
C TRP A 78 5.94 1.12 -0.06
N THR A 79 6.66 0.07 -0.36
CA THR A 79 7.11 -0.17 -1.77
C THR A 79 7.11 -1.67 -2.05
N LEU A 80 7.06 -2.04 -3.31
CA LEU A 80 7.08 -3.49 -3.65
C LEU A 80 8.50 -4.04 -3.49
N ASP A 81 8.63 -5.33 -3.38
CA ASP A 81 9.99 -5.94 -3.24
C ASP A 81 10.81 -5.61 -4.50
N PRO A 82 12.12 -5.63 -4.43
CA PRO A 82 12.99 -5.34 -5.61
C PRO A 82 12.59 -6.15 -6.85
N ASP A 83 13.53 -6.70 -7.56
CA ASP A 83 13.19 -7.49 -8.77
C ASP A 83 12.29 -8.65 -8.34
N SER A 84 12.67 -9.35 -7.31
CA SER A 84 11.85 -10.50 -6.83
C SER A 84 12.54 -11.12 -5.62
N TYR A 85 13.01 -10.31 -4.72
CA TYR A 85 13.71 -10.85 -3.51
C TYR A 85 12.72 -11.71 -2.72
N ASN A 86 11.48 -11.26 -2.62
CA ASN A 86 10.46 -12.04 -1.86
C ASN A 86 9.16 -12.11 -2.65
N MET A 87 9.24 -12.03 -3.95
CA MET A 87 8.00 -12.09 -4.78
C MET A 87 7.50 -13.54 -4.80
N PHE A 88 7.97 -14.34 -3.90
CA PHE A 88 7.53 -15.77 -3.84
C PHE A 88 6.30 -15.87 -2.93
N GLU A 89 5.46 -14.87 -2.95
CA GLU A 89 4.25 -14.90 -2.08
C GLU A 89 3.28 -15.96 -2.59
N ASN A 90 2.26 -16.27 -1.83
CA ASN A 90 1.29 -17.30 -2.26
C ASN A 90 0.54 -16.83 -3.50
N GLY A 91 0.87 -15.66 -3.98
CA GLY A 91 0.20 -15.12 -5.20
C GLY A 91 1.01 -15.52 -6.43
N SER A 92 1.02 -14.68 -7.43
CA SER A 92 1.80 -15.01 -8.67
C SER A 92 1.78 -13.80 -9.61
N PHE A 93 2.94 -13.29 -9.94
CA PHE A 93 2.98 -12.12 -10.87
C PHE A 93 2.89 -12.62 -12.31
N LEU A 94 2.00 -12.06 -13.09
CA LEU A 94 1.86 -12.51 -14.50
C LEU A 94 3.08 -12.07 -15.30
N MET A 1 -26.36 0.98 -6.43
CA MET A 1 -26.21 -0.48 -6.71
C MET A 1 -24.72 -0.82 -6.75
N LEU A 2 -23.90 -0.01 -6.15
CA LEU A 2 -22.44 -0.29 -6.15
C LEU A 2 -22.16 -1.50 -5.26
N VAL A 3 -21.22 -2.32 -5.66
CA VAL A 3 -20.86 -3.52 -4.86
C VAL A 3 -19.35 -3.55 -4.65
N LYS A 4 -18.87 -4.26 -3.68
CA LYS A 4 -17.40 -4.31 -3.44
C LYS A 4 -16.70 -4.77 -4.72
N PRO A 5 -15.90 -3.93 -5.35
CA PRO A 5 -15.20 -4.32 -6.61
C PRO A 5 -14.65 -5.75 -6.57
N PRO A 6 -14.48 -6.38 -7.71
CA PRO A 6 -13.95 -7.77 -7.77
C PRO A 6 -12.43 -7.82 -7.54
N TYR A 7 -11.91 -6.91 -6.76
CA TYR A 7 -10.44 -6.89 -6.47
C TYR A 7 -10.21 -7.27 -5.01
N SER A 8 -9.27 -8.14 -4.75
CA SER A 8 -9.01 -8.52 -3.35
C SER A 8 -8.46 -7.30 -2.61
N TYR A 9 -8.50 -7.30 -1.31
CA TYR A 9 -7.98 -6.12 -0.57
C TYR A 9 -6.51 -5.95 -0.92
N ILE A 10 -5.79 -7.03 -1.02
CA ILE A 10 -4.34 -6.94 -1.37
C ILE A 10 -4.21 -6.34 -2.78
N ALA A 11 -5.05 -6.76 -3.69
CA ALA A 11 -4.98 -6.22 -5.08
C ALA A 11 -5.21 -4.71 -5.05
N LEU A 12 -6.18 -4.26 -4.32
CA LEU A 12 -6.43 -2.79 -4.26
C LEU A 12 -5.17 -2.11 -3.72
N ILE A 13 -4.56 -2.68 -2.73
CA ILE A 13 -3.31 -2.08 -2.17
C ILE A 13 -2.18 -2.21 -3.18
N THR A 14 -2.08 -3.36 -3.82
CA THR A 14 -0.99 -3.56 -4.81
C THR A 14 -1.10 -2.53 -5.95
N MET A 15 -2.29 -2.25 -6.38
CA MET A 15 -2.47 -1.26 -7.49
C MET A 15 -2.14 0.15 -6.98
N ALA A 16 -2.51 0.45 -5.76
CA ALA A 16 -2.23 1.80 -5.21
C ALA A 16 -0.73 2.09 -5.22
N ILE A 17 0.07 1.16 -4.78
CA ILE A 17 1.55 1.39 -4.76
C ILE A 17 2.03 1.65 -6.18
N GLN A 18 1.64 0.79 -7.09
CA GLN A 18 2.06 0.94 -8.51
C GLN A 18 1.42 2.19 -9.11
N ASN A 19 0.19 2.46 -8.76
CA ASN A 19 -0.51 3.66 -9.30
C ASN A 19 -0.01 4.92 -8.59
N ALA A 20 0.92 4.77 -7.68
CA ALA A 20 1.44 5.95 -6.95
C ALA A 20 2.44 6.68 -7.87
N PRO A 21 2.57 7.98 -7.75
CA PRO A 21 3.51 8.76 -8.59
C PRO A 21 4.82 8.01 -8.86
N GLU A 22 5.69 7.92 -7.88
CA GLU A 22 6.98 7.20 -8.09
C GLU A 22 6.82 5.72 -7.76
N LYS A 23 6.86 5.38 -6.50
CA LYS A 23 6.74 3.95 -6.10
C LYS A 23 6.45 3.87 -4.60
N LYS A 24 7.02 4.76 -3.83
CA LYS A 24 6.79 4.73 -2.35
C LYS A 24 5.55 5.55 -2.01
N ILE A 25 4.73 5.07 -1.10
CA ILE A 25 3.50 5.82 -0.70
C ILE A 25 3.27 5.69 0.81
N THR A 26 2.60 6.65 1.40
CA THR A 26 2.35 6.60 2.88
C THR A 26 1.08 5.79 3.17
N LEU A 27 0.90 5.43 4.42
CA LEU A 27 -0.32 4.65 4.80
C LEU A 27 -1.55 5.49 4.45
N ASN A 28 -1.56 6.72 4.91
CA ASN A 28 -2.69 7.65 4.60
C ASN A 28 -2.82 7.87 3.10
N GLY A 29 -1.72 7.99 2.41
CA GLY A 29 -1.78 8.23 0.93
C GLY A 29 -2.52 7.09 0.23
N ILE A 30 -2.31 5.87 0.65
CA ILE A 30 -3.00 4.73 -0.01
C ILE A 30 -4.52 4.87 0.13
N TYR A 31 -4.98 5.23 1.29
CA TYR A 31 -6.46 5.34 1.50
C TYR A 31 -7.09 6.38 0.57
N GLN A 32 -6.51 7.53 0.44
CA GLN A 32 -7.15 8.56 -0.44
C GLN A 32 -7.24 8.04 -1.87
N PHE A 33 -6.24 7.33 -2.32
CA PHE A 33 -6.28 6.80 -3.72
C PHE A 33 -7.48 5.85 -3.90
N ILE A 34 -7.78 5.05 -2.91
CA ILE A 34 -8.93 4.09 -3.05
C ILE A 34 -10.28 4.82 -3.12
N MET A 35 -10.54 5.76 -2.24
CA MET A 35 -11.87 6.44 -2.27
C MET A 35 -12.05 7.16 -3.62
N ASP A 36 -11.03 7.76 -4.14
CA ASP A 36 -11.17 8.47 -5.45
C ASP A 36 -11.40 7.46 -6.58
N ARG A 37 -10.71 6.35 -6.56
CA ARG A 37 -10.89 5.36 -7.66
C ARG A 37 -12.29 4.74 -7.59
N PHE A 38 -12.79 4.45 -6.41
CA PHE A 38 -14.15 3.86 -6.27
C PHE A 38 -14.96 4.68 -5.25
N PRO A 39 -16.11 5.22 -5.61
CA PRO A 39 -16.92 6.01 -4.65
C PRO A 39 -17.66 5.10 -3.67
N PHE A 40 -17.57 3.82 -3.89
CA PHE A 40 -18.26 2.84 -2.99
C PHE A 40 -17.74 2.97 -1.55
N TYR A 41 -16.46 3.07 -1.36
CA TYR A 41 -15.91 3.16 0.02
C TYR A 41 -16.30 4.48 0.68
N ARG A 42 -16.59 5.49 -0.08
CA ARG A 42 -16.97 6.79 0.54
C ARG A 42 -18.23 6.59 1.39
N GLU A 43 -19.17 5.81 0.92
CA GLU A 43 -20.42 5.60 1.71
C GLU A 43 -20.10 4.94 3.05
N ASN A 44 -19.20 4.01 3.06
CA ASN A 44 -18.82 3.29 4.31
C ASN A 44 -17.36 3.60 4.63
N LYS A 45 -17.10 4.30 5.70
CA LYS A 45 -15.69 4.64 6.06
C LYS A 45 -15.15 3.64 7.08
N GLN A 46 -15.70 3.64 8.26
CA GLN A 46 -15.19 2.70 9.31
C GLN A 46 -15.47 1.26 8.89
N GLY A 47 -14.58 0.36 9.22
CA GLY A 47 -14.78 -1.08 8.87
C GLY A 47 -13.74 -1.55 7.85
N TRP A 48 -13.73 -0.97 6.68
CA TRP A 48 -12.74 -1.42 5.65
C TRP A 48 -11.38 -0.76 5.90
N GLN A 49 -11.34 0.23 6.75
CA GLN A 49 -10.05 0.93 7.02
C GLN A 49 -9.10 0.01 7.81
N ASN A 50 -9.60 -0.71 8.77
CA ASN A 50 -8.74 -1.59 9.60
C ASN A 50 -8.24 -2.79 8.78
N SER A 51 -9.06 -3.35 7.93
CA SER A 51 -8.63 -4.55 7.15
C SER A 51 -7.41 -4.20 6.28
N ILE A 52 -7.39 -3.05 5.67
CA ILE A 52 -6.24 -2.68 4.81
C ILE A 52 -4.92 -2.67 5.63
N ARG A 53 -4.91 -2.01 6.75
CA ARG A 53 -3.65 -1.95 7.56
C ARG A 53 -3.27 -3.35 8.03
N HIS A 54 -4.24 -4.15 8.39
CA HIS A 54 -3.93 -5.53 8.86
C HIS A 54 -3.23 -6.29 7.72
N ASN A 55 -3.67 -6.10 6.51
CA ASN A 55 -3.01 -6.78 5.36
C ASN A 55 -1.59 -6.25 5.19
N LEU A 56 -1.39 -4.97 5.36
CA LEU A 56 -0.02 -4.40 5.20
C LEU A 56 0.92 -5.04 6.22
N SER A 57 0.49 -5.25 7.43
CA SER A 57 1.39 -5.85 8.45
C SER A 57 1.65 -7.34 8.14
N LEU A 58 0.64 -8.05 7.72
CA LEU A 58 0.82 -9.51 7.44
C LEU A 58 1.71 -9.76 6.22
N ASN A 59 1.58 -8.98 5.19
CA ASN A 59 2.41 -9.24 3.97
C ASN A 59 3.90 -9.09 4.31
N GLU A 60 4.66 -10.15 4.15
CA GLU A 60 6.12 -10.11 4.45
C GLU A 60 6.87 -9.56 3.23
N CYS A 61 6.37 -9.83 2.05
CA CYS A 61 7.06 -9.33 0.82
C CYS A 61 6.99 -7.81 0.79
N PHE A 62 6.23 -7.23 1.68
CA PHE A 62 6.11 -5.75 1.73
C PHE A 62 7.20 -5.23 2.68
N VAL A 63 7.85 -4.15 2.33
CA VAL A 63 8.95 -3.60 3.19
C VAL A 63 8.66 -2.14 3.56
N LYS A 64 8.75 -1.81 4.82
CA LYS A 64 8.50 -0.41 5.26
C LYS A 64 9.71 0.45 4.90
N VAL A 65 9.51 1.71 4.59
CA VAL A 65 10.67 2.59 4.22
C VAL A 65 10.46 3.97 4.84
N PRO A 66 10.45 4.07 6.15
CA PRO A 66 10.23 5.35 6.87
C PRO A 66 10.86 6.55 6.17
N ARG A 67 10.44 7.73 6.53
CA ARG A 67 11.00 8.95 5.89
C ARG A 67 12.51 9.00 6.13
N ASP A 68 13.14 10.08 5.77
CA ASP A 68 14.62 10.18 6.00
C ASP A 68 14.87 10.56 7.46
N ASP A 69 16.10 10.43 7.90
CA ASP A 69 16.41 10.77 9.32
C ASP A 69 16.54 12.29 9.47
N LYS A 70 16.65 13.01 8.38
CA LYS A 70 16.79 14.49 8.48
C LYS A 70 15.54 15.06 9.17
N LYS A 71 14.38 14.55 8.85
CA LYS A 71 13.14 15.07 9.50
C LYS A 71 12.90 14.33 10.82
N PRO A 72 12.28 14.96 11.80
CA PRO A 72 11.98 14.31 13.12
C PRO A 72 11.36 12.91 13.00
N GLY A 73 10.29 12.66 13.71
CA GLY A 73 9.64 11.33 13.63
C GLY A 73 9.39 10.98 12.16
N LYS A 74 8.83 9.82 11.89
CA LYS A 74 8.57 9.43 10.47
C LYS A 74 7.17 8.82 10.36
N GLY A 75 6.58 8.89 9.20
CA GLY A 75 5.24 8.28 9.00
C GLY A 75 5.42 6.79 8.67
N SER A 76 4.91 6.34 7.56
CA SER A 76 5.08 4.91 7.21
C SER A 76 4.98 4.73 5.68
N TYR A 77 6.10 4.61 5.03
CA TYR A 77 6.09 4.44 3.55
C TYR A 77 5.85 2.96 3.22
N TRP A 78 5.41 2.66 2.02
CA TRP A 78 5.15 1.23 1.66
C TRP A 78 5.57 0.95 0.22
N THR A 79 6.32 -0.11 0.01
CA THR A 79 6.77 -0.48 -1.36
C THR A 79 7.04 -1.99 -1.39
N LEU A 80 6.89 -2.61 -2.53
CA LEU A 80 7.14 -4.09 -2.61
C LEU A 80 8.59 -4.36 -2.24
N ASP A 81 9.48 -3.52 -2.69
CA ASP A 81 10.92 -3.68 -2.39
C ASP A 81 11.59 -2.30 -2.46
N PRO A 82 12.84 -2.16 -2.10
CA PRO A 82 13.53 -0.84 -2.15
C PRO A 82 13.97 -0.47 -3.58
N ASP A 83 14.45 0.72 -3.78
CA ASP A 83 14.90 1.11 -5.14
C ASP A 83 16.34 0.63 -5.32
N SER A 84 16.52 -0.67 -5.31
CA SER A 84 17.88 -1.23 -5.47
C SER A 84 18.54 -0.64 -6.71
N TYR A 85 17.77 -0.30 -7.70
CA TYR A 85 18.35 0.29 -8.94
C TYR A 85 18.99 1.63 -8.59
N ASN A 86 18.58 2.23 -7.49
CA ASN A 86 19.14 3.55 -7.10
C ASN A 86 20.46 3.38 -6.34
N MET A 87 20.88 2.18 -6.14
CA MET A 87 22.16 1.94 -5.40
C MET A 87 23.34 2.39 -6.26
N PHE A 88 24.42 2.79 -5.63
CA PHE A 88 25.61 3.28 -6.38
C PHE A 88 26.14 2.17 -7.31
N GLU A 89 26.22 0.95 -6.83
CA GLU A 89 26.75 -0.14 -7.69
C GLU A 89 25.83 -0.34 -8.90
N ASN A 90 26.39 -0.63 -10.05
CA ASN A 90 25.55 -0.83 -11.27
C ASN A 90 26.22 -1.84 -12.21
N GLY A 91 25.45 -2.51 -13.02
CA GLY A 91 26.02 -3.49 -13.97
C GLY A 91 26.20 -4.84 -13.28
N SER A 92 26.91 -4.86 -12.18
CA SER A 92 27.12 -6.15 -11.46
C SER A 92 27.69 -5.85 -10.08
N PHE A 93 27.02 -6.28 -9.04
CA PHE A 93 27.50 -6.03 -7.64
C PHE A 93 27.94 -7.34 -7.01
N LEU A 94 29.21 -7.66 -7.09
CA LEU A 94 29.71 -8.93 -6.48
C LEU A 94 29.99 -8.68 -5.00
N MET A 1 -26.88 2.60 -7.71
CA MET A 1 -26.47 1.34 -7.02
C MET A 1 -24.95 1.29 -6.93
N LEU A 2 -24.40 1.22 -5.74
CA LEU A 2 -22.92 1.16 -5.59
C LEU A 2 -22.50 -0.26 -5.21
N VAL A 3 -21.41 -0.73 -5.77
CA VAL A 3 -20.94 -2.11 -5.45
C VAL A 3 -19.41 -2.14 -5.42
N LYS A 4 -18.85 -3.00 -4.61
CA LYS A 4 -17.36 -3.08 -4.53
C LYS A 4 -16.83 -3.71 -5.83
N PRO A 5 -15.64 -3.36 -6.25
CA PRO A 5 -15.03 -3.94 -7.49
C PRO A 5 -14.48 -5.35 -7.24
N PRO A 6 -14.29 -6.12 -8.28
CA PRO A 6 -13.77 -7.52 -8.17
C PRO A 6 -12.27 -7.59 -7.82
N TYR A 7 -11.73 -6.59 -7.18
CA TYR A 7 -10.28 -6.63 -6.81
C TYR A 7 -10.16 -7.03 -5.33
N SER A 8 -9.24 -7.88 -5.01
CA SER A 8 -9.09 -8.30 -3.58
C SER A 8 -8.38 -7.19 -2.81
N TYR A 9 -8.38 -7.25 -1.51
CA TYR A 9 -7.70 -6.18 -0.72
C TYR A 9 -6.21 -6.18 -1.11
N ILE A 10 -5.66 -7.34 -1.32
CA ILE A 10 -4.22 -7.43 -1.70
C ILE A 10 -4.01 -6.69 -3.03
N ALA A 11 -4.85 -6.93 -4.00
CA ALA A 11 -4.69 -6.26 -5.32
C ALA A 11 -4.87 -4.74 -5.20
N LEU A 12 -5.84 -4.30 -4.43
CA LEU A 12 -6.04 -2.83 -4.30
C LEU A 12 -4.77 -2.21 -3.73
N ILE A 13 -4.15 -2.86 -2.79
CA ILE A 13 -2.90 -2.32 -2.22
C ILE A 13 -1.83 -2.33 -3.31
N THR A 14 -1.74 -3.41 -4.03
CA THR A 14 -0.71 -3.50 -5.12
C THR A 14 -1.03 -2.52 -6.25
N MET A 15 -2.28 -2.37 -6.61
CA MET A 15 -2.61 -1.42 -7.71
C MET A 15 -2.31 0.01 -7.25
N ALA A 16 -2.61 0.31 -6.02
CA ALA A 16 -2.37 1.68 -5.51
C ALA A 16 -0.88 2.02 -5.60
N ILE A 17 -0.02 1.16 -5.12
CA ILE A 17 1.44 1.44 -5.17
C ILE A 17 1.88 1.59 -6.61
N GLN A 18 1.51 0.65 -7.44
CA GLN A 18 1.91 0.69 -8.88
C GLN A 18 1.27 1.89 -9.58
N ASN A 19 0.03 2.18 -9.28
CA ASN A 19 -0.66 3.32 -9.95
C ASN A 19 -0.28 4.64 -9.25
N ALA A 20 0.56 4.56 -8.25
CA ALA A 20 0.97 5.81 -7.54
C ALA A 20 2.02 6.53 -8.39
N PRO A 21 2.08 7.84 -8.34
CA PRO A 21 3.08 8.61 -9.13
C PRO A 21 4.50 8.20 -8.69
N GLU A 22 4.64 7.87 -7.44
CA GLU A 22 5.97 7.42 -6.91
C GLU A 22 5.77 6.04 -6.27
N LYS A 23 6.70 5.15 -6.45
CA LYS A 23 6.53 3.79 -5.86
C LYS A 23 6.42 3.94 -4.33
N LYS A 24 7.18 4.83 -3.76
CA LYS A 24 7.11 5.03 -2.29
C LYS A 24 5.86 5.86 -1.99
N ILE A 25 4.94 5.33 -1.22
CA ILE A 25 3.68 6.07 -0.90
C ILE A 25 3.30 5.88 0.56
N THR A 26 2.67 6.85 1.16
CA THR A 26 2.29 6.74 2.59
C THR A 26 1.02 5.90 2.76
N LEU A 27 0.80 5.39 3.93
CA LEU A 27 -0.42 4.57 4.20
C LEU A 27 -1.65 5.48 4.08
N ASN A 28 -1.54 6.68 4.59
CA ASN A 28 -2.68 7.64 4.51
C ASN A 28 -2.95 8.01 3.05
N GLY A 29 -1.91 8.18 2.27
CA GLY A 29 -2.09 8.55 0.84
C GLY A 29 -2.82 7.44 0.09
N ILE A 30 -2.53 6.20 0.40
CA ILE A 30 -3.20 5.08 -0.32
C ILE A 30 -4.72 5.16 -0.11
N TYR A 31 -5.16 5.44 1.09
CA TYR A 31 -6.62 5.52 1.32
C TYR A 31 -7.24 6.59 0.42
N GLN A 32 -6.57 7.70 0.24
CA GLN A 32 -7.13 8.77 -0.62
C GLN A 32 -7.32 8.21 -2.03
N PHE A 33 -6.38 7.44 -2.51
CA PHE A 33 -6.51 6.87 -3.88
C PHE A 33 -7.76 5.97 -3.98
N ILE A 34 -7.95 5.10 -3.03
CA ILE A 34 -9.13 4.19 -3.08
C ILE A 34 -10.43 5.00 -3.03
N MET A 35 -10.56 5.91 -2.11
CA MET A 35 -11.83 6.69 -2.03
C MET A 35 -12.04 7.46 -3.34
N ASP A 36 -10.99 8.01 -3.91
CA ASP A 36 -11.18 8.76 -5.19
C ASP A 36 -11.44 7.77 -6.32
N ARG A 37 -10.60 6.77 -6.46
CA ARG A 37 -10.80 5.77 -7.54
C ARG A 37 -12.17 5.08 -7.36
N PHE A 38 -12.44 4.61 -6.17
CA PHE A 38 -13.74 3.92 -5.89
C PHE A 38 -14.50 4.70 -4.81
N PRO A 39 -15.59 5.37 -5.13
CA PRO A 39 -16.36 6.17 -4.13
C PRO A 39 -17.29 5.30 -3.27
N PHE A 40 -17.42 4.05 -3.60
CA PHE A 40 -18.31 3.15 -2.82
C PHE A 40 -17.83 3.09 -1.36
N TYR A 41 -16.54 3.03 -1.17
CA TYR A 41 -15.98 2.94 0.20
C TYR A 41 -16.30 4.19 1.01
N ARG A 42 -16.66 5.26 0.37
CA ARG A 42 -16.98 6.50 1.13
C ARG A 42 -18.13 6.20 2.09
N GLU A 43 -19.12 5.49 1.63
CA GLU A 43 -20.27 5.15 2.53
C GLU A 43 -19.77 4.27 3.68
N ASN A 44 -18.95 3.31 3.37
CA ASN A 44 -18.40 2.41 4.42
C ASN A 44 -16.96 2.83 4.73
N LYS A 45 -16.76 3.57 5.79
CA LYS A 45 -15.38 4.00 6.14
C LYS A 45 -14.78 3.03 7.16
N GLN A 46 -15.55 2.61 8.12
CA GLN A 46 -15.02 1.66 9.14
C GLN A 46 -15.08 0.24 8.58
N GLY A 47 -14.17 -0.60 8.98
CA GLY A 47 -14.17 -2.01 8.50
C GLY A 47 -13.08 -2.21 7.45
N TRP A 48 -13.27 -1.69 6.27
CA TRP A 48 -12.24 -1.87 5.20
C TRP A 48 -10.97 -1.07 5.53
N GLN A 49 -11.12 0.12 6.06
CA GLN A 49 -9.91 0.94 6.38
C GLN A 49 -9.01 0.20 7.38
N ASN A 50 -9.59 -0.41 8.37
CA ASN A 50 -8.78 -1.13 9.39
C ASN A 50 -8.14 -2.39 8.79
N SER A 51 -8.86 -3.10 7.97
CA SER A 51 -8.32 -4.36 7.38
C SER A 51 -7.05 -4.09 6.58
N ILE A 52 -7.00 -3.03 5.83
CA ILE A 52 -5.78 -2.75 5.01
C ILE A 52 -4.56 -2.62 5.92
N ARG A 53 -4.64 -1.82 6.94
CA ARG A 53 -3.47 -1.65 7.85
C ARG A 53 -3.10 -2.99 8.47
N HIS A 54 -4.07 -3.68 9.01
CA HIS A 54 -3.76 -5.01 9.62
C HIS A 54 -3.20 -5.92 8.53
N ASN A 55 -3.75 -5.83 7.35
CA ASN A 55 -3.23 -6.67 6.23
C ASN A 55 -1.77 -6.30 5.95
N LEU A 56 -1.46 -5.02 6.00
CA LEU A 56 -0.05 -4.61 5.72
C LEU A 56 0.88 -5.14 6.80
N SER A 57 0.47 -5.14 8.04
CA SER A 57 1.35 -5.64 9.13
C SER A 57 1.51 -7.16 9.01
N LEU A 58 0.42 -7.87 8.84
CA LEU A 58 0.50 -9.36 8.73
C LEU A 58 1.26 -9.76 7.47
N ASN A 59 1.03 -9.09 6.38
CA ASN A 59 1.72 -9.45 5.12
C ASN A 59 3.18 -8.98 5.16
N GLU A 60 4.11 -9.89 5.11
CA GLU A 60 5.54 -9.52 5.16
C GLU A 60 6.06 -9.31 3.73
N CYS A 61 5.22 -9.52 2.76
CA CYS A 61 5.64 -9.33 1.34
C CYS A 61 6.07 -7.88 1.12
N PHE A 62 5.37 -6.95 1.70
CA PHE A 62 5.73 -5.52 1.52
C PHE A 62 6.90 -5.17 2.45
N VAL A 63 7.69 -4.20 2.08
CA VAL A 63 8.86 -3.80 2.93
C VAL A 63 8.62 -2.40 3.49
N LYS A 64 8.74 -2.24 4.79
CA LYS A 64 8.54 -0.88 5.37
C LYS A 64 9.70 0.02 4.94
N VAL A 65 9.47 1.28 4.73
CA VAL A 65 10.56 2.20 4.29
C VAL A 65 10.46 3.52 5.06
N PRO A 66 10.88 3.53 6.29
CA PRO A 66 10.86 4.75 7.14
C PRO A 66 11.50 5.95 6.45
N ARG A 67 11.20 7.15 6.89
CA ARG A 67 11.81 8.35 6.25
C ARG A 67 13.20 8.58 6.85
N ASP A 68 13.99 9.42 6.23
CA ASP A 68 15.36 9.69 6.76
C ASP A 68 15.27 10.63 7.96
N ASP A 69 16.33 10.75 8.70
CA ASP A 69 16.32 11.65 9.90
C ASP A 69 16.06 13.10 9.50
N LYS A 70 16.57 13.53 8.37
CA LYS A 70 16.35 14.95 7.96
C LYS A 70 14.86 15.25 7.82
N LYS A 71 14.10 14.34 7.28
CA LYS A 71 12.64 14.58 7.14
C LYS A 71 11.95 14.19 8.46
N PRO A 72 10.85 14.84 8.80
CA PRO A 72 10.12 14.52 10.08
C PRO A 72 9.67 13.06 10.11
N GLY A 73 9.75 12.42 11.24
CA GLY A 73 9.33 11.00 11.33
C GLY A 73 7.81 10.88 11.23
N LYS A 74 7.29 10.91 10.03
CA LYS A 74 5.79 10.77 9.83
C LYS A 74 5.50 9.47 9.10
N GLY A 75 4.59 8.69 9.63
CA GLY A 75 4.20 7.40 8.99
C GLY A 75 5.41 6.71 8.36
N SER A 76 5.17 5.93 7.33
CA SER A 76 6.31 5.23 6.66
C SER A 76 5.87 4.91 5.22
N TYR A 77 6.74 5.05 4.26
CA TYR A 77 6.32 4.73 2.87
C TYR A 77 6.33 3.21 2.70
N TRP A 78 5.54 2.70 1.77
CA TRP A 78 5.48 1.22 1.56
C TRP A 78 5.90 0.86 0.13
N THR A 79 6.64 -0.22 0.01
CA THR A 79 7.11 -0.67 -1.33
C THR A 79 7.01 -2.20 -1.41
N LEU A 80 7.04 -2.77 -2.58
CA LEU A 80 6.91 -4.25 -2.71
C LEU A 80 8.29 -4.89 -2.90
N ASP A 81 9.35 -4.17 -2.60
CA ASP A 81 10.72 -4.76 -2.79
C ASP A 81 11.71 -4.19 -1.77
N PRO A 82 12.74 -4.93 -1.42
CA PRO A 82 13.78 -4.45 -0.46
C PRO A 82 14.73 -3.42 -1.09
N ASP A 83 15.94 -3.31 -0.61
CA ASP A 83 16.89 -2.32 -1.21
C ASP A 83 17.47 -2.93 -2.48
N SER A 84 16.68 -3.02 -3.50
CA SER A 84 17.16 -3.60 -4.77
C SER A 84 18.35 -2.78 -5.30
N TYR A 85 19.54 -3.10 -4.84
CA TYR A 85 20.73 -2.33 -5.27
C TYR A 85 21.25 -2.84 -6.63
N ASN A 86 21.25 -4.14 -6.84
CA ASN A 86 21.76 -4.69 -8.13
C ASN A 86 20.85 -5.82 -8.62
N MET A 87 19.59 -5.74 -8.30
CA MET A 87 18.65 -6.81 -8.75
C MET A 87 18.77 -6.98 -10.26
N PHE A 88 18.73 -8.20 -10.74
CA PHE A 88 18.86 -8.43 -12.20
C PHE A 88 17.75 -7.68 -12.94
N GLU A 89 16.79 -8.40 -13.47
CA GLU A 89 15.66 -7.74 -14.22
C GLU A 89 14.40 -7.70 -13.35
N ASN A 90 14.56 -7.84 -12.06
CA ASN A 90 13.38 -7.82 -11.15
C ASN A 90 13.11 -6.39 -10.69
N GLY A 91 13.41 -5.43 -11.51
CA GLY A 91 13.19 -4.01 -11.12
C GLY A 91 12.98 -3.15 -12.37
N SER A 92 13.88 -2.25 -12.64
CA SER A 92 13.74 -1.38 -13.85
C SER A 92 15.14 -1.06 -14.39
N PHE A 93 15.41 -1.48 -15.60
CA PHE A 93 16.75 -1.21 -16.21
C PHE A 93 16.66 0.06 -17.05
N LEU A 94 17.37 1.09 -16.68
CA LEU A 94 17.33 2.36 -17.46
C LEU A 94 18.00 2.16 -18.81
N MET A 1 -26.90 1.99 -7.53
CA MET A 1 -26.33 0.98 -8.46
C MET A 1 -24.85 0.76 -8.12
N LEU A 2 -24.47 1.09 -6.92
CA LEU A 2 -23.05 0.91 -6.52
C LEU A 2 -22.76 -0.57 -6.29
N VAL A 3 -21.61 -1.02 -6.70
CA VAL A 3 -21.24 -2.46 -6.51
C VAL A 3 -19.76 -2.53 -6.11
N LYS A 4 -19.40 -3.45 -5.26
CA LYS A 4 -17.97 -3.54 -4.85
C LYS A 4 -17.16 -4.06 -6.05
N PRO A 5 -15.92 -3.66 -6.20
CA PRO A 5 -15.07 -4.11 -7.34
C PRO A 5 -14.42 -5.49 -7.06
N PRO A 6 -14.61 -6.46 -7.93
CA PRO A 6 -14.03 -7.82 -7.74
C PRO A 6 -12.57 -7.82 -7.25
N TYR A 7 -11.90 -6.70 -7.26
CA TYR A 7 -10.48 -6.70 -6.79
C TYR A 7 -10.43 -7.11 -5.32
N SER A 8 -9.46 -7.90 -4.95
CA SER A 8 -9.34 -8.30 -3.53
C SER A 8 -8.69 -7.15 -2.77
N TYR A 9 -8.68 -7.19 -1.47
CA TYR A 9 -8.06 -6.08 -0.70
C TYR A 9 -6.57 -6.00 -1.07
N ILE A 10 -5.93 -7.12 -1.22
CA ILE A 10 -4.48 -7.10 -1.58
C ILE A 10 -4.31 -6.43 -2.94
N ALA A 11 -5.18 -6.71 -3.88
CA ALA A 11 -5.07 -6.10 -5.23
C ALA A 11 -5.31 -4.59 -5.14
N LEU A 12 -6.29 -4.17 -4.39
CA LEU A 12 -6.56 -2.71 -4.30
C LEU A 12 -5.33 -2.01 -3.74
N ILE A 13 -4.68 -2.61 -2.78
CA ILE A 13 -3.44 -1.99 -2.20
C ILE A 13 -2.33 -2.01 -3.24
N THR A 14 -2.23 -3.09 -3.98
CA THR A 14 -1.17 -3.19 -5.02
C THR A 14 -1.37 -2.13 -6.11
N MET A 15 -2.60 -1.89 -6.49
CA MET A 15 -2.86 -0.88 -7.55
C MET A 15 -2.46 0.51 -7.07
N ALA A 16 -2.74 0.81 -5.84
CA ALA A 16 -2.37 2.16 -5.31
C ALA A 16 -0.86 2.37 -5.40
N ILE A 17 -0.10 1.41 -4.96
CA ILE A 17 1.38 1.54 -5.02
C ILE A 17 1.83 1.68 -6.47
N GLN A 18 1.35 0.80 -7.31
CA GLN A 18 1.73 0.83 -8.76
C GLN A 18 1.30 2.16 -9.38
N ASN A 19 0.14 2.64 -9.02
CA ASN A 19 -0.35 3.93 -9.60
C ASN A 19 0.28 5.10 -8.84
N ALA A 20 1.09 4.81 -7.86
CA ALA A 20 1.74 5.91 -7.09
C ALA A 20 2.91 6.47 -7.90
N PRO A 21 2.95 7.75 -8.20
CA PRO A 21 4.07 8.35 -8.97
C PRO A 21 5.41 7.78 -8.50
N GLU A 22 5.61 7.78 -7.21
CA GLU A 22 6.87 7.22 -6.63
C GLU A 22 6.54 5.87 -6.01
N LYS A 23 7.41 4.90 -6.13
CA LYS A 23 7.11 3.56 -5.55
C LYS A 23 6.89 3.69 -4.05
N LYS A 24 7.65 4.53 -3.39
CA LYS A 24 7.44 4.68 -1.92
C LYS A 24 6.21 5.55 -1.71
N ILE A 25 5.28 5.09 -0.92
CA ILE A 25 4.03 5.89 -0.66
C ILE A 25 3.65 5.80 0.81
N THR A 26 3.00 6.82 1.32
CA THR A 26 2.61 6.80 2.76
C THR A 26 1.34 5.98 2.93
N LEU A 27 1.12 5.48 4.13
CA LEU A 27 -0.09 4.66 4.41
C LEU A 27 -1.36 5.46 4.15
N ASN A 28 -1.41 6.67 4.66
CA ASN A 28 -2.62 7.53 4.46
C ASN A 28 -2.85 7.77 2.96
N GLY A 29 -1.80 7.98 2.21
CA GLY A 29 -1.97 8.25 0.76
C GLY A 29 -2.71 7.08 0.09
N ILE A 30 -2.42 5.87 0.47
CA ILE A 30 -3.09 4.70 -0.15
C ILE A 30 -4.61 4.77 0.05
N TYR A 31 -5.06 5.12 1.22
CA TYR A 31 -6.53 5.16 1.47
C TYR A 31 -7.20 6.16 0.52
N GLN A 32 -6.60 7.30 0.30
CA GLN A 32 -7.20 8.32 -0.60
C GLN A 32 -7.38 7.75 -2.01
N PHE A 33 -6.42 6.99 -2.47
CA PHE A 33 -6.50 6.42 -3.85
C PHE A 33 -7.75 5.54 -4.01
N ILE A 34 -7.98 4.64 -3.10
CA ILE A 34 -9.18 3.74 -3.22
C ILE A 34 -10.48 4.57 -3.23
N MET A 35 -10.64 5.47 -2.29
CA MET A 35 -11.89 6.28 -2.26
C MET A 35 -12.04 7.09 -3.55
N ASP A 36 -10.98 7.63 -4.07
CA ASP A 36 -11.09 8.44 -5.32
C ASP A 36 -11.62 7.58 -6.47
N ARG A 37 -11.12 6.38 -6.64
CA ARG A 37 -11.61 5.53 -7.76
C ARG A 37 -13.06 5.10 -7.54
N PHE A 38 -13.39 4.60 -6.38
CA PHE A 38 -14.79 4.13 -6.12
C PHE A 38 -15.39 4.87 -4.90
N PRO A 39 -16.54 5.50 -5.04
CA PRO A 39 -17.19 6.21 -3.91
C PRO A 39 -17.93 5.22 -3.00
N PHE A 40 -17.97 3.98 -3.41
CA PHE A 40 -18.66 2.93 -2.61
C PHE A 40 -18.01 2.84 -1.22
N TYR A 41 -16.71 2.93 -1.18
CA TYR A 41 -16.01 2.84 0.13
C TYR A 41 -16.29 4.08 0.97
N ARG A 42 -16.49 5.20 0.34
CA ARG A 42 -16.77 6.44 1.11
C ARG A 42 -18.04 6.24 1.94
N GLU A 43 -19.03 5.61 1.38
CA GLU A 43 -20.29 5.38 2.14
C GLU A 43 -20.02 4.51 3.37
N ASN A 44 -19.21 3.52 3.21
CA ASN A 44 -18.87 2.60 4.33
C ASN A 44 -17.41 2.83 4.76
N LYS A 45 -17.20 3.55 5.83
CA LYS A 45 -15.80 3.81 6.28
C LYS A 45 -15.33 2.69 7.22
N GLN A 46 -16.19 2.24 8.10
CA GLN A 46 -15.79 1.16 9.03
C GLN A 46 -15.82 -0.20 8.34
N GLY A 47 -14.86 -1.05 8.65
CA GLY A 47 -14.80 -2.40 8.03
C GLY A 47 -13.62 -2.50 7.07
N TRP A 48 -13.59 -1.68 6.05
CA TRP A 48 -12.47 -1.74 5.06
C TRP A 48 -11.32 -0.83 5.52
N GLN A 49 -11.56 0.00 6.48
CA GLN A 49 -10.48 0.94 6.94
C GLN A 49 -9.37 0.19 7.67
N ASN A 50 -9.70 -0.54 8.70
CA ASN A 50 -8.66 -1.28 9.49
C ASN A 50 -8.06 -2.44 8.71
N SER A 51 -8.85 -3.16 7.96
CA SER A 51 -8.31 -4.34 7.23
C SER A 51 -7.19 -3.93 6.26
N ILE A 52 -7.34 -2.83 5.59
CA ILE A 52 -6.29 -2.40 4.62
C ILE A 52 -4.90 -2.35 5.27
N ARG A 53 -4.69 -1.42 6.16
CA ARG A 53 -3.34 -1.28 6.79
C ARG A 53 -3.01 -2.45 7.72
N HIS A 54 -3.97 -3.02 8.40
CA HIS A 54 -3.63 -4.15 9.29
C HIS A 54 -3.02 -5.25 8.43
N ASN A 55 -3.56 -5.45 7.26
CA ASN A 55 -3.02 -6.51 6.36
C ASN A 55 -1.56 -6.18 6.03
N LEU A 56 -1.24 -4.92 5.81
CA LEU A 56 0.17 -4.56 5.50
C LEU A 56 1.07 -4.91 6.69
N SER A 57 0.60 -4.67 7.88
CA SER A 57 1.45 -4.97 9.08
C SER A 57 1.71 -6.47 9.19
N LEU A 58 0.69 -7.29 9.11
CA LEU A 58 0.91 -8.76 9.23
C LEU A 58 1.64 -9.28 7.99
N ASN A 59 1.30 -8.79 6.83
CA ASN A 59 1.97 -9.29 5.60
C ASN A 59 3.43 -8.84 5.56
N GLU A 60 4.33 -9.77 5.48
CA GLU A 60 5.78 -9.43 5.42
C GLU A 60 6.19 -9.29 3.95
N CYS A 61 5.27 -9.54 3.05
CA CYS A 61 5.58 -9.41 1.61
C CYS A 61 6.00 -7.97 1.28
N PHE A 62 5.35 -7.01 1.88
CA PHE A 62 5.72 -5.59 1.61
C PHE A 62 6.99 -5.24 2.39
N VAL A 63 7.78 -4.35 1.86
CA VAL A 63 9.06 -3.96 2.54
C VAL A 63 8.94 -2.52 3.07
N LYS A 64 9.28 -2.31 4.31
CA LYS A 64 9.20 -0.95 4.91
C LYS A 64 10.56 -0.25 4.70
N VAL A 65 10.58 0.87 4.02
CA VAL A 65 11.89 1.57 3.79
C VAL A 65 12.01 2.77 4.76
N PRO A 66 13.09 2.88 5.51
CA PRO A 66 13.26 4.02 6.46
C PRO A 66 13.68 5.31 5.74
N ARG A 67 13.32 6.45 6.27
CA ARG A 67 13.70 7.73 5.61
C ARG A 67 15.15 8.08 5.95
N ASP A 68 15.81 8.80 5.09
CA ASP A 68 17.22 9.20 5.38
C ASP A 68 17.23 10.41 6.31
N ASP A 69 18.36 10.70 6.90
CA ASP A 69 18.43 11.86 7.83
C ASP A 69 18.06 13.15 7.09
N LYS A 70 18.51 13.29 5.87
CA LYS A 70 18.19 14.52 5.09
C LYS A 70 16.69 14.79 5.16
N LYS A 71 15.93 13.80 5.58
CA LYS A 71 14.45 13.96 5.70
C LYS A 71 14.02 13.59 7.11
N PRO A 72 14.18 14.49 8.06
CA PRO A 72 13.82 14.22 9.47
C PRO A 72 12.30 14.29 9.71
N GLY A 73 11.76 13.31 10.41
CA GLY A 73 10.30 13.30 10.68
C GLY A 73 9.78 11.86 10.58
N LYS A 74 9.20 11.51 9.46
CA LYS A 74 8.67 10.12 9.30
C LYS A 74 9.84 9.15 9.14
N GLY A 75 9.62 7.90 9.47
CA GLY A 75 10.72 6.88 9.34
C GLY A 75 10.14 5.60 8.73
N SER A 76 9.25 5.72 7.77
CA SER A 76 8.66 4.50 7.14
C SER A 76 8.12 4.82 5.75
N TYR A 77 8.09 3.84 4.90
CA TYR A 77 7.56 4.02 3.51
C TYR A 77 7.02 2.66 3.04
N TRP A 78 6.33 2.63 1.93
CA TRP A 78 5.79 1.33 1.42
C TRP A 78 6.09 1.20 -0.07
N THR A 79 6.73 0.13 -0.46
CA THR A 79 7.06 -0.07 -1.90
C THR A 79 7.16 -1.57 -2.22
N LEU A 80 6.91 -1.95 -3.43
CA LEU A 80 6.98 -3.39 -3.80
C LEU A 80 8.46 -3.76 -4.00
N ASP A 81 8.77 -5.03 -4.00
CA ASP A 81 10.18 -5.45 -4.18
C ASP A 81 10.75 -4.75 -5.42
N PRO A 82 12.01 -4.95 -5.73
CA PRO A 82 12.65 -4.30 -6.92
C PRO A 82 11.96 -4.68 -8.22
N ASP A 83 12.69 -4.80 -9.28
CA ASP A 83 12.08 -5.18 -10.59
C ASP A 83 11.86 -6.70 -10.63
N SER A 84 11.14 -7.23 -9.69
CA SER A 84 10.89 -8.70 -9.68
C SER A 84 9.80 -9.03 -10.68
N TYR A 85 10.16 -9.20 -11.93
CA TYR A 85 9.15 -9.53 -12.97
C TYR A 85 8.99 -11.05 -13.06
N ASN A 86 9.89 -11.71 -13.73
CA ASN A 86 9.81 -13.20 -13.86
C ASN A 86 10.68 -13.85 -12.79
N MET A 87 11.23 -13.06 -11.91
CA MET A 87 12.10 -13.60 -10.84
C MET A 87 11.30 -14.56 -9.96
N PHE A 88 11.90 -15.65 -9.56
CA PHE A 88 11.20 -16.65 -8.69
C PHE A 88 11.87 -16.66 -7.33
N GLU A 89 11.21 -16.11 -6.34
CA GLU A 89 11.79 -16.06 -4.97
C GLU A 89 11.91 -17.49 -4.45
N ASN A 90 11.13 -18.37 -4.99
CA ASN A 90 11.17 -19.81 -4.57
C ASN A 90 12.00 -20.59 -5.60
N GLY A 91 12.80 -19.91 -6.36
CA GLY A 91 13.63 -20.60 -7.39
C GLY A 91 14.85 -19.73 -7.70
N SER A 92 15.14 -19.52 -8.97
CA SER A 92 16.30 -18.68 -9.34
C SER A 92 15.81 -17.30 -9.79
N PHE A 93 16.61 -16.59 -10.53
CA PHE A 93 16.21 -15.23 -10.99
C PHE A 93 15.87 -15.25 -12.49
N LEU A 94 16.35 -16.22 -13.22
CA LEU A 94 16.05 -16.27 -14.68
C LEU A 94 16.18 -17.72 -15.17
N MET A 1 -27.97 0.64 -7.08
CA MET A 1 -27.23 0.03 -5.94
C MET A 1 -25.74 0.05 -6.22
N LEU A 2 -24.94 0.37 -5.24
CA LEU A 2 -23.45 0.42 -5.44
C LEU A 2 -22.83 -0.89 -4.93
N VAL A 3 -21.85 -1.40 -5.63
CA VAL A 3 -21.20 -2.67 -5.20
C VAL A 3 -19.67 -2.50 -5.19
N LYS A 4 -18.97 -3.30 -4.44
CA LYS A 4 -17.49 -3.20 -4.40
C LYS A 4 -16.90 -3.88 -5.64
N PRO A 5 -15.75 -3.46 -6.09
CA PRO A 5 -15.09 -4.06 -7.29
C PRO A 5 -14.54 -5.46 -6.99
N PRO A 6 -14.30 -6.26 -8.00
CA PRO A 6 -13.77 -7.65 -7.83
C PRO A 6 -12.28 -7.71 -7.46
N TYR A 7 -11.72 -6.65 -6.92
CA TYR A 7 -10.27 -6.69 -6.55
C TYR A 7 -10.16 -7.04 -5.06
N SER A 8 -9.23 -7.89 -4.72
CA SER A 8 -9.05 -8.26 -3.28
C SER A 8 -8.41 -7.08 -2.56
N TYR A 9 -8.43 -7.08 -1.25
CA TYR A 9 -7.81 -5.96 -0.50
C TYR A 9 -6.33 -5.87 -0.85
N ILE A 10 -5.67 -6.98 -0.98
CA ILE A 10 -4.22 -6.96 -1.32
C ILE A 10 -4.04 -6.47 -2.75
N ALA A 11 -4.89 -6.87 -3.66
CA ALA A 11 -4.76 -6.40 -5.07
C ALA A 11 -4.92 -4.88 -5.12
N LEU A 12 -5.87 -4.35 -4.40
CA LEU A 12 -6.06 -2.87 -4.40
C LEU A 12 -4.78 -2.20 -3.90
N ILE A 13 -4.18 -2.78 -2.89
CA ILE A 13 -2.92 -2.20 -2.35
C ILE A 13 -1.79 -2.38 -3.36
N THR A 14 -1.70 -3.53 -3.97
CA THR A 14 -0.60 -3.76 -4.95
C THR A 14 -0.78 -2.83 -6.15
N MET A 15 -1.99 -2.67 -6.62
CA MET A 15 -2.23 -1.77 -7.79
C MET A 15 -2.01 -0.32 -7.39
N ALA A 16 -2.33 0.02 -6.17
CA ALA A 16 -2.16 1.43 -5.71
C ALA A 16 -0.69 1.83 -5.81
N ILE A 17 0.19 0.99 -5.35
CA ILE A 17 1.64 1.33 -5.41
C ILE A 17 2.08 1.49 -6.86
N GLN A 18 1.67 0.58 -7.70
CA GLN A 18 2.08 0.61 -9.14
C GLN A 18 1.55 1.86 -9.86
N ASN A 19 0.32 2.25 -9.63
CA ASN A 19 -0.22 3.45 -10.34
C ASN A 19 0.05 4.71 -9.52
N ALA A 20 0.84 4.61 -8.48
CA ALA A 20 1.14 5.81 -7.65
C ALA A 20 2.15 6.70 -8.39
N PRO A 21 2.12 7.99 -8.19
CA PRO A 21 3.07 8.92 -8.88
C PRO A 21 4.52 8.52 -8.56
N GLU A 22 4.69 7.87 -7.44
CA GLU A 22 6.05 7.40 -7.04
C GLU A 22 5.90 6.01 -6.44
N LYS A 23 6.87 5.16 -6.62
CA LYS A 23 6.76 3.79 -6.05
C LYS A 23 6.60 3.89 -4.53
N LYS A 24 7.31 4.79 -3.90
CA LYS A 24 7.17 4.91 -2.43
C LYS A 24 5.90 5.71 -2.12
N ILE A 25 5.06 5.19 -1.25
CA ILE A 25 3.81 5.92 -0.88
C ILE A 25 3.48 5.60 0.57
N THR A 26 2.96 6.55 1.30
CA THR A 26 2.63 6.30 2.73
C THR A 26 1.29 5.57 2.83
N LEU A 27 1.02 4.99 3.97
CA LEU A 27 -0.27 4.26 4.15
C LEU A 27 -1.43 5.23 3.95
N ASN A 28 -1.31 6.43 4.45
CA ASN A 28 -2.39 7.44 4.28
C ASN A 28 -2.63 7.71 2.79
N GLY A 29 -1.58 7.80 2.02
CA GLY A 29 -1.74 8.07 0.56
C GLY A 29 -2.58 6.98 -0.10
N ILE A 30 -2.37 5.74 0.28
CA ILE A 30 -3.15 4.63 -0.34
C ILE A 30 -4.65 4.83 -0.10
N TYR A 31 -5.04 5.25 1.08
CA TYR A 31 -6.49 5.43 1.35
C TYR A 31 -7.09 6.46 0.38
N GLN A 32 -6.39 7.52 0.09
CA GLN A 32 -6.96 8.53 -0.83
C GLN A 32 -7.26 7.90 -2.20
N PHE A 33 -6.39 7.04 -2.66
CA PHE A 33 -6.60 6.39 -3.98
C PHE A 33 -7.92 5.58 -4.01
N ILE A 34 -8.13 4.74 -3.04
CA ILE A 34 -9.37 3.90 -3.03
C ILE A 34 -10.64 4.74 -3.01
N MET A 35 -10.76 5.69 -2.12
CA MET A 35 -12.00 6.50 -2.06
C MET A 35 -12.24 7.24 -3.38
N ASP A 36 -11.21 7.76 -3.99
CA ASP A 36 -11.41 8.50 -5.27
C ASP A 36 -11.85 7.56 -6.39
N ARG A 37 -11.17 6.46 -6.55
CA ARG A 37 -11.53 5.49 -7.64
C ARG A 37 -12.87 4.79 -7.37
N PHE A 38 -13.14 4.40 -6.15
CA PHE A 38 -14.41 3.67 -5.84
C PHE A 38 -15.17 4.37 -4.71
N PRO A 39 -15.88 5.42 -5.02
CA PRO A 39 -16.67 6.20 -4.02
C PRO A 39 -17.56 5.32 -3.12
N PHE A 40 -17.69 4.06 -3.42
CA PHE A 40 -18.56 3.20 -2.56
C PHE A 40 -17.99 3.19 -1.13
N TYR A 41 -16.70 3.19 -1.02
CA TYR A 41 -16.05 3.15 0.33
C TYR A 41 -16.28 4.46 1.09
N ARG A 42 -16.45 5.56 0.40
CA ARG A 42 -16.68 6.83 1.14
C ARG A 42 -17.93 6.66 1.99
N GLU A 43 -18.94 6.02 1.48
CA GLU A 43 -20.18 5.80 2.27
C GLU A 43 -19.87 4.87 3.44
N ASN A 44 -19.08 3.86 3.18
CA ASN A 44 -18.68 2.88 4.25
C ASN A 44 -17.29 3.24 4.77
N LYS A 45 -17.21 3.88 5.90
CA LYS A 45 -15.87 4.25 6.45
C LYS A 45 -15.34 3.14 7.36
N GLN A 46 -15.84 3.08 8.57
CA GLN A 46 -15.35 2.05 9.53
C GLN A 46 -15.61 0.65 8.97
N GLY A 47 -14.68 -0.24 9.16
CA GLY A 47 -14.85 -1.65 8.66
C GLY A 47 -13.75 -1.97 7.65
N TRP A 48 -13.65 -1.21 6.59
CA TRP A 48 -12.60 -1.49 5.56
C TRP A 48 -11.31 -0.74 5.89
N GLN A 49 -11.34 0.17 6.83
CA GLN A 49 -10.10 0.92 7.15
C GLN A 49 -9.06 0.01 7.81
N ASN A 50 -9.42 -0.66 8.87
CA ASN A 50 -8.45 -1.53 9.57
C ASN A 50 -8.03 -2.71 8.69
N SER A 51 -8.92 -3.22 7.88
CA SER A 51 -8.55 -4.38 7.02
C SER A 51 -7.38 -4.01 6.11
N ILE A 52 -7.39 -2.83 5.56
CA ILE A 52 -6.29 -2.41 4.66
C ILE A 52 -4.96 -2.43 5.43
N ARG A 53 -4.93 -1.82 6.57
CA ARG A 53 -3.67 -1.78 7.38
C ARG A 53 -3.39 -3.16 7.99
N HIS A 54 -4.42 -3.83 8.43
CA HIS A 54 -4.21 -5.18 9.04
C HIS A 54 -3.58 -6.09 8.00
N ASN A 55 -3.99 -6.00 6.78
CA ASN A 55 -3.41 -6.85 5.71
C ASN A 55 -1.93 -6.48 5.51
N LEU A 56 -1.62 -5.21 5.54
CA LEU A 56 -0.20 -4.79 5.32
C LEU A 56 0.73 -5.39 6.39
N SER A 57 0.36 -5.34 7.64
CA SER A 57 1.26 -5.88 8.70
C SER A 57 1.42 -7.40 8.55
N LEU A 58 0.37 -8.09 8.22
CA LEU A 58 0.48 -9.57 8.06
C LEU A 58 1.35 -9.88 6.84
N ASN A 59 1.24 -9.10 5.81
CA ASN A 59 2.05 -9.36 4.59
C ASN A 59 3.47 -8.81 4.79
N GLU A 60 4.43 -9.69 4.90
CA GLU A 60 5.84 -9.25 5.10
C GLU A 60 6.50 -9.07 3.74
N CYS A 61 5.84 -9.48 2.69
CA CYS A 61 6.44 -9.32 1.33
C CYS A 61 6.67 -7.82 1.11
N PHE A 62 5.75 -7.01 1.53
CA PHE A 62 5.93 -5.54 1.37
C PHE A 62 6.87 -5.05 2.45
N VAL A 63 7.91 -4.34 2.10
CA VAL A 63 8.88 -3.84 3.13
C VAL A 63 8.61 -2.36 3.36
N LYS A 64 8.40 -1.96 4.59
CA LYS A 64 8.13 -0.52 4.87
C LYS A 64 9.42 0.19 5.29
N VAL A 65 9.82 1.16 4.53
CA VAL A 65 11.05 1.92 4.86
C VAL A 65 10.67 3.04 5.84
N PRO A 66 11.57 3.43 6.71
CA PRO A 66 11.29 4.51 7.70
C PRO A 66 11.29 5.89 7.03
N ARG A 67 11.57 6.93 7.76
CA ARG A 67 11.58 8.30 7.17
C ARG A 67 13.03 8.77 7.00
N ASP A 68 13.29 9.53 5.97
CA ASP A 68 14.67 10.02 5.71
C ASP A 68 14.89 11.37 6.41
N ASP A 69 16.00 12.01 6.13
CA ASP A 69 16.29 13.32 6.77
C ASP A 69 15.20 14.34 6.42
N LYS A 70 14.73 14.33 5.20
CA LYS A 70 13.68 15.29 4.80
C LYS A 70 12.32 14.77 5.27
N LYS A 71 12.18 14.55 6.54
CA LYS A 71 10.90 14.04 7.09
C LYS A 71 9.90 15.22 7.27
N PRO A 72 8.81 15.26 6.54
CA PRO A 72 7.82 16.36 6.66
C PRO A 72 6.78 16.11 7.76
N GLY A 73 6.97 15.06 8.52
CA GLY A 73 6.00 14.74 9.61
C GLY A 73 4.89 13.83 9.09
N LYS A 74 5.21 12.62 8.72
CA LYS A 74 4.18 11.68 8.19
C LYS A 74 4.45 10.27 8.72
N GLY A 75 3.62 9.33 8.39
CA GLY A 75 3.82 7.93 8.88
C GLY A 75 5.03 7.30 8.19
N SER A 76 5.14 5.99 8.26
CA SER A 76 6.28 5.29 7.62
C SER A 76 6.03 5.17 6.11
N TYR A 77 7.06 4.96 5.34
CA TYR A 77 6.88 4.84 3.86
C TYR A 77 6.70 3.36 3.49
N TRP A 78 5.75 3.08 2.62
CA TRP A 78 5.50 1.66 2.20
C TRP A 78 5.96 1.47 0.75
N THR A 79 6.67 0.40 0.48
CA THR A 79 7.16 0.15 -0.91
C THR A 79 7.38 -1.35 -1.14
N LEU A 80 7.48 -1.76 -2.37
CA LEU A 80 7.71 -3.19 -2.68
C LEU A 80 9.18 -3.51 -2.41
N ASP A 81 9.55 -4.77 -2.41
CA ASP A 81 10.98 -5.12 -2.14
C ASP A 81 11.89 -4.20 -2.97
N PRO A 82 13.00 -3.74 -2.41
CA PRO A 82 13.92 -2.82 -3.14
C PRO A 82 14.87 -3.56 -4.09
N ASP A 83 15.91 -2.90 -4.51
CA ASP A 83 16.90 -3.54 -5.41
C ASP A 83 17.96 -4.20 -4.54
N SER A 84 17.61 -5.29 -3.90
CA SER A 84 18.57 -5.98 -3.01
C SER A 84 19.79 -6.42 -3.81
N TYR A 85 19.59 -6.84 -5.02
CA TYR A 85 20.73 -7.30 -5.86
C TYR A 85 21.73 -6.16 -6.04
N ASN A 86 21.27 -4.95 -6.21
CA ASN A 86 22.20 -3.81 -6.42
C ASN A 86 22.96 -3.51 -5.13
N MET A 87 22.61 -4.15 -4.06
CA MET A 87 23.32 -3.89 -2.78
C MET A 87 24.64 -4.65 -2.76
N PHE A 88 25.70 -4.03 -3.17
CA PHE A 88 27.03 -4.71 -3.17
C PHE A 88 27.61 -4.67 -1.75
N GLU A 89 27.00 -3.91 -0.88
CA GLU A 89 27.50 -3.83 0.52
C GLU A 89 27.16 -5.12 1.27
N ASN A 90 27.96 -5.50 2.23
CA ASN A 90 27.66 -6.74 3.00
C ASN A 90 26.52 -6.48 3.98
N GLY A 91 25.51 -7.29 3.96
CA GLY A 91 24.36 -7.09 4.89
C GLY A 91 23.54 -5.89 4.44
N SER A 92 22.30 -6.10 4.09
CA SER A 92 21.45 -4.96 3.64
C SER A 92 21.29 -3.98 4.80
N PHE A 93 21.15 -4.48 6.00
CA PHE A 93 20.99 -3.58 7.18
C PHE A 93 21.75 -4.17 8.37
N LEU A 94 22.22 -3.34 9.26
CA LEU A 94 22.97 -3.84 10.44
C LEU A 94 22.17 -4.95 11.14
N MET A 1 -27.34 -1.12 -7.14
CA MET A 1 -26.65 -0.19 -6.20
C MET A 1 -25.14 -0.38 -6.30
N LEU A 2 -24.40 0.19 -5.40
CA LEU A 2 -22.91 0.03 -5.45
C LEU A 2 -22.50 -1.28 -4.79
N VAL A 3 -21.48 -1.92 -5.31
CA VAL A 3 -21.00 -3.21 -4.74
C VAL A 3 -19.49 -3.14 -4.52
N LYS A 4 -18.96 -3.98 -3.68
CA LYS A 4 -17.49 -3.95 -3.42
C LYS A 4 -16.76 -4.59 -4.62
N PRO A 5 -15.92 -3.87 -5.32
CA PRO A 5 -15.18 -4.42 -6.48
C PRO A 5 -14.62 -5.83 -6.19
N PRO A 6 -14.49 -6.67 -7.17
CA PRO A 6 -13.94 -8.05 -6.98
C PRO A 6 -12.44 -8.02 -6.66
N TYR A 7 -11.80 -6.90 -6.86
CA TYR A 7 -10.34 -6.84 -6.56
C TYR A 7 -10.13 -7.15 -5.08
N SER A 8 -9.16 -7.98 -4.77
CA SER A 8 -8.91 -8.30 -3.34
C SER A 8 -8.32 -7.05 -2.68
N TYR A 9 -8.34 -6.98 -1.37
CA TYR A 9 -7.76 -5.79 -0.70
C TYR A 9 -6.30 -5.67 -1.10
N ILE A 10 -5.61 -6.77 -1.18
CA ILE A 10 -4.18 -6.74 -1.59
C ILE A 10 -4.07 -6.17 -3.01
N ALA A 11 -4.91 -6.61 -3.90
CA ALA A 11 -4.86 -6.09 -5.30
C ALA A 11 -5.09 -4.59 -5.31
N LEU A 12 -6.08 -4.11 -4.59
CA LEU A 12 -6.35 -2.65 -4.57
C LEU A 12 -5.10 -1.94 -4.03
N ILE A 13 -4.48 -2.51 -3.03
CA ILE A 13 -3.25 -1.89 -2.46
C ILE A 13 -2.10 -2.01 -3.48
N THR A 14 -2.02 -3.12 -4.14
CA THR A 14 -0.93 -3.33 -5.15
C THR A 14 -1.09 -2.33 -6.30
N MET A 15 -2.31 -2.10 -6.71
CA MET A 15 -2.55 -1.14 -7.84
C MET A 15 -2.16 0.26 -7.41
N ALA A 16 -2.45 0.61 -6.19
CA ALA A 16 -2.13 1.98 -5.69
C ALA A 16 -0.61 2.21 -5.79
N ILE A 17 0.17 1.24 -5.43
CA ILE A 17 1.65 1.41 -5.49
C ILE A 17 2.07 1.60 -6.95
N GLN A 18 1.67 0.70 -7.79
CA GLN A 18 2.04 0.80 -9.23
C GLN A 18 1.39 2.06 -9.84
N ASN A 19 0.18 2.35 -9.46
CA ASN A 19 -0.50 3.55 -10.02
C ASN A 19 0.14 4.81 -9.48
N ALA A 20 0.82 4.73 -8.37
CA ALA A 20 1.48 5.95 -7.81
C ALA A 20 2.78 6.22 -8.58
N PRO A 21 3.16 7.46 -8.75
CA PRO A 21 4.42 7.80 -9.48
C PRO A 21 5.64 7.31 -8.69
N GLU A 22 5.67 7.60 -7.42
CA GLU A 22 6.78 7.14 -6.54
C GLU A 22 6.28 5.95 -5.74
N LYS A 23 6.93 4.82 -5.83
CA LYS A 23 6.46 3.62 -5.09
C LYS A 23 6.48 3.89 -3.58
N LYS A 24 7.34 4.75 -3.11
CA LYS A 24 7.37 5.03 -1.65
C LYS A 24 6.22 5.98 -1.30
N ILE A 25 5.06 5.44 -1.01
CA ILE A 25 3.88 6.27 -0.66
C ILE A 25 3.49 6.00 0.80
N THR A 26 2.90 6.97 1.46
CA THR A 26 2.52 6.78 2.88
C THR A 26 1.21 5.98 2.97
N LEU A 27 0.96 5.39 4.11
CA LEU A 27 -0.28 4.60 4.28
C LEU A 27 -1.49 5.53 4.09
N ASN A 28 -1.42 6.71 4.63
CA ASN A 28 -2.53 7.69 4.48
C ASN A 28 -2.79 7.99 3.01
N GLY A 29 -1.75 8.12 2.23
CA GLY A 29 -1.92 8.44 0.78
C GLY A 29 -2.69 7.32 0.07
N ILE A 30 -2.42 6.09 0.40
CA ILE A 30 -3.14 4.97 -0.28
C ILE A 30 -4.65 5.06 -0.03
N TYR A 31 -5.08 5.42 1.15
CA TYR A 31 -6.54 5.48 1.40
C TYR A 31 -7.20 6.50 0.45
N GLN A 32 -6.59 7.64 0.29
CA GLN A 32 -7.19 8.66 -0.61
C GLN A 32 -7.31 8.07 -2.03
N PHE A 33 -6.33 7.33 -2.45
CA PHE A 33 -6.35 6.72 -3.80
C PHE A 33 -7.56 5.78 -3.95
N ILE A 34 -7.77 4.88 -3.03
CA ILE A 34 -8.91 3.93 -3.14
C ILE A 34 -10.26 4.65 -3.13
N MET A 35 -10.47 5.55 -2.21
CA MET A 35 -11.78 6.24 -2.16
C MET A 35 -12.03 7.00 -3.47
N ASP A 36 -11.01 7.62 -4.01
CA ASP A 36 -11.20 8.37 -5.28
C ASP A 36 -11.53 7.41 -6.44
N ARG A 37 -10.79 6.33 -6.57
CA ARG A 37 -11.06 5.39 -7.69
C ARG A 37 -12.38 4.64 -7.48
N PHE A 38 -12.67 4.24 -6.27
CA PHE A 38 -13.94 3.49 -5.99
C PHE A 38 -14.72 4.19 -4.87
N PRO A 39 -15.38 5.28 -5.19
CA PRO A 39 -16.21 6.05 -4.20
C PRO A 39 -17.09 5.15 -3.33
N PHE A 40 -17.15 3.88 -3.64
CA PHE A 40 -17.98 2.95 -2.83
C PHE A 40 -17.50 2.98 -1.38
N TYR A 41 -16.22 3.04 -1.17
CA TYR A 41 -15.67 3.05 0.22
C TYR A 41 -15.98 4.37 0.94
N ARG A 42 -16.21 5.44 0.22
CA ARG A 42 -16.52 6.73 0.91
C ARG A 42 -17.79 6.53 1.75
N GLU A 43 -18.75 5.82 1.22
CA GLU A 43 -20.01 5.59 1.96
C GLU A 43 -19.75 4.71 3.18
N ASN A 44 -18.86 3.76 3.04
CA ASN A 44 -18.54 2.82 4.16
C ASN A 44 -17.14 3.11 4.73
N LYS A 45 -17.08 3.45 5.99
CA LYS A 45 -15.78 3.73 6.66
C LYS A 45 -15.62 2.72 7.81
N GLN A 46 -16.42 1.70 7.80
CA GLN A 46 -16.39 0.70 8.90
C GLN A 46 -15.02 0.04 9.08
N GLY A 47 -14.94 -1.26 8.92
CA GLY A 47 -13.65 -1.98 9.14
C GLY A 47 -12.80 -2.04 7.87
N TRP A 48 -13.31 -1.66 6.73
CA TRP A 48 -12.45 -1.73 5.52
C TRP A 48 -11.24 -0.82 5.76
N GLN A 49 -11.45 0.28 6.42
CA GLN A 49 -10.34 1.22 6.71
C GLN A 49 -9.27 0.50 7.54
N ASN A 50 -9.67 -0.14 8.61
CA ASN A 50 -8.68 -0.83 9.48
C ASN A 50 -8.10 -2.07 8.78
N SER A 51 -8.92 -2.80 8.07
CA SER A 51 -8.42 -4.05 7.40
C SER A 51 -7.26 -3.73 6.45
N ILE A 52 -7.26 -2.60 5.82
CA ILE A 52 -6.14 -2.27 4.90
C ILE A 52 -4.82 -2.27 5.68
N ARG A 53 -4.80 -1.65 6.83
CA ARG A 53 -3.54 -1.59 7.64
C ARG A 53 -3.26 -2.96 8.27
N HIS A 54 -4.28 -3.63 8.73
CA HIS A 54 -4.08 -4.95 9.38
C HIS A 54 -3.44 -5.94 8.40
N ASN A 55 -3.83 -5.92 7.16
CA ASN A 55 -3.22 -6.87 6.18
C ASN A 55 -1.80 -6.43 5.81
N LEU A 56 -1.49 -5.16 5.91
CA LEU A 56 -0.11 -4.72 5.54
C LEU A 56 0.91 -5.35 6.49
N SER A 57 0.63 -5.39 7.76
CA SER A 57 1.61 -5.98 8.72
C SER A 57 1.68 -7.50 8.52
N LEU A 58 0.56 -8.14 8.31
CA LEU A 58 0.60 -9.61 8.12
C LEU A 58 1.26 -9.94 6.79
N ASN A 59 0.97 -9.18 5.77
CA ASN A 59 1.60 -9.45 4.45
C ASN A 59 3.05 -9.00 4.49
N GLU A 60 3.97 -9.91 4.29
CA GLU A 60 5.40 -9.54 4.32
C GLU A 60 5.85 -9.16 2.90
N CYS A 61 4.98 -9.31 1.94
CA CYS A 61 5.34 -8.96 0.54
C CYS A 61 5.69 -7.47 0.48
N PHE A 62 4.95 -6.65 1.17
CA PHE A 62 5.24 -5.19 1.15
C PHE A 62 6.32 -4.88 2.20
N VAL A 63 7.16 -3.91 1.95
CA VAL A 63 8.24 -3.57 2.92
C VAL A 63 8.01 -2.15 3.45
N LYS A 64 7.93 -1.99 4.75
CA LYS A 64 7.73 -0.63 5.31
C LYS A 64 9.08 0.10 5.30
N VAL A 65 9.11 1.30 4.79
CA VAL A 65 10.38 2.08 4.72
C VAL A 65 10.31 3.30 5.65
N PRO A 66 10.90 3.23 6.82
CA PRO A 66 10.88 4.37 7.78
C PRO A 66 11.34 5.68 7.13
N ARG A 67 11.13 6.79 7.81
CA ARG A 67 11.54 8.12 7.26
C ARG A 67 12.69 8.68 8.10
N ASP A 68 13.41 9.64 7.59
CA ASP A 68 14.55 10.21 8.38
C ASP A 68 13.99 11.02 9.55
N ASP A 69 14.70 11.04 10.65
CA ASP A 69 14.22 11.78 11.84
C ASP A 69 14.50 13.28 11.67
N LYS A 70 15.37 13.63 10.76
CA LYS A 70 15.69 15.07 10.55
C LYS A 70 14.42 15.83 10.18
N LYS A 71 13.60 15.25 9.35
CA LYS A 71 12.33 15.92 8.93
C LYS A 71 11.16 15.02 9.33
N PRO A 72 10.68 15.14 10.56
CA PRO A 72 9.55 14.30 11.05
C PRO A 72 8.19 14.88 10.64
N GLY A 73 7.24 14.05 10.38
CA GLY A 73 5.89 14.54 9.97
C GLY A 73 5.07 13.38 9.42
N LYS A 74 5.71 12.47 8.72
CA LYS A 74 4.98 11.30 8.14
C LYS A 74 5.48 10.03 8.83
N GLY A 75 4.66 9.01 8.91
CA GLY A 75 5.11 7.75 9.59
C GLY A 75 6.15 7.03 8.74
N SER A 76 5.73 6.35 7.70
CA SER A 76 6.70 5.61 6.84
C SER A 76 6.08 5.37 5.46
N TYR A 77 6.87 4.91 4.52
CA TYR A 77 6.36 4.64 3.15
C TYR A 77 6.27 3.13 2.92
N TRP A 78 5.47 2.70 1.98
CA TRP A 78 5.35 1.24 1.68
C TRP A 78 5.74 1.02 0.22
N THR A 79 6.52 0.01 -0.05
CA THR A 79 6.95 -0.27 -1.46
C THR A 79 7.20 -1.77 -1.66
N LEU A 80 7.19 -2.21 -2.89
CA LEU A 80 7.43 -3.65 -3.16
C LEU A 80 8.92 -3.95 -3.06
N ASP A 81 9.28 -5.19 -2.85
CA ASP A 81 10.73 -5.52 -2.74
C ASP A 81 11.36 -5.52 -4.16
N PRO A 82 12.40 -4.76 -4.40
CA PRO A 82 13.04 -4.74 -5.74
C PRO A 82 13.30 -6.16 -6.25
N ASP A 83 14.26 -6.83 -5.66
CA ASP A 83 14.58 -8.22 -6.06
C ASP A 83 15.29 -8.89 -4.88
N SER A 84 14.86 -8.60 -3.69
CA SER A 84 15.53 -9.20 -2.49
C SER A 84 15.66 -10.71 -2.69
N TYR A 85 16.74 -11.14 -3.28
CA TYR A 85 16.92 -12.60 -3.52
C TYR A 85 17.18 -13.32 -2.19
N ASN A 86 18.09 -12.82 -1.40
CA ASN A 86 18.39 -13.47 -0.09
C ASN A 86 18.85 -12.41 0.91
N MET A 87 18.36 -11.21 0.76
CA MET A 87 18.77 -10.12 1.68
C MET A 87 17.90 -10.14 2.94
N PHE A 88 18.52 -10.04 4.10
CA PHE A 88 17.76 -10.06 5.37
C PHE A 88 17.52 -8.63 5.85
N GLU A 89 18.01 -7.65 5.11
CA GLU A 89 17.84 -6.23 5.52
C GLU A 89 17.55 -5.36 4.29
N ASN A 90 16.97 -4.21 4.51
CA ASN A 90 16.64 -3.30 3.38
C ASN A 90 17.26 -1.92 3.65
N GLY A 91 17.98 -1.39 2.70
CA GLY A 91 18.61 -0.05 2.92
C GLY A 91 19.27 0.42 1.62
N SER A 92 20.55 0.18 1.48
CA SER A 92 21.27 0.61 0.24
C SER A 92 21.54 -0.61 -0.64
N PHE A 93 20.62 -0.94 -1.51
CA PHE A 93 20.80 -2.12 -2.40
C PHE A 93 21.16 -1.63 -3.81
N LEU A 94 22.20 -2.19 -4.38
CA LEU A 94 22.62 -1.79 -5.76
C LEU A 94 22.33 -2.93 -6.73
N MET A 1 -26.77 1.68 -8.80
CA MET A 1 -26.40 1.32 -7.40
C MET A 1 -24.88 1.15 -7.32
N LEU A 2 -24.30 1.47 -6.19
CA LEU A 2 -22.82 1.33 -6.05
C LEU A 2 -22.47 -0.09 -5.61
N VAL A 3 -21.37 -0.62 -6.09
CA VAL A 3 -20.96 -2.00 -5.69
C VAL A 3 -19.45 -2.04 -5.52
N LYS A 4 -18.94 -3.06 -4.88
CA LYS A 4 -17.46 -3.17 -4.67
C LYS A 4 -16.84 -3.88 -5.88
N PRO A 5 -15.61 -3.56 -6.23
CA PRO A 5 -14.91 -4.19 -7.39
C PRO A 5 -14.43 -5.62 -7.07
N PRO A 6 -14.17 -6.41 -8.08
CA PRO A 6 -13.72 -7.83 -7.90
C PRO A 6 -12.25 -7.95 -7.44
N TYR A 7 -11.55 -6.86 -7.28
CA TYR A 7 -10.13 -6.95 -6.84
C TYR A 7 -10.09 -7.35 -5.36
N SER A 8 -9.12 -8.15 -4.99
CA SER A 8 -9.02 -8.56 -3.56
C SER A 8 -8.44 -7.40 -2.76
N TYR A 9 -8.57 -7.42 -1.46
CA TYR A 9 -8.01 -6.31 -0.66
C TYR A 9 -6.50 -6.24 -0.89
N ILE A 10 -5.86 -7.37 -0.97
CA ILE A 10 -4.38 -7.38 -1.20
C ILE A 10 -4.09 -6.81 -2.60
N ALA A 11 -4.90 -7.16 -3.56
CA ALA A 11 -4.68 -6.65 -4.94
C ALA A 11 -4.88 -5.12 -4.98
N LEU A 12 -5.86 -4.62 -4.30
CA LEU A 12 -6.09 -3.14 -4.31
C LEU A 12 -4.84 -2.44 -3.78
N ILE A 13 -4.24 -2.97 -2.76
CA ILE A 13 -3.01 -2.34 -2.21
C ILE A 13 -1.93 -2.41 -3.30
N THR A 14 -1.80 -3.54 -3.92
CA THR A 14 -0.79 -3.70 -5.00
C THR A 14 -1.07 -2.70 -6.12
N MET A 15 -2.31 -2.50 -6.45
CA MET A 15 -2.67 -1.54 -7.53
C MET A 15 -2.35 -0.10 -7.09
N ALA A 16 -2.61 0.21 -5.86
CA ALA A 16 -2.35 1.59 -5.37
C ALA A 16 -0.86 1.94 -5.51
N ILE A 17 0.02 1.07 -5.10
CA ILE A 17 1.48 1.36 -5.20
C ILE A 17 1.85 1.58 -6.66
N GLN A 18 1.48 0.67 -7.52
CA GLN A 18 1.82 0.80 -8.96
C GLN A 18 1.02 1.93 -9.60
N ASN A 19 -0.22 2.07 -9.25
CA ASN A 19 -1.06 3.15 -9.83
C ASN A 19 -0.49 4.50 -9.42
N ALA A 20 0.07 4.59 -8.24
CA ALA A 20 0.65 5.88 -7.77
C ALA A 20 2.00 6.11 -8.46
N PRO A 21 2.16 7.14 -9.25
CA PRO A 21 3.47 7.40 -9.92
C PRO A 21 4.62 7.29 -8.92
N GLU A 22 4.36 7.66 -7.69
CA GLU A 22 5.42 7.56 -6.63
C GLU A 22 5.17 6.30 -5.82
N LYS A 23 6.04 5.34 -5.88
CA LYS A 23 5.83 4.08 -5.13
C LYS A 23 5.97 4.34 -3.62
N LYS A 24 6.76 5.30 -3.25
CA LYS A 24 6.93 5.58 -1.79
C LYS A 24 5.72 6.36 -1.30
N ILE A 25 4.60 5.68 -1.14
CA ILE A 25 3.36 6.37 -0.65
C ILE A 25 3.17 6.07 0.83
N THR A 26 2.62 7.00 1.55
CA THR A 26 2.42 6.79 3.01
C THR A 26 1.18 5.93 3.24
N LEU A 27 1.03 5.41 4.42
CA LEU A 27 -0.16 4.55 4.74
C LEU A 27 -1.41 5.39 4.53
N ASN A 28 -1.40 6.58 5.07
CA ASN A 28 -2.58 7.50 4.94
C ASN A 28 -2.84 7.80 3.45
N GLY A 29 -1.80 7.99 2.69
CA GLY A 29 -1.99 8.33 1.25
C GLY A 29 -2.74 7.21 0.52
N ILE A 30 -2.46 5.98 0.82
CA ILE A 30 -3.16 4.87 0.13
C ILE A 30 -4.66 4.97 0.39
N TYR A 31 -5.05 5.24 1.61
CA TYR A 31 -6.51 5.33 1.93
C TYR A 31 -7.17 6.43 1.10
N GLN A 32 -6.53 7.56 0.94
CA GLN A 32 -7.15 8.66 0.15
C GLN A 32 -7.27 8.25 -1.32
N PHE A 33 -6.28 7.58 -1.84
CA PHE A 33 -6.31 7.16 -3.27
C PHE A 33 -7.51 6.24 -3.54
N ILE A 34 -7.74 5.26 -2.71
CA ILE A 34 -8.87 4.32 -2.95
C ILE A 34 -10.20 5.08 -2.96
N MET A 35 -10.39 6.03 -2.09
CA MET A 35 -11.67 6.79 -2.05
C MET A 35 -11.90 7.50 -3.39
N ASP A 36 -10.87 8.05 -3.97
CA ASP A 36 -11.04 8.80 -5.24
C ASP A 36 -11.38 7.85 -6.40
N ARG A 37 -10.60 6.83 -6.62
CA ARG A 37 -10.90 5.90 -7.75
C ARG A 37 -12.18 5.11 -7.47
N PHE A 38 -12.32 4.62 -6.26
CA PHE A 38 -13.54 3.83 -5.91
C PHE A 38 -14.32 4.62 -4.83
N PRO A 39 -15.40 5.30 -5.21
CA PRO A 39 -16.18 6.11 -4.24
C PRO A 39 -17.15 5.26 -3.41
N PHE A 40 -17.27 4.00 -3.73
CA PHE A 40 -18.20 3.14 -2.93
C PHE A 40 -17.73 3.15 -1.48
N TYR A 41 -16.44 3.17 -1.31
CA TYR A 41 -15.86 3.17 0.06
C TYR A 41 -16.24 4.45 0.82
N ARG A 42 -16.53 5.51 0.11
CA ARG A 42 -16.90 6.76 0.82
C ARG A 42 -18.16 6.52 1.66
N GLU A 43 -19.10 5.79 1.14
CA GLU A 43 -20.35 5.51 1.92
C GLU A 43 -20.02 4.58 3.08
N ASN A 44 -19.19 3.62 2.84
CA ASN A 44 -18.79 2.65 3.90
C ASN A 44 -17.38 3.01 4.38
N LYS A 45 -17.28 3.67 5.51
CA LYS A 45 -15.93 4.08 6.02
C LYS A 45 -15.41 3.04 7.01
N GLN A 46 -16.02 2.94 8.16
CA GLN A 46 -15.53 1.95 9.16
C GLN A 46 -15.68 0.52 8.64
N GLY A 47 -14.71 -0.31 8.90
CA GLY A 47 -14.76 -1.74 8.44
C GLY A 47 -13.66 -2.02 7.43
N TRP A 48 -13.65 -1.34 6.31
CA TRP A 48 -12.61 -1.60 5.28
C TRP A 48 -11.33 -0.81 5.59
N GLN A 49 -11.45 0.30 6.26
CA GLN A 49 -10.24 1.13 6.55
C GLN A 49 -9.21 0.37 7.38
N ASN A 50 -9.63 -0.36 8.38
CA ASN A 50 -8.65 -1.08 9.24
C ASN A 50 -8.12 -2.35 8.55
N SER A 51 -8.92 -3.02 7.77
CA SER A 51 -8.47 -4.27 7.11
C SER A 51 -7.24 -4.02 6.21
N ILE A 52 -7.24 -2.93 5.49
CA ILE A 52 -6.10 -2.66 4.57
C ILE A 52 -4.78 -2.50 5.34
N ARG A 53 -4.69 -1.57 6.24
CA ARG A 53 -3.40 -1.36 6.98
C ARG A 53 -3.15 -2.53 7.94
N HIS A 54 -4.18 -3.09 8.50
CA HIS A 54 -3.98 -4.23 9.44
C HIS A 54 -3.27 -5.37 8.70
N ASN A 55 -3.65 -5.61 7.47
CA ASN A 55 -3.04 -6.73 6.70
C ASN A 55 -1.58 -6.43 6.34
N LEU A 56 -1.19 -5.19 6.33
CA LEU A 56 0.22 -4.87 5.96
C LEU A 56 1.20 -5.56 6.92
N SER A 57 1.00 -5.42 8.21
CA SER A 57 1.93 -6.07 9.17
C SER A 57 1.93 -7.59 8.96
N LEU A 58 0.79 -8.15 8.72
CA LEU A 58 0.72 -9.63 8.50
C LEU A 58 1.45 -9.97 7.20
N ASN A 59 1.29 -9.15 6.19
CA ASN A 59 1.96 -9.43 4.89
C ASN A 59 3.44 -9.06 4.97
N GLU A 60 4.30 -10.03 4.89
CA GLU A 60 5.77 -9.76 4.95
C GLU A 60 6.26 -9.52 3.52
N CYS A 61 5.42 -9.72 2.54
CA CYS A 61 5.82 -9.51 1.12
C CYS A 61 6.21 -8.05 0.91
N PHE A 62 5.51 -7.13 1.53
CA PHE A 62 5.84 -5.69 1.33
C PHE A 62 7.06 -5.36 2.19
N VAL A 63 7.80 -4.33 1.84
CA VAL A 63 9.02 -3.95 2.62
C VAL A 63 8.85 -2.53 3.15
N LYS A 64 9.09 -2.33 4.42
CA LYS A 64 8.96 -0.96 5.00
C LYS A 64 10.09 -0.08 4.47
N VAL A 65 9.80 1.17 4.21
CA VAL A 65 10.84 2.12 3.71
C VAL A 65 10.86 3.35 4.61
N PRO A 66 11.62 3.33 5.67
CA PRO A 66 11.69 4.49 6.62
C PRO A 66 11.82 5.82 5.88
N ARG A 67 11.80 6.91 6.61
CA ARG A 67 11.89 8.25 5.98
C ARG A 67 13.34 8.75 6.05
N ASP A 68 13.70 9.65 5.17
CA ASP A 68 15.09 10.19 5.20
C ASP A 68 15.30 10.99 6.48
N ASP A 69 16.52 11.32 6.80
CA ASP A 69 16.79 12.10 8.04
C ASP A 69 15.91 13.35 8.02
N LYS A 70 15.65 13.88 6.85
CA LYS A 70 14.79 15.08 6.75
C LYS A 70 13.34 14.61 6.72
N LYS A 71 12.93 13.90 7.73
CA LYS A 71 11.54 13.37 7.78
C LYS A 71 10.57 14.51 8.16
N PRO A 72 9.49 14.71 7.45
CA PRO A 72 8.52 15.80 7.76
C PRO A 72 7.51 15.41 8.83
N GLY A 73 7.64 14.23 9.37
CA GLY A 73 6.68 13.77 10.42
C GLY A 73 5.53 12.99 9.78
N LYS A 74 5.84 11.97 9.03
CA LYS A 74 4.80 11.14 8.37
C LYS A 74 5.09 9.65 8.63
N GLY A 75 4.19 8.79 8.29
CA GLY A 75 4.43 7.34 8.54
C GLY A 75 5.51 6.84 7.58
N SER A 76 5.86 5.59 7.66
CA SER A 76 6.92 5.04 6.76
C SER A 76 6.30 4.76 5.38
N TYR A 77 7.03 4.99 4.33
CA TYR A 77 6.47 4.73 2.97
C TYR A 77 6.56 3.23 2.67
N TRP A 78 5.73 2.74 1.79
CA TRP A 78 5.72 1.29 1.46
C TRP A 78 6.02 1.09 -0.03
N THR A 79 6.80 0.09 -0.36
CA THR A 79 7.15 -0.17 -1.78
C THR A 79 7.27 -1.67 -2.03
N LEU A 80 7.17 -2.09 -3.27
CA LEU A 80 7.30 -3.54 -3.58
C LEU A 80 8.77 -3.93 -3.50
N ASP A 81 9.07 -5.20 -3.53
CA ASP A 81 10.49 -5.64 -3.45
C ASP A 81 11.28 -4.99 -4.61
N PRO A 82 12.54 -4.68 -4.41
CA PRO A 82 13.38 -4.02 -5.47
C PRO A 82 13.62 -4.95 -6.67
N ASP A 83 14.70 -4.73 -7.39
CA ASP A 83 15.00 -5.59 -8.58
C ASP A 83 15.33 -6.99 -8.10
N SER A 84 14.47 -7.57 -7.31
CA SER A 84 14.72 -8.95 -6.78
C SER A 84 14.83 -9.93 -7.94
N TYR A 85 14.05 -9.76 -8.97
CA TYR A 85 14.13 -10.70 -10.12
C TYR A 85 15.58 -10.70 -10.65
N ASN A 86 16.14 -9.52 -10.80
CA ASN A 86 17.55 -9.42 -11.30
C ASN A 86 18.22 -8.25 -10.59
N MET A 87 18.74 -8.50 -9.43
CA MET A 87 19.42 -7.42 -8.64
C MET A 87 20.91 -7.42 -8.98
N PHE A 88 21.40 -6.35 -9.58
CA PHE A 88 22.85 -6.28 -9.91
C PHE A 88 23.65 -6.37 -8.62
N GLU A 89 23.20 -5.73 -7.59
CA GLU A 89 23.93 -5.76 -6.29
C GLU A 89 23.88 -7.17 -5.70
N ASN A 90 24.78 -7.48 -4.80
CA ASN A 90 24.76 -8.84 -4.18
C ASN A 90 23.44 -9.04 -3.45
N GLY A 91 22.98 -10.26 -3.38
CA GLY A 91 21.68 -10.51 -2.68
C GLY A 91 21.35 -12.00 -2.73
N SER A 92 20.28 -12.36 -3.38
CA SER A 92 19.89 -13.79 -3.47
C SER A 92 20.99 -14.60 -4.15
N PHE A 93 21.61 -14.07 -5.16
CA PHE A 93 22.69 -14.82 -5.86
C PHE A 93 24.03 -14.60 -5.15
N LEU A 94 24.64 -15.66 -4.67
CA LEU A 94 25.96 -15.54 -3.98
C LEU A 94 27.02 -16.19 -4.87
N MET A 1 -24.85 3.34 -10.86
CA MET A 1 -24.89 3.53 -9.38
C MET A 1 -23.59 3.02 -8.77
N LEU A 2 -23.45 3.15 -7.48
CA LEU A 2 -22.20 2.67 -6.82
C LEU A 2 -22.16 1.14 -6.84
N VAL A 3 -21.01 0.58 -7.08
CA VAL A 3 -20.88 -0.91 -7.12
C VAL A 3 -19.57 -1.33 -6.46
N LYS A 4 -19.55 -2.48 -5.83
CA LYS A 4 -18.30 -2.96 -5.17
C LYS A 4 -17.42 -3.63 -6.23
N PRO A 5 -16.16 -3.28 -6.34
CA PRO A 5 -15.26 -3.90 -7.37
C PRO A 5 -14.75 -5.29 -6.94
N PRO A 6 -14.44 -6.15 -7.88
CA PRO A 6 -13.95 -7.53 -7.58
C PRO A 6 -12.47 -7.56 -7.15
N TYR A 7 -11.81 -6.44 -7.13
CA TYR A 7 -10.37 -6.43 -6.72
C TYR A 7 -10.26 -6.86 -5.25
N SER A 8 -9.23 -7.58 -4.92
CA SER A 8 -9.03 -7.99 -3.50
C SER A 8 -8.42 -6.82 -2.75
N TYR A 9 -8.43 -6.86 -1.44
CA TYR A 9 -7.84 -5.71 -0.67
C TYR A 9 -6.37 -5.55 -1.05
N ILE A 10 -5.67 -6.64 -1.21
CA ILE A 10 -4.23 -6.57 -1.58
C ILE A 10 -4.09 -6.03 -3.01
N ALA A 11 -4.94 -6.45 -3.91
CA ALA A 11 -4.84 -5.96 -5.32
C ALA A 11 -4.95 -4.44 -5.36
N LEU A 12 -5.89 -3.88 -4.65
CA LEU A 12 -6.02 -2.39 -4.66
C LEU A 12 -4.72 -1.79 -4.14
N ILE A 13 -4.20 -2.33 -3.08
CA ILE A 13 -2.91 -1.82 -2.53
C ILE A 13 -1.80 -2.05 -3.56
N THR A 14 -1.76 -3.23 -4.12
CA THR A 14 -0.69 -3.54 -5.11
C THR A 14 -0.82 -2.64 -6.34
N MET A 15 -2.02 -2.38 -6.81
CA MET A 15 -2.18 -1.50 -8.00
C MET A 15 -1.84 -0.06 -7.62
N ALA A 16 -2.23 0.36 -6.44
CA ALA A 16 -1.95 1.75 -6.01
C ALA A 16 -0.45 2.02 -6.01
N ILE A 17 0.34 1.13 -5.47
CA ILE A 17 1.82 1.36 -5.45
C ILE A 17 2.32 1.48 -6.89
N GLN A 18 1.94 0.55 -7.72
CA GLN A 18 2.36 0.58 -9.15
C GLN A 18 1.83 1.85 -9.82
N ASN A 19 0.62 2.22 -9.50
CA ASN A 19 0.01 3.43 -10.13
C ASN A 19 0.55 4.70 -9.46
N ALA A 20 1.33 4.56 -8.42
CA ALA A 20 1.85 5.76 -7.72
C ALA A 20 3.05 6.33 -8.52
N PRO A 21 3.04 7.61 -8.87
CA PRO A 21 4.16 8.22 -9.62
C PRO A 21 5.51 7.73 -9.08
N GLU A 22 5.50 7.23 -7.87
CA GLU A 22 6.75 6.71 -7.24
C GLU A 22 6.39 5.43 -6.50
N LYS A 23 7.25 4.45 -6.53
CA LYS A 23 6.94 3.17 -5.81
C LYS A 23 6.77 3.47 -4.32
N LYS A 24 7.52 4.41 -3.80
CA LYS A 24 7.42 4.73 -2.35
C LYS A 24 6.18 5.60 -2.12
N ILE A 25 5.24 5.13 -1.34
CA ILE A 25 4.00 5.92 -1.06
C ILE A 25 3.67 5.85 0.44
N THR A 26 2.92 6.78 0.93
CA THR A 26 2.57 6.80 2.39
C THR A 26 1.34 5.94 2.67
N LEU A 27 1.16 5.56 3.90
CA LEU A 27 -0.01 4.74 4.31
C LEU A 27 -1.30 5.51 4.00
N ASN A 28 -1.36 6.73 4.44
CA ASN A 28 -2.56 7.58 4.19
C ASN A 28 -2.80 7.75 2.69
N GLY A 29 -1.76 7.91 1.92
CA GLY A 29 -1.93 8.10 0.46
C GLY A 29 -2.70 6.91 -0.15
N ILE A 30 -2.42 5.72 0.29
CA ILE A 30 -3.14 4.54 -0.27
C ILE A 30 -4.65 4.65 -0.01
N TYR A 31 -5.03 5.09 1.16
CA TYR A 31 -6.49 5.21 1.46
C TYR A 31 -7.19 6.16 0.47
N GLN A 32 -6.56 7.25 0.13
CA GLN A 32 -7.21 8.20 -0.82
C GLN A 32 -7.43 7.56 -2.19
N PHE A 33 -6.52 6.76 -2.64
CA PHE A 33 -6.67 6.12 -3.98
C PHE A 33 -7.94 5.28 -4.05
N ILE A 34 -8.22 4.48 -3.04
CA ILE A 34 -9.43 3.62 -3.07
C ILE A 34 -10.73 4.43 -2.95
N MET A 35 -10.85 5.26 -1.95
CA MET A 35 -12.11 6.06 -1.79
C MET A 35 -12.35 6.96 -3.00
N ASP A 36 -11.33 7.58 -3.52
CA ASP A 36 -11.53 8.50 -4.67
C ASP A 36 -12.09 7.75 -5.89
N ARG A 37 -11.48 6.65 -6.27
CA ARG A 37 -11.98 5.89 -7.44
C ARG A 37 -13.32 5.22 -7.14
N PHE A 38 -13.48 4.67 -5.97
CA PHE A 38 -14.77 3.98 -5.62
C PHE A 38 -15.40 4.61 -4.39
N PRO A 39 -16.12 5.69 -4.56
CA PRO A 39 -16.82 6.37 -3.43
C PRO A 39 -17.66 5.38 -2.63
N PHE A 40 -17.72 4.17 -3.08
CA PHE A 40 -18.49 3.12 -2.37
C PHE A 40 -17.92 2.96 -0.95
N TYR A 41 -16.63 3.01 -0.83
CA TYR A 41 -15.99 2.87 0.50
C TYR A 41 -16.27 4.08 1.37
N ARG A 42 -16.44 5.23 0.79
CA ARG A 42 -16.71 6.44 1.62
C ARG A 42 -17.99 6.24 2.43
N GLU A 43 -19.00 5.64 1.85
CA GLU A 43 -20.26 5.42 2.60
C GLU A 43 -20.00 4.51 3.79
N ASN A 44 -19.20 3.51 3.60
CA ASN A 44 -18.86 2.54 4.69
C ASN A 44 -17.40 2.72 5.09
N LYS A 45 -17.08 3.74 5.84
CA LYS A 45 -15.66 3.94 6.25
C LYS A 45 -15.24 2.85 7.24
N GLN A 46 -16.10 2.50 8.15
CA GLN A 46 -15.74 1.46 9.15
C GLN A 46 -15.79 0.06 8.53
N GLY A 47 -14.95 -0.83 8.98
CA GLY A 47 -14.93 -2.23 8.44
C GLY A 47 -13.72 -2.44 7.54
N TRP A 48 -13.62 -1.70 6.46
CA TRP A 48 -12.48 -1.88 5.53
C TRP A 48 -11.30 -0.97 5.93
N GLN A 49 -11.51 -0.05 6.83
CA GLN A 49 -10.41 0.87 7.22
C GLN A 49 -9.27 0.10 7.90
N ASN A 50 -9.55 -0.60 8.96
CA ASN A 50 -8.47 -1.35 9.67
C ASN A 50 -8.00 -2.54 8.83
N SER A 51 -8.87 -3.12 8.05
CA SER A 51 -8.48 -4.30 7.23
C SER A 51 -7.34 -3.95 6.29
N ILE A 52 -7.35 -2.78 5.72
CA ILE A 52 -6.26 -2.39 4.78
C ILE A 52 -4.90 -2.42 5.49
N ARG A 53 -4.80 -1.80 6.63
CA ARG A 53 -3.50 -1.80 7.36
C ARG A 53 -3.18 -3.19 7.91
N HIS A 54 -4.18 -3.91 8.34
CA HIS A 54 -3.92 -5.27 8.90
C HIS A 54 -3.26 -6.15 7.84
N ASN A 55 -3.68 -6.07 6.62
CA ASN A 55 -3.04 -6.92 5.58
C ASN A 55 -1.61 -6.43 5.39
N LEU A 56 -1.40 -5.13 5.39
CA LEU A 56 -0.02 -4.59 5.22
C LEU A 56 0.89 -5.09 6.35
N SER A 57 0.45 -4.99 7.58
CA SER A 57 1.31 -5.45 8.72
C SER A 57 1.43 -6.98 8.71
N LEU A 58 0.36 -7.67 8.46
CA LEU A 58 0.42 -9.16 8.46
C LEU A 58 1.25 -9.64 7.26
N ASN A 59 1.09 -9.01 6.13
CA ASN A 59 1.87 -9.43 4.93
C ASN A 59 3.32 -8.95 5.10
N GLU A 60 4.24 -9.87 5.13
CA GLU A 60 5.68 -9.49 5.31
C GLU A 60 6.28 -9.11 3.95
N CYS A 61 5.57 -9.36 2.89
CA CYS A 61 6.09 -9.02 1.54
C CYS A 61 6.35 -7.50 1.47
N PHE A 62 5.48 -6.71 2.03
CA PHE A 62 5.68 -5.24 1.98
C PHE A 62 6.71 -4.84 3.05
N VAL A 63 7.57 -3.92 2.72
CA VAL A 63 8.63 -3.48 3.68
C VAL A 63 8.41 -2.02 4.08
N LYS A 64 8.41 -1.72 5.35
CA LYS A 64 8.21 -0.32 5.78
C LYS A 64 9.46 0.49 5.49
N VAL A 65 9.31 1.67 4.95
CA VAL A 65 10.48 2.54 4.61
C VAL A 65 10.25 3.94 5.19
N PRO A 66 11.15 4.49 5.98
CA PRO A 66 10.98 5.85 6.56
C PRO A 66 11.38 6.96 5.58
N ARG A 67 11.09 8.19 5.91
CA ARG A 67 11.46 9.32 5.01
C ARG A 67 12.98 9.48 5.00
N ASP A 68 13.46 10.51 5.63
CA ASP A 68 14.93 10.76 5.68
C ASP A 68 15.29 11.44 7.00
N ASP A 69 16.56 11.55 7.30
CA ASP A 69 16.97 12.19 8.59
C ASP A 69 16.62 13.68 8.59
N LYS A 70 16.67 14.32 7.45
CA LYS A 70 16.37 15.78 7.41
C LYS A 70 14.95 16.05 7.91
N LYS A 71 14.01 15.22 7.55
CA LYS A 71 12.59 15.43 8.00
C LYS A 71 12.15 14.21 8.83
N PRO A 72 11.82 14.37 10.09
CA PRO A 72 11.38 13.24 10.94
C PRO A 72 10.44 12.28 10.20
N GLY A 73 10.25 11.10 10.71
CA GLY A 73 9.36 10.12 10.01
C GLY A 73 7.90 10.58 10.16
N LYS A 74 7.50 11.55 9.40
CA LYS A 74 6.10 12.04 9.48
C LYS A 74 5.16 10.89 9.13
N GLY A 75 5.55 10.11 8.16
CA GLY A 75 4.74 8.95 7.72
C GLY A 75 5.69 7.83 7.30
N SER A 76 5.22 6.61 7.25
CA SER A 76 6.10 5.48 6.85
C SER A 76 5.86 5.14 5.37
N TYR A 77 6.87 5.25 4.55
CA TYR A 77 6.70 4.93 3.11
C TYR A 77 6.65 3.41 2.94
N TRP A 78 5.92 2.95 1.95
CA TRP A 78 5.78 1.48 1.70
C TRP A 78 6.32 1.14 0.31
N THR A 79 6.98 0.02 0.16
CA THR A 79 7.52 -0.38 -1.17
C THR A 79 7.39 -1.90 -1.34
N LEU A 80 7.43 -2.38 -2.55
CA LEU A 80 7.31 -3.85 -2.78
C LEU A 80 8.68 -4.51 -2.69
N ASP A 81 8.76 -5.63 -2.02
CA ASP A 81 10.05 -6.35 -1.89
C ASP A 81 10.40 -7.01 -3.23
N PRO A 82 11.62 -6.90 -3.72
CA PRO A 82 12.01 -7.54 -5.01
C PRO A 82 12.30 -9.03 -4.83
N ASP A 83 12.97 -9.63 -5.77
CA ASP A 83 13.29 -11.08 -5.65
C ASP A 83 14.54 -11.24 -4.79
N SER A 84 14.61 -10.55 -3.69
CA SER A 84 15.79 -10.63 -2.80
C SER A 84 16.09 -12.10 -2.46
N TYR A 85 15.07 -12.91 -2.41
CA TYR A 85 15.27 -14.35 -2.08
C TYR A 85 16.19 -14.99 -3.12
N ASN A 86 16.02 -14.63 -4.37
CA ASN A 86 16.85 -15.25 -5.45
C ASN A 86 18.16 -14.49 -5.64
N MET A 87 18.48 -13.59 -4.77
CA MET A 87 19.76 -12.84 -4.92
C MET A 87 20.92 -13.68 -4.37
N PHE A 88 22.06 -13.61 -5.00
CA PHE A 88 23.25 -14.39 -4.54
C PHE A 88 24.52 -13.63 -4.89
N GLU A 89 25.53 -14.32 -5.35
CA GLU A 89 26.81 -13.64 -5.70
C GLU A 89 26.81 -13.26 -7.17
N ASN A 90 25.69 -13.36 -7.83
CA ASN A 90 25.60 -13.00 -9.27
C ASN A 90 24.45 -12.01 -9.48
N GLY A 91 24.67 -10.99 -10.26
CA GLY A 91 23.59 -9.99 -10.49
C GLY A 91 23.94 -9.11 -11.70
N SER A 92 23.54 -9.53 -12.86
CA SER A 92 23.83 -8.73 -14.09
C SER A 92 22.59 -7.93 -14.48
N PHE A 93 21.64 -7.83 -13.59
CA PHE A 93 20.40 -7.05 -13.91
C PHE A 93 20.76 -5.60 -14.22
N LEU A 94 21.53 -4.97 -13.38
CA LEU A 94 21.96 -3.55 -13.62
C LEU A 94 23.46 -3.45 -13.34
N MET A 1 -26.85 2.09 -5.50
CA MET A 1 -26.11 2.32 -6.76
C MET A 1 -24.61 2.14 -6.49
N LEU A 2 -24.28 1.51 -5.40
CA LEU A 2 -22.84 1.30 -5.04
C LEU A 2 -22.56 -0.21 -4.98
N VAL A 3 -21.40 -0.63 -5.42
CA VAL A 3 -21.06 -2.09 -5.39
C VAL A 3 -19.62 -2.27 -4.92
N LYS A 4 -19.28 -3.44 -4.46
CA LYS A 4 -17.89 -3.70 -3.99
C LYS A 4 -17.03 -4.12 -5.20
N PRO A 5 -16.01 -3.38 -5.57
CA PRO A 5 -15.14 -3.76 -6.73
C PRO A 5 -14.67 -5.23 -6.61
N PRO A 6 -14.42 -5.89 -7.72
CA PRO A 6 -13.97 -7.31 -7.71
C PRO A 6 -12.48 -7.47 -7.32
N TYR A 7 -11.77 -6.38 -7.16
CA TYR A 7 -10.33 -6.48 -6.80
C TYR A 7 -10.20 -6.98 -5.37
N SER A 8 -9.21 -7.80 -5.11
CA SER A 8 -9.01 -8.32 -3.73
C SER A 8 -8.49 -7.18 -2.85
N TYR A 9 -8.60 -7.29 -1.56
CA TYR A 9 -8.11 -6.20 -0.67
C TYR A 9 -6.62 -6.00 -0.91
N ILE A 10 -5.89 -7.08 -1.07
CA ILE A 10 -4.43 -6.95 -1.34
C ILE A 10 -4.22 -6.37 -2.73
N ALA A 11 -5.01 -6.78 -3.68
CA ALA A 11 -4.86 -6.25 -5.07
C ALA A 11 -5.05 -4.73 -5.09
N LEU A 12 -6.01 -4.22 -4.38
CA LEU A 12 -6.22 -2.74 -4.37
C LEU A 12 -4.95 -2.06 -3.84
N ILE A 13 -4.35 -2.64 -2.85
CA ILE A 13 -3.11 -2.04 -2.28
C ILE A 13 -1.98 -2.16 -3.30
N THR A 14 -1.91 -3.27 -3.97
CA THR A 14 -0.83 -3.47 -4.98
C THR A 14 -1.00 -2.49 -6.15
N MET A 15 -2.20 -2.26 -6.58
CA MET A 15 -2.43 -1.32 -7.72
C MET A 15 -2.14 0.11 -7.27
N ALA A 16 -2.48 0.45 -6.06
CA ALA A 16 -2.24 1.83 -5.57
C ALA A 16 -0.74 2.15 -5.61
N ILE A 17 0.08 1.25 -5.14
CA ILE A 17 1.55 1.51 -5.15
C ILE A 17 2.00 1.70 -6.59
N GLN A 18 1.61 0.80 -7.45
CA GLN A 18 1.99 0.88 -8.88
C GLN A 18 1.33 2.08 -9.56
N ASN A 19 0.09 2.36 -9.24
CA ASN A 19 -0.61 3.51 -9.88
C ASN A 19 0.02 4.82 -9.43
N ALA A 20 0.74 4.81 -8.35
CA ALA A 20 1.38 6.06 -7.85
C ALA A 20 2.65 6.33 -8.68
N PRO A 21 3.04 7.58 -8.85
CA PRO A 21 4.27 7.92 -9.62
C PRO A 21 5.48 7.28 -8.95
N GLU A 22 5.63 7.49 -7.68
CA GLU A 22 6.76 6.87 -6.93
C GLU A 22 6.18 5.69 -6.16
N LYS A 23 6.84 4.56 -6.17
CA LYS A 23 6.28 3.38 -5.45
C LYS A 23 6.21 3.69 -3.95
N LYS A 24 6.95 4.65 -3.48
CA LYS A 24 6.90 4.99 -2.04
C LYS A 24 5.64 5.82 -1.76
N ILE A 25 4.83 5.40 -0.84
CA ILE A 25 3.59 6.17 -0.52
C ILE A 25 3.22 5.98 0.94
N THR A 26 2.55 6.94 1.54
CA THR A 26 2.18 6.80 2.97
C THR A 26 0.93 5.93 3.10
N LEU A 27 0.71 5.36 4.25
CA LEU A 27 -0.49 4.51 4.45
C LEU A 27 -1.73 5.35 4.18
N ASN A 28 -1.73 6.56 4.69
CA ASN A 28 -2.89 7.47 4.48
C ASN A 28 -3.07 7.78 3.00
N GLY A 29 -1.99 7.98 2.28
CA GLY A 29 -2.11 8.29 0.83
C GLY A 29 -2.84 7.15 0.12
N ILE A 30 -2.59 5.94 0.52
CA ILE A 30 -3.26 4.79 -0.16
C ILE A 30 -4.78 4.91 0.00
N TYR A 31 -5.27 5.33 1.14
CA TYR A 31 -6.75 5.44 1.31
C TYR A 31 -7.32 6.50 0.36
N GLN A 32 -6.63 7.60 0.18
CA GLN A 32 -7.16 8.65 -0.72
C GLN A 32 -7.33 8.07 -2.12
N PHE A 33 -6.40 7.28 -2.56
CA PHE A 33 -6.51 6.68 -3.92
C PHE A 33 -7.75 5.78 -4.04
N ILE A 34 -7.94 4.89 -3.10
CA ILE A 34 -9.12 3.96 -3.18
C ILE A 34 -10.45 4.71 -3.17
N MET A 35 -10.67 5.61 -2.24
CA MET A 35 -11.98 6.32 -2.20
C MET A 35 -12.21 7.09 -3.51
N ASP A 36 -11.19 7.71 -4.04
CA ASP A 36 -11.36 8.50 -5.29
C ASP A 36 -11.72 7.59 -6.47
N ARG A 37 -11.01 6.51 -6.67
CA ARG A 37 -11.34 5.63 -7.83
C ARG A 37 -12.68 4.93 -7.58
N PHE A 38 -12.89 4.43 -6.39
CA PHE A 38 -14.16 3.72 -6.06
C PHE A 38 -14.89 4.51 -4.95
N PRO A 39 -16.02 5.13 -5.23
CA PRO A 39 -16.75 5.93 -4.21
C PRO A 39 -17.56 5.06 -3.24
N PHE A 40 -17.60 3.78 -3.50
CA PHE A 40 -18.36 2.86 -2.61
C PHE A 40 -17.78 2.93 -1.19
N TYR A 41 -16.49 3.04 -1.06
CA TYR A 41 -15.88 3.09 0.30
C TYR A 41 -16.22 4.40 0.99
N ARG A 42 -16.53 5.43 0.25
CA ARG A 42 -16.88 6.72 0.91
C ARG A 42 -18.09 6.53 1.83
N GLU A 43 -19.06 5.76 1.39
CA GLU A 43 -20.27 5.55 2.24
C GLU A 43 -19.89 4.86 3.54
N ASN A 44 -19.02 3.90 3.46
CA ASN A 44 -18.59 3.15 4.68
C ASN A 44 -17.10 3.42 4.94
N LYS A 45 -16.80 4.32 5.83
CA LYS A 45 -15.37 4.62 6.13
C LYS A 45 -14.84 3.62 7.17
N GLN A 46 -15.69 3.18 8.06
CA GLN A 46 -15.25 2.23 9.12
C GLN A 46 -15.42 0.79 8.66
N GLY A 47 -14.52 -0.07 9.07
CA GLY A 47 -14.61 -1.51 8.69
C GLY A 47 -13.55 -1.86 7.64
N TRP A 48 -13.64 -1.29 6.48
CA TRP A 48 -12.65 -1.63 5.41
C TRP A 48 -11.27 -1.02 5.70
N GLN A 49 -11.20 0.13 6.27
CA GLN A 49 -9.88 0.76 6.53
C GLN A 49 -9.03 -0.13 7.45
N ASN A 50 -9.61 -0.71 8.45
CA ASN A 50 -8.81 -1.56 9.38
C ASN A 50 -8.27 -2.79 8.65
N SER A 51 -9.06 -3.38 7.79
CA SER A 51 -8.59 -4.59 7.06
C SER A 51 -7.34 -4.30 6.21
N ILE A 52 -7.30 -3.15 5.58
CA ILE A 52 -6.13 -2.80 4.72
C ILE A 52 -4.84 -2.78 5.55
N ARG A 53 -4.86 -2.12 6.67
CA ARG A 53 -3.62 -2.03 7.51
C ARG A 53 -3.30 -3.40 8.11
N HIS A 54 -4.31 -4.13 8.50
CA HIS A 54 -4.08 -5.47 9.13
C HIS A 54 -3.34 -6.38 8.13
N ASN A 55 -3.72 -6.34 6.88
CA ASN A 55 -3.04 -7.18 5.87
C ASN A 55 -1.57 -6.75 5.73
N LEU A 56 -1.32 -5.47 5.75
CA LEU A 56 0.08 -4.98 5.60
C LEU A 56 0.97 -5.54 6.73
N SER A 57 0.47 -5.59 7.93
CA SER A 57 1.31 -6.10 9.05
C SER A 57 1.54 -7.61 8.90
N LEU A 58 0.52 -8.36 8.58
CA LEU A 58 0.70 -9.83 8.44
C LEU A 58 1.53 -10.13 7.19
N ASN A 59 1.30 -9.43 6.11
CA ASN A 59 2.08 -9.71 4.88
C ASN A 59 3.50 -9.14 5.06
N GLU A 60 4.49 -10.00 5.05
CA GLU A 60 5.88 -9.53 5.24
C GLU A 60 6.53 -9.22 3.89
N CYS A 61 5.84 -9.47 2.81
CA CYS A 61 6.42 -9.20 1.46
C CYS A 61 6.54 -7.69 1.23
N PHE A 62 5.84 -6.90 2.00
CA PHE A 62 5.93 -5.42 1.81
C PHE A 62 7.21 -4.91 2.46
N VAL A 63 7.73 -3.82 1.98
CA VAL A 63 9.00 -3.26 2.55
C VAL A 63 8.66 -1.96 3.29
N LYS A 64 9.08 -1.83 4.52
CA LYS A 64 8.78 -0.60 5.30
C LYS A 64 9.99 0.34 5.22
N VAL A 65 9.84 1.49 4.62
CA VAL A 65 10.98 2.46 4.51
C VAL A 65 10.61 3.70 5.37
N PRO A 66 11.38 4.01 6.39
CA PRO A 66 11.06 5.18 7.27
C PRO A 66 11.45 6.52 6.65
N ARG A 67 11.41 7.56 7.43
CA ARG A 67 11.75 8.93 6.94
C ARG A 67 12.56 9.65 8.02
N ASP A 68 12.72 10.93 7.92
CA ASP A 68 13.48 11.67 8.96
C ASP A 68 12.71 11.66 10.28
N ASP A 69 13.40 11.64 11.39
CA ASP A 69 12.72 11.61 12.71
C ASP A 69 12.05 12.97 12.98
N LYS A 70 12.35 13.96 12.19
CA LYS A 70 11.76 15.30 12.43
C LYS A 70 10.22 15.23 12.34
N LYS A 71 9.71 14.45 11.42
CA LYS A 71 8.22 14.35 11.25
C LYS A 71 7.78 12.89 11.40
N PRO A 72 7.63 12.42 12.61
CA PRO A 72 7.20 11.02 12.88
C PRO A 72 5.68 10.88 12.79
N GLY A 73 5.01 11.96 12.50
CA GLY A 73 3.53 11.92 12.38
C GLY A 73 3.14 11.07 11.18
N LYS A 74 3.83 11.23 10.08
CA LYS A 74 3.50 10.42 8.87
C LYS A 74 4.03 9.00 9.05
N GLY A 75 3.30 8.01 8.61
CA GLY A 75 3.79 6.61 8.76
C GLY A 75 5.01 6.40 7.86
N SER A 76 5.53 5.21 7.82
CA SER A 76 6.72 4.96 6.96
C SER A 76 6.28 4.75 5.51
N TYR A 77 7.18 4.92 4.59
CA TYR A 77 6.82 4.74 3.15
C TYR A 77 6.59 3.26 2.86
N TRP A 78 5.74 2.96 1.91
CA TRP A 78 5.46 1.53 1.56
C TRP A 78 5.82 1.28 0.09
N THR A 79 6.55 0.25 -0.18
CA THR A 79 6.95 -0.05 -1.58
C THR A 79 7.36 -1.52 -1.69
N LEU A 80 7.43 -2.05 -2.88
CA LEU A 80 7.83 -3.49 -3.05
C LEU A 80 9.29 -3.55 -3.54
N ASP A 81 10.22 -3.12 -2.73
CA ASP A 81 11.65 -3.15 -3.18
C ASP A 81 12.58 -3.26 -1.96
N PRO A 82 12.80 -4.45 -1.47
CA PRO A 82 13.69 -4.70 -0.30
C PRO A 82 15.10 -4.16 -0.53
N ASP A 83 15.90 -4.87 -1.28
CA ASP A 83 17.29 -4.43 -1.55
C ASP A 83 17.75 -5.05 -2.87
N SER A 84 16.87 -5.07 -3.84
CA SER A 84 17.20 -5.69 -5.15
C SER A 84 18.40 -4.99 -5.79
N TYR A 85 18.49 -3.69 -5.69
CA TYR A 85 19.63 -2.97 -6.33
C TYR A 85 20.95 -3.53 -5.76
N ASN A 86 20.94 -3.99 -4.55
CA ASN A 86 22.20 -4.52 -3.94
C ASN A 86 22.47 -5.93 -4.49
N MET A 87 21.55 -6.46 -5.23
CA MET A 87 21.75 -7.83 -5.79
C MET A 87 22.40 -7.71 -7.18
N PHE A 88 23.67 -7.99 -7.28
CA PHE A 88 24.37 -7.88 -8.59
C PHE A 88 24.35 -9.24 -9.31
N GLU A 89 23.76 -10.23 -8.70
CA GLU A 89 23.71 -11.58 -9.34
C GLU A 89 22.35 -11.79 -10.03
N ASN A 90 22.30 -12.64 -11.01
CA ASN A 90 21.01 -12.88 -11.73
C ASN A 90 20.24 -14.02 -11.06
N GLY A 91 20.68 -14.44 -9.91
CA GLY A 91 19.98 -15.54 -9.19
C GLY A 91 20.83 -15.97 -8.01
N SER A 92 20.92 -15.13 -7.01
CA SER A 92 21.73 -15.49 -5.81
C SER A 92 21.02 -16.57 -5.00
N PHE A 93 19.92 -16.25 -4.38
CA PHE A 93 19.18 -17.26 -3.58
C PHE A 93 18.49 -18.26 -4.51
N LEU A 94 18.07 -17.81 -5.67
CA LEU A 94 17.36 -18.73 -6.62
C LEU A 94 18.26 -19.90 -6.98
N MET A 1 -27.12 -0.28 -7.79
CA MET A 1 -26.40 0.16 -6.56
C MET A 1 -24.89 0.04 -6.79
N LEU A 2 -24.12 0.27 -5.76
CA LEU A 2 -22.62 0.19 -5.90
C LEU A 2 -22.13 -1.14 -5.32
N VAL A 3 -21.16 -1.75 -5.96
CA VAL A 3 -20.59 -3.04 -5.47
C VAL A 3 -19.07 -2.94 -5.40
N LYS A 4 -18.44 -3.80 -4.64
CA LYS A 4 -16.96 -3.75 -4.54
C LYS A 4 -16.34 -4.24 -5.86
N PRO A 5 -15.18 -3.75 -6.22
CA PRO A 5 -14.51 -4.17 -7.49
C PRO A 5 -13.80 -5.53 -7.33
N PRO A 6 -13.89 -6.41 -8.30
CA PRO A 6 -13.24 -7.75 -8.24
C PRO A 6 -11.84 -7.75 -7.60
N TYR A 7 -11.17 -6.63 -7.60
CA TYR A 7 -9.80 -6.60 -7.00
C TYR A 7 -9.86 -6.99 -5.52
N SER A 8 -8.94 -7.79 -5.09
CA SER A 8 -8.91 -8.20 -3.65
C SER A 8 -8.21 -7.11 -2.83
N TYR A 9 -8.21 -7.23 -1.53
CA TYR A 9 -7.55 -6.20 -0.69
C TYR A 9 -6.04 -6.18 -1.02
N ILE A 10 -5.46 -7.32 -1.25
CA ILE A 10 -4.00 -7.38 -1.57
C ILE A 10 -3.75 -6.73 -2.95
N ALA A 11 -4.60 -6.99 -3.91
CA ALA A 11 -4.41 -6.41 -5.27
C ALA A 11 -4.60 -4.89 -5.23
N LEU A 12 -5.54 -4.41 -4.48
CA LEU A 12 -5.76 -2.94 -4.44
C LEU A 12 -4.48 -2.29 -3.92
N ILE A 13 -3.85 -2.89 -2.95
CA ILE A 13 -2.58 -2.32 -2.42
C ILE A 13 -1.51 -2.39 -3.50
N THR A 14 -1.40 -3.51 -4.16
CA THR A 14 -0.36 -3.68 -5.21
C THR A 14 -0.57 -2.70 -6.37
N MET A 15 -1.80 -2.53 -6.80
CA MET A 15 -2.06 -1.58 -7.93
C MET A 15 -1.84 -0.13 -7.50
N ALA A 16 -2.24 0.22 -6.31
CA ALA A 16 -2.07 1.62 -5.86
C ALA A 16 -0.59 2.02 -5.98
N ILE A 17 0.29 1.16 -5.60
CA ILE A 17 1.75 1.48 -5.69
C ILE A 17 2.08 1.75 -7.16
N GLN A 18 1.60 0.89 -8.02
CA GLN A 18 1.89 1.05 -9.48
C GLN A 18 1.35 2.39 -9.99
N ASN A 19 0.14 2.75 -9.62
CA ASN A 19 -0.44 4.04 -10.09
C ASN A 19 -0.12 5.15 -9.09
N ALA A 20 0.82 4.92 -8.20
CA ALA A 20 1.19 5.97 -7.21
C ALA A 20 2.08 7.01 -7.91
N PRO A 21 1.78 8.29 -7.81
CA PRO A 21 2.62 9.33 -8.47
C PRO A 21 4.11 9.01 -8.32
N GLU A 22 4.48 8.49 -7.18
CA GLU A 22 5.90 8.08 -6.93
C GLU A 22 5.89 6.61 -6.52
N LYS A 23 6.96 5.90 -6.75
CA LYS A 23 6.96 4.46 -6.36
C LYS A 23 6.72 4.36 -4.85
N LYS A 24 7.31 5.24 -4.08
CA LYS A 24 7.10 5.21 -2.60
C LYS A 24 5.91 6.09 -2.25
N ILE A 25 4.95 5.55 -1.55
CA ILE A 25 3.73 6.33 -1.15
C ILE A 25 3.44 6.13 0.33
N THR A 26 2.72 7.03 0.95
CA THR A 26 2.41 6.89 2.40
C THR A 26 1.22 5.94 2.58
N LEU A 27 1.09 5.37 3.74
CA LEU A 27 -0.06 4.45 4.02
C LEU A 27 -1.37 5.22 3.82
N ASN A 28 -1.48 6.37 4.42
CA ASN A 28 -2.71 7.19 4.28
C ASN A 28 -2.96 7.52 2.80
N GLY A 29 -1.91 7.82 2.08
CA GLY A 29 -2.07 8.19 0.64
C GLY A 29 -2.72 7.05 -0.14
N ILE A 30 -2.36 5.82 0.12
CA ILE A 30 -2.98 4.69 -0.63
C ILE A 30 -4.49 4.68 -0.40
N TYR A 31 -4.91 4.89 0.82
CA TYR A 31 -6.38 4.87 1.12
C TYR A 31 -7.12 5.95 0.32
N GLN A 32 -6.54 7.11 0.20
CA GLN A 32 -7.22 8.20 -0.54
C GLN A 32 -7.45 7.75 -1.99
N PHE A 33 -6.50 7.09 -2.57
CA PHE A 33 -6.67 6.63 -3.98
C PHE A 33 -7.88 5.70 -4.08
N ILE A 34 -7.99 4.75 -3.20
CA ILE A 34 -9.15 3.80 -3.24
C ILE A 34 -10.47 4.56 -3.08
N MET A 35 -10.58 5.40 -2.10
CA MET A 35 -11.86 6.15 -1.91
C MET A 35 -12.12 7.07 -3.11
N ASP A 36 -11.10 7.70 -3.62
CA ASP A 36 -11.31 8.60 -4.78
C ASP A 36 -11.73 7.78 -6.00
N ARG A 37 -11.13 6.63 -6.19
CA ARG A 37 -11.50 5.78 -7.36
C ARG A 37 -12.91 5.23 -7.19
N PHE A 38 -13.19 4.58 -6.09
CA PHE A 38 -14.54 3.99 -5.86
C PHE A 38 -15.26 4.76 -4.74
N PRO A 39 -16.44 5.30 -4.97
CA PRO A 39 -17.19 6.05 -3.93
C PRO A 39 -17.87 5.10 -2.94
N PHE A 40 -17.81 3.84 -3.23
CA PHE A 40 -18.43 2.81 -2.34
C PHE A 40 -17.79 2.90 -0.95
N TYR A 41 -16.49 3.00 -0.90
CA TYR A 41 -15.80 3.07 0.42
C TYR A 41 -16.09 4.39 1.12
N ARG A 42 -16.37 5.44 0.38
CA ARG A 42 -16.66 6.74 1.03
C ARG A 42 -17.87 6.56 1.96
N GLU A 43 -18.86 5.82 1.53
CA GLU A 43 -20.05 5.61 2.37
C GLU A 43 -19.72 4.62 3.49
N ASN A 44 -18.52 4.10 3.48
CA ASN A 44 -18.10 3.13 4.53
C ASN A 44 -16.61 3.36 4.85
N LYS A 45 -16.33 4.08 5.91
CA LYS A 45 -14.90 4.35 6.27
C LYS A 45 -14.43 3.38 7.35
N GLN A 46 -15.29 2.97 8.24
CA GLN A 46 -14.87 2.03 9.32
C GLN A 46 -15.00 0.58 8.84
N GLY A 47 -14.08 -0.26 9.25
CA GLY A 47 -14.12 -1.70 8.85
C GLY A 47 -13.09 -1.98 7.75
N TRP A 48 -13.34 -1.50 6.56
CA TRP A 48 -12.38 -1.76 5.44
C TRP A 48 -11.08 -0.97 5.65
N GLN A 49 -11.17 0.24 6.12
CA GLN A 49 -9.94 1.06 6.30
C GLN A 49 -8.97 0.38 7.28
N ASN A 50 -9.43 -0.02 8.43
CA ASN A 50 -8.53 -0.68 9.42
C ASN A 50 -8.18 -2.10 8.94
N SER A 51 -9.08 -2.75 8.25
CA SER A 51 -8.80 -4.13 7.80
C SER A 51 -7.57 -4.16 6.89
N ILE A 52 -7.42 -3.18 6.03
CA ILE A 52 -6.22 -3.19 5.13
C ILE A 52 -4.97 -2.89 5.98
N ARG A 53 -5.03 -1.93 6.87
CA ARG A 53 -3.82 -1.64 7.70
C ARG A 53 -3.45 -2.89 8.48
N HIS A 54 -4.42 -3.52 9.10
CA HIS A 54 -4.13 -4.75 9.88
C HIS A 54 -3.57 -5.80 8.92
N ASN A 55 -4.12 -5.88 7.73
CA ASN A 55 -3.62 -6.87 6.74
C ASN A 55 -2.18 -6.53 6.37
N LEU A 56 -1.89 -5.26 6.23
CA LEU A 56 -0.51 -4.84 5.88
C LEU A 56 0.48 -5.33 6.94
N SER A 57 0.18 -5.14 8.20
CA SER A 57 1.12 -5.60 9.25
C SER A 57 1.28 -7.12 9.16
N LEU A 58 0.20 -7.82 8.97
CA LEU A 58 0.28 -9.31 8.85
C LEU A 58 0.97 -9.69 7.54
N ASN A 59 0.72 -8.96 6.49
CA ASN A 59 1.34 -9.30 5.18
C ASN A 59 2.85 -9.03 5.24
N GLU A 60 3.64 -10.05 5.08
CA GLU A 60 5.13 -9.88 5.11
C GLU A 60 5.62 -9.61 3.68
N CYS A 61 4.78 -9.79 2.71
CA CYS A 61 5.20 -9.56 1.30
C CYS A 61 5.64 -8.11 1.12
N PHE A 62 4.94 -7.20 1.74
CA PHE A 62 5.33 -5.77 1.60
C PHE A 62 6.50 -5.47 2.54
N VAL A 63 7.38 -4.59 2.15
CA VAL A 63 8.55 -4.24 3.01
C VAL A 63 8.36 -2.81 3.53
N LYS A 64 8.41 -2.63 4.83
CA LYS A 64 8.19 -1.27 5.39
C LYS A 64 9.46 -0.43 5.21
N VAL A 65 9.32 0.80 4.79
CA VAL A 65 10.49 1.71 4.60
C VAL A 65 10.17 3.08 5.23
N PRO A 66 11.09 3.70 5.92
CA PRO A 66 10.86 5.03 6.54
C PRO A 66 10.96 6.19 5.53
N ARG A 67 11.25 7.37 6.00
CA ARG A 67 11.37 8.55 5.10
C ARG A 67 12.55 9.42 5.58
N ASP A 68 12.94 10.39 4.79
CA ASP A 68 14.07 11.26 5.21
C ASP A 68 13.71 11.97 6.52
N ASP A 69 14.66 12.18 7.38
CA ASP A 69 14.38 12.85 8.68
C ASP A 69 14.04 14.33 8.45
N LYS A 70 14.41 14.86 7.32
CA LYS A 70 14.11 16.30 7.04
C LYS A 70 12.60 16.47 6.78
N LYS A 71 11.87 15.40 6.66
CA LYS A 71 10.40 15.51 6.39
C LYS A 71 9.61 14.64 7.38
N PRO A 72 9.49 15.07 8.60
CA PRO A 72 8.75 14.33 9.65
C PRO A 72 7.26 14.69 9.64
N GLY A 73 6.48 14.10 10.52
CA GLY A 73 5.03 14.41 10.54
C GLY A 73 4.30 13.65 9.44
N LYS A 74 4.96 12.68 8.85
CA LYS A 74 4.33 11.88 7.76
C LYS A 74 4.34 10.39 8.15
N GLY A 75 3.47 9.61 7.58
CA GLY A 75 3.42 8.16 7.94
C GLY A 75 4.61 7.42 7.32
N SER A 76 4.67 6.13 7.51
CA SER A 76 5.80 5.34 6.94
C SER A 76 5.55 5.05 5.45
N TYR A 77 6.58 5.05 4.67
CA TYR A 77 6.43 4.79 3.21
C TYR A 77 6.32 3.28 2.97
N TRP A 78 5.78 2.87 1.86
CA TRP A 78 5.65 1.41 1.55
C TRP A 78 6.15 1.13 0.13
N THR A 79 6.64 -0.06 -0.13
CA THR A 79 7.16 -0.37 -1.50
C THR A 79 6.98 -1.87 -1.81
N LEU A 80 7.19 -2.27 -3.04
CA LEU A 80 7.03 -3.71 -3.41
C LEU A 80 8.25 -4.51 -2.96
N ASP A 81 8.08 -5.81 -2.88
CA ASP A 81 9.20 -6.70 -2.46
C ASP A 81 10.29 -6.69 -3.54
N PRO A 82 11.48 -7.20 -3.29
CA PRO A 82 12.57 -7.19 -4.31
C PRO A 82 12.17 -7.96 -5.58
N ASP A 83 13.05 -8.76 -6.10
CA ASP A 83 12.72 -9.55 -7.31
C ASP A 83 11.72 -10.64 -6.90
N SER A 84 11.38 -10.69 -5.65
CA SER A 84 10.44 -11.72 -5.16
C SER A 84 8.99 -11.28 -5.44
N TYR A 85 8.76 -10.66 -6.56
CA TYR A 85 7.37 -10.19 -6.88
C TYR A 85 6.39 -11.37 -6.96
N ASN A 86 6.72 -12.39 -7.72
CA ASN A 86 5.79 -13.56 -7.85
C ASN A 86 6.59 -14.86 -7.78
N MET A 87 7.76 -14.82 -7.23
CA MET A 87 8.60 -16.04 -7.13
C MET A 87 7.76 -17.21 -6.59
N PHE A 88 8.31 -18.39 -6.57
CA PHE A 88 7.57 -19.57 -6.06
C PHE A 88 7.86 -19.69 -4.57
N GLU A 89 6.94 -19.31 -3.73
CA GLU A 89 7.17 -19.40 -2.27
C GLU A 89 7.59 -20.82 -1.90
N ASN A 90 8.65 -20.95 -1.16
CA ASN A 90 9.14 -22.30 -0.75
C ASN A 90 9.88 -22.18 0.59
N GLY A 91 10.66 -23.16 0.95
CA GLY A 91 11.39 -23.09 2.25
C GLY A 91 12.23 -21.80 2.29
N SER A 92 13.00 -21.55 1.28
CA SER A 92 13.83 -20.31 1.26
C SER A 92 14.25 -20.00 -0.17
N PHE A 93 13.77 -18.92 -0.72
CA PHE A 93 14.14 -18.54 -2.12
C PHE A 93 14.72 -17.12 -2.12
N LEU A 94 14.94 -16.58 -0.96
CA LEU A 94 15.50 -15.21 -0.86
C LEU A 94 16.90 -15.19 -1.49
N MET A 1 -27.53 -1.99 -3.79
CA MET A 1 -26.84 -0.84 -4.43
C MET A 1 -25.46 -1.29 -4.91
N LEU A 2 -24.48 -0.44 -4.79
CA LEU A 2 -23.11 -0.82 -5.24
C LEU A 2 -22.47 -1.77 -4.21
N VAL A 3 -21.60 -2.63 -4.65
CA VAL A 3 -20.94 -3.60 -3.72
C VAL A 3 -19.42 -3.39 -3.76
N LYS A 4 -18.74 -3.70 -2.69
CA LYS A 4 -17.26 -3.50 -2.68
C LYS A 4 -16.64 -4.19 -3.90
N PRO A 5 -15.82 -3.50 -4.68
CA PRO A 5 -15.18 -4.10 -5.89
C PRO A 5 -14.68 -5.54 -5.63
N PRO A 6 -14.51 -6.33 -6.67
CA PRO A 6 -14.03 -7.74 -6.54
C PRO A 6 -12.53 -7.84 -6.26
N TYR A 7 -11.81 -6.76 -6.37
CA TYR A 7 -10.35 -6.81 -6.11
C TYR A 7 -10.11 -7.13 -4.63
N SER A 8 -9.11 -7.90 -4.33
CA SER A 8 -8.83 -8.22 -2.90
C SER A 8 -8.32 -6.96 -2.20
N TYR A 9 -8.40 -6.91 -0.90
CA TYR A 9 -7.92 -5.69 -0.20
C TYR A 9 -6.44 -5.49 -0.52
N ILE A 10 -5.69 -6.56 -0.56
CA ILE A 10 -4.24 -6.44 -0.88
C ILE A 10 -4.08 -5.98 -2.34
N ALA A 11 -4.90 -6.49 -3.22
CA ALA A 11 -4.79 -6.09 -4.65
C ALA A 11 -5.02 -4.59 -4.80
N LEU A 12 -5.99 -4.05 -4.13
CA LEU A 12 -6.23 -2.58 -4.24
C LEU A 12 -4.98 -1.84 -3.77
N ILE A 13 -4.35 -2.32 -2.73
CA ILE A 13 -3.11 -1.64 -2.24
C ILE A 13 -2.01 -1.83 -3.29
N THR A 14 -1.91 -3.00 -3.84
CA THR A 14 -0.84 -3.26 -4.86
C THR A 14 -1.04 -2.33 -6.05
N MET A 15 -2.26 -2.11 -6.45
CA MET A 15 -2.50 -1.21 -7.62
C MET A 15 -2.11 0.22 -7.24
N ALA A 16 -2.40 0.61 -6.03
CA ALA A 16 -2.07 1.99 -5.59
C ALA A 16 -0.55 2.21 -5.63
N ILE A 17 0.21 1.30 -5.11
CA ILE A 17 1.70 1.47 -5.12
C ILE A 17 2.17 1.58 -6.57
N GLN A 18 1.75 0.66 -7.39
CA GLN A 18 2.18 0.67 -8.82
C GLN A 18 1.62 1.91 -9.52
N ASN A 19 0.39 2.28 -9.24
CA ASN A 19 -0.21 3.46 -9.90
C ASN A 19 0.43 4.75 -9.39
N ALA A 20 1.05 4.70 -8.25
CA ALA A 20 1.68 5.94 -7.70
C ALA A 20 3.04 6.18 -8.38
N PRO A 21 3.24 7.29 -9.05
CA PRO A 21 4.55 7.57 -9.70
C PRO A 21 5.72 7.19 -8.78
N GLU A 22 5.48 7.28 -7.50
CA GLU A 22 6.54 6.92 -6.49
C GLU A 22 6.03 5.71 -5.72
N LYS A 23 6.82 4.67 -5.63
CA LYS A 23 6.34 3.45 -4.90
C LYS A 23 6.26 3.74 -3.40
N LYS A 24 7.05 4.65 -2.89
CA LYS A 24 6.98 4.96 -1.44
C LYS A 24 5.78 5.84 -1.17
N ILE A 25 4.60 5.27 -1.20
CA ILE A 25 3.36 6.05 -0.93
C ILE A 25 3.08 6.02 0.57
N THR A 26 2.52 7.08 1.11
CA THR A 26 2.24 7.11 2.57
C THR A 26 0.98 6.30 2.88
N LEU A 27 0.83 5.89 4.11
CA LEU A 27 -0.36 5.08 4.49
C LEU A 27 -1.65 5.88 4.23
N ASN A 28 -1.68 7.10 4.71
CA ASN A 28 -2.89 7.95 4.50
C ASN A 28 -3.13 8.14 3.00
N GLY A 29 -2.09 8.33 2.25
CA GLY A 29 -2.25 8.53 0.78
C GLY A 29 -2.93 7.33 0.13
N ILE A 30 -2.62 6.14 0.57
CA ILE A 30 -3.25 4.94 -0.04
C ILE A 30 -4.78 5.00 0.14
N TYR A 31 -5.24 5.36 1.31
CA TYR A 31 -6.71 5.42 1.53
C TYR A 31 -7.36 6.41 0.55
N GLN A 32 -6.77 7.56 0.40
CA GLN A 32 -7.36 8.59 -0.51
C GLN A 32 -7.43 8.04 -1.94
N PHE A 33 -6.44 7.33 -2.36
CA PHE A 33 -6.45 6.79 -3.75
C PHE A 33 -7.67 5.87 -3.92
N ILE A 34 -7.90 5.00 -2.98
CA ILE A 34 -9.06 4.06 -3.08
C ILE A 34 -10.39 4.82 -3.02
N MET A 35 -10.58 5.67 -2.04
CA MET A 35 -11.87 6.39 -1.92
C MET A 35 -12.15 7.25 -3.16
N ASP A 36 -11.15 7.90 -3.69
CA ASP A 36 -11.36 8.76 -4.89
C ASP A 36 -11.74 7.90 -6.10
N ARG A 37 -11.13 6.77 -6.27
CA ARG A 37 -11.43 5.91 -7.45
C ARG A 37 -12.75 5.16 -7.26
N PHE A 38 -12.82 4.24 -6.33
CA PHE A 38 -14.09 3.48 -6.14
C PHE A 38 -15.03 4.26 -5.20
N PRO A 39 -16.29 4.45 -5.56
CA PRO A 39 -17.26 5.20 -4.70
C PRO A 39 -17.84 4.35 -3.56
N PHE A 40 -17.65 3.06 -3.60
CA PHE A 40 -18.20 2.20 -2.52
C PHE A 40 -17.62 2.61 -1.17
N TYR A 41 -16.34 2.83 -1.12
CA TYR A 41 -15.69 3.20 0.17
C TYR A 41 -16.09 4.61 0.61
N ARG A 42 -16.39 5.47 -0.31
CA ARG A 42 -16.79 6.86 0.08
C ARG A 42 -18.04 6.82 0.96
N GLU A 43 -18.98 5.96 0.65
CA GLU A 43 -20.23 5.90 1.47
C GLU A 43 -20.10 4.82 2.56
N ASN A 44 -18.98 4.18 2.60
CA ASN A 44 -18.73 3.10 3.62
C ASN A 44 -17.46 3.43 4.41
N LYS A 45 -17.56 3.40 5.72
CA LYS A 45 -16.38 3.71 6.59
C LYS A 45 -16.21 2.60 7.62
N GLN A 46 -16.80 1.47 7.39
CA GLN A 46 -16.70 0.35 8.38
C GLN A 46 -15.29 -0.24 8.42
N GLY A 47 -15.18 -1.44 8.95
CA GLY A 47 -13.87 -2.12 9.07
C GLY A 47 -13.09 -2.11 7.76
N TRP A 48 -13.67 -1.70 6.66
CA TRP A 48 -12.88 -1.69 5.41
C TRP A 48 -11.68 -0.78 5.60
N GLN A 49 -11.88 0.29 6.33
CA GLN A 49 -10.77 1.25 6.60
C GLN A 49 -9.63 0.57 7.35
N ASN A 50 -9.92 -0.21 8.35
CA ASN A 50 -8.84 -0.87 9.15
C ASN A 50 -8.29 -2.11 8.44
N SER A 51 -9.07 -2.76 7.62
CA SER A 51 -8.58 -3.99 6.94
C SER A 51 -7.50 -3.65 5.92
N ILE A 52 -7.48 -2.44 5.43
CA ILE A 52 -6.45 -2.07 4.40
C ILE A 52 -5.05 -2.00 5.02
N ARG A 53 -4.84 -1.14 5.97
CA ARG A 53 -3.48 -0.99 6.57
C ARG A 53 -3.13 -2.22 7.41
N HIS A 54 -4.09 -2.85 8.01
CA HIS A 54 -3.79 -4.04 8.85
C HIS A 54 -3.11 -5.12 7.98
N ASN A 55 -3.54 -5.25 6.75
CA ASN A 55 -2.97 -6.29 5.86
C ASN A 55 -1.52 -5.95 5.47
N LEU A 56 -1.12 -4.72 5.61
CA LEU A 56 0.27 -4.35 5.22
C LEU A 56 1.29 -5.17 6.02
N SER A 57 1.10 -5.28 7.30
CA SER A 57 2.07 -6.03 8.13
C SER A 57 1.97 -7.53 7.81
N LEU A 58 0.78 -8.04 7.63
CA LEU A 58 0.63 -9.49 7.33
C LEU A 58 1.39 -9.85 6.04
N ASN A 59 1.33 -8.99 5.05
CA ASN A 59 2.04 -9.30 3.78
C ASN A 59 3.55 -9.34 4.03
N GLU A 60 4.17 -10.47 3.79
CA GLU A 60 5.63 -10.59 4.02
C GLU A 60 6.41 -10.02 2.83
N CYS A 61 5.93 -10.22 1.63
CA CYS A 61 6.64 -9.71 0.44
C CYS A 61 6.66 -8.18 0.45
N PHE A 62 5.88 -7.58 1.32
CA PHE A 62 5.85 -6.09 1.38
C PHE A 62 7.06 -5.59 2.18
N VAL A 63 7.78 -4.63 1.64
CA VAL A 63 8.98 -4.09 2.34
C VAL A 63 8.59 -2.83 3.11
N LYS A 64 8.90 -2.78 4.38
CA LYS A 64 8.54 -1.58 5.20
C LYS A 64 9.77 -0.71 5.44
N VAL A 65 9.74 0.51 4.97
CA VAL A 65 10.88 1.46 5.15
C VAL A 65 10.41 2.60 6.08
N PRO A 66 10.99 2.78 7.25
CA PRO A 66 10.55 3.86 8.17
C PRO A 66 11.00 5.25 7.71
N ARG A 67 10.29 6.27 8.10
CA ARG A 67 10.66 7.65 7.69
C ARG A 67 11.89 8.10 8.47
N ASP A 68 12.63 9.04 7.95
CA ASP A 68 13.84 9.53 8.66
C ASP A 68 13.44 10.08 10.03
N ASP A 69 14.23 9.81 11.04
CA ASP A 69 13.90 10.31 12.40
C ASP A 69 14.10 11.84 12.43
N LYS A 70 14.86 12.36 11.50
CA LYS A 70 15.10 13.83 11.47
C LYS A 70 13.77 14.57 11.31
N LYS A 71 12.89 14.05 10.49
CA LYS A 71 11.57 14.71 10.26
C LYS A 71 10.47 13.65 10.35
N PRO A 72 10.03 13.31 11.55
CA PRO A 72 8.97 12.29 11.74
C PRO A 72 7.57 12.90 11.54
N GLY A 73 6.55 12.09 11.62
CA GLY A 73 5.16 12.59 11.43
C GLY A 73 4.30 11.49 10.81
N LYS A 74 4.55 11.18 9.56
CA LYS A 74 3.74 10.11 8.89
C LYS A 74 4.23 8.74 9.37
N GLY A 75 3.37 7.77 9.40
CA GLY A 75 3.77 6.41 9.85
C GLY A 75 5.09 6.01 9.19
N SER A 76 5.02 5.31 8.09
CA SER A 76 6.27 4.87 7.39
C SER A 76 5.99 4.71 5.90
N TYR A 77 7.02 4.73 5.09
CA TYR A 77 6.80 4.57 3.62
C TYR A 77 6.55 3.09 3.30
N TRP A 78 5.93 2.82 2.18
CA TRP A 78 5.64 1.40 1.80
C TRP A 78 6.09 1.16 0.35
N THR A 79 6.82 0.10 0.12
CA THR A 79 7.29 -0.20 -1.26
C THR A 79 7.44 -1.71 -1.44
N LEU A 80 7.43 -2.17 -2.67
CA LEU A 80 7.57 -3.63 -2.91
C LEU A 80 9.04 -4.03 -2.82
N ASP A 81 9.38 -5.17 -3.37
CA ASP A 81 10.80 -5.63 -3.33
C ASP A 81 11.71 -4.49 -3.80
N PRO A 82 13.01 -4.62 -3.72
CA PRO A 82 13.95 -3.54 -4.14
C PRO A 82 13.89 -3.28 -5.65
N ASP A 83 15.00 -2.93 -6.23
CA ASP A 83 15.03 -2.66 -7.70
C ASP A 83 15.38 -3.95 -8.45
N SER A 84 15.24 -5.08 -7.81
CA SER A 84 15.57 -6.37 -8.48
C SER A 84 14.91 -6.38 -9.87
N TYR A 85 15.66 -6.09 -10.89
CA TYR A 85 15.08 -6.06 -12.26
C TYR A 85 14.96 -7.49 -12.80
N ASN A 86 16.08 -8.11 -13.10
CA ASN A 86 16.08 -9.50 -13.65
C ASN A 86 17.00 -10.36 -12.81
N MET A 87 17.40 -9.86 -11.68
CA MET A 87 18.31 -10.61 -10.78
C MET A 87 17.47 -11.47 -9.84
N PHE A 88 17.46 -12.76 -10.05
CA PHE A 88 16.65 -13.66 -9.19
C PHE A 88 17.24 -13.74 -7.78
N GLU A 89 18.55 -13.78 -7.68
CA GLU A 89 19.19 -13.89 -6.34
C GLU A 89 18.91 -12.63 -5.51
N ASN A 90 18.80 -12.78 -4.21
CA ASN A 90 18.52 -11.61 -3.32
C ASN A 90 19.82 -11.08 -2.72
N GLY A 91 20.95 -11.53 -3.20
CA GLY A 91 22.25 -11.05 -2.63
C GLY A 91 23.33 -11.09 -3.72
N SER A 92 23.31 -10.14 -4.63
CA SER A 92 24.34 -10.13 -5.70
C SER A 92 24.68 -8.67 -6.05
N PHE A 93 23.70 -7.81 -6.10
CA PHE A 93 23.97 -6.40 -6.45
C PHE A 93 24.61 -5.66 -5.27
N LEU A 94 24.50 -6.17 -4.08
CA LEU A 94 25.10 -5.46 -2.92
C LEU A 94 26.60 -5.26 -3.18
N MET A 1 -26.60 2.39 -6.81
CA MET A 1 -26.16 1.31 -7.74
C MET A 1 -24.68 1.03 -7.52
N LEU A 2 -24.16 1.39 -6.38
CA LEU A 2 -22.72 1.14 -6.11
C LEU A 2 -22.50 -0.34 -5.82
N VAL A 3 -21.34 -0.85 -6.16
CA VAL A 3 -21.04 -2.30 -5.92
C VAL A 3 -19.60 -2.43 -5.41
N LYS A 4 -19.21 -3.59 -4.98
CA LYS A 4 -17.83 -3.79 -4.47
C LYS A 4 -16.92 -4.19 -5.64
N PRO A 5 -15.96 -3.36 -6.02
CA PRO A 5 -15.05 -3.69 -7.15
C PRO A 5 -14.45 -5.11 -7.03
N PRO A 6 -14.64 -5.96 -8.02
CA PRO A 6 -14.09 -7.36 -7.98
C PRO A 6 -12.64 -7.43 -7.49
N TYR A 7 -11.97 -6.32 -7.35
CA TYR A 7 -10.54 -6.36 -6.90
C TYR A 7 -10.46 -6.77 -5.43
N SER A 8 -9.46 -7.51 -5.06
CA SER A 8 -9.32 -7.94 -3.63
C SER A 8 -8.66 -6.81 -2.84
N TYR A 9 -8.65 -6.93 -1.53
CA TYR A 9 -8.02 -5.86 -0.71
C TYR A 9 -6.54 -5.73 -1.09
N ILE A 10 -5.88 -6.83 -1.34
CA ILE A 10 -4.44 -6.77 -1.71
C ILE A 10 -4.31 -6.18 -3.12
N ALA A 11 -5.19 -6.54 -4.01
CA ALA A 11 -5.11 -6.01 -5.40
C ALA A 11 -5.27 -4.49 -5.39
N LEU A 12 -6.26 -3.98 -4.69
CA LEU A 12 -6.43 -2.49 -4.68
C LEU A 12 -5.17 -1.86 -4.11
N ILE A 13 -4.61 -2.44 -3.08
CA ILE A 13 -3.35 -1.88 -2.51
C ILE A 13 -2.26 -2.03 -3.55
N THR A 14 -2.21 -3.15 -4.22
CA THR A 14 -1.17 -3.36 -5.27
C THR A 14 -1.36 -2.32 -6.38
N MET A 15 -2.58 -2.05 -6.75
CA MET A 15 -2.83 -1.04 -7.83
C MET A 15 -2.43 0.35 -7.34
N ALA A 16 -2.73 0.66 -6.10
CA ALA A 16 -2.39 2.00 -5.57
C ALA A 16 -0.88 2.22 -5.70
N ILE A 17 -0.09 1.27 -5.29
CA ILE A 17 1.39 1.44 -5.40
C ILE A 17 1.75 1.60 -6.87
N GLN A 18 1.27 0.72 -7.69
CA GLN A 18 1.58 0.78 -9.14
C GLN A 18 1.08 2.10 -9.73
N ASN A 19 -0.08 2.53 -9.33
CA ASN A 19 -0.63 3.81 -9.86
C ASN A 19 0.07 4.98 -9.16
N ALA A 20 0.91 4.69 -8.20
CA ALA A 20 1.64 5.76 -7.49
C ALA A 20 2.83 6.22 -8.36
N PRO A 21 2.88 7.46 -8.77
CA PRO A 21 4.00 7.96 -9.62
C PRO A 21 5.35 7.39 -9.16
N GLU A 22 5.44 7.07 -7.90
CA GLU A 22 6.70 6.48 -7.35
C GLU A 22 6.33 5.28 -6.47
N LYS A 23 7.22 4.34 -6.32
CA LYS A 23 6.89 3.14 -5.50
C LYS A 23 6.72 3.51 -4.02
N LYS A 24 7.44 4.50 -3.54
CA LYS A 24 7.30 4.86 -2.10
C LYS A 24 6.03 5.68 -1.89
N ILE A 25 5.16 5.24 -1.03
CA ILE A 25 3.89 6.00 -0.77
C ILE A 25 3.57 5.96 0.73
N THR A 26 2.85 6.93 1.23
CA THR A 26 2.52 6.95 2.68
C THR A 26 1.32 6.05 2.96
N LEU A 27 1.23 5.52 4.15
CA LEU A 27 0.09 4.64 4.51
C LEU A 27 -1.22 5.42 4.36
N ASN A 28 -1.26 6.60 4.92
CA ASN A 28 -2.49 7.44 4.81
C ASN A 28 -2.79 7.73 3.34
N GLY A 29 -1.78 7.98 2.56
CA GLY A 29 -2.00 8.28 1.11
C GLY A 29 -2.72 7.13 0.42
N ILE A 30 -2.37 5.92 0.74
CA ILE A 30 -3.03 4.75 0.08
C ILE A 30 -4.55 4.78 0.35
N TYR A 31 -4.94 5.09 1.55
CA TYR A 31 -6.40 5.12 1.86
C TYR A 31 -7.12 6.13 0.98
N GLN A 32 -6.58 7.31 0.83
CA GLN A 32 -7.26 8.35 -0.01
C GLN A 32 -7.38 7.88 -1.46
N PHE A 33 -6.39 7.19 -1.96
CA PHE A 33 -6.44 6.73 -3.38
C PHE A 33 -7.65 5.82 -3.61
N ILE A 34 -7.85 4.84 -2.76
CA ILE A 34 -9.01 3.92 -2.96
C ILE A 34 -10.33 4.70 -2.92
N MET A 35 -10.54 5.51 -1.93
CA MET A 35 -11.83 6.27 -1.85
C MET A 35 -11.94 7.26 -3.02
N ASP A 36 -10.87 7.90 -3.38
CA ASP A 36 -10.92 8.87 -4.50
C ASP A 36 -11.28 8.14 -5.80
N ARG A 37 -10.74 6.97 -5.98
CA ARG A 37 -11.06 6.20 -7.22
C ARG A 37 -12.42 5.52 -7.07
N PHE A 38 -12.52 4.53 -6.22
CA PHE A 38 -13.82 3.84 -6.05
C PHE A 38 -14.63 4.54 -4.95
N PRO A 39 -15.77 5.12 -5.26
CA PRO A 39 -16.60 5.82 -4.23
C PRO A 39 -17.42 4.83 -3.40
N PHE A 40 -17.34 3.58 -3.76
CA PHE A 40 -18.09 2.53 -3.02
C PHE A 40 -17.63 2.54 -1.56
N TYR A 41 -16.35 2.71 -1.35
CA TYR A 41 -15.80 2.72 0.04
C TYR A 41 -16.25 3.97 0.79
N ARG A 42 -16.52 5.04 0.09
CA ARG A 42 -16.95 6.28 0.80
C ARG A 42 -18.22 5.95 1.57
N GLU A 43 -19.10 5.18 1.00
CA GLU A 43 -20.36 4.80 1.71
C GLU A 43 -20.00 4.02 2.97
N ASN A 44 -19.04 3.16 2.88
CA ASN A 44 -18.62 2.32 4.05
C ASN A 44 -17.21 2.75 4.49
N LYS A 45 -17.11 3.41 5.62
CA LYS A 45 -15.77 3.85 6.10
C LYS A 45 -15.20 2.87 7.11
N GLN A 46 -16.02 2.34 7.99
CA GLN A 46 -15.50 1.38 9.01
C GLN A 46 -15.55 -0.05 8.46
N GLY A 47 -14.57 -0.84 8.81
CA GLY A 47 -14.52 -2.26 8.35
C GLY A 47 -13.38 -2.43 7.33
N TRP A 48 -13.40 -1.65 6.28
CA TRP A 48 -12.33 -1.77 5.25
C TRP A 48 -11.17 -0.84 5.62
N GLN A 49 -11.31 -0.09 6.68
CA GLN A 49 -10.23 0.84 7.08
C GLN A 49 -9.03 0.09 7.69
N ASN A 50 -9.25 -0.58 8.78
CA ASN A 50 -8.14 -1.32 9.45
C ASN A 50 -7.69 -2.52 8.60
N SER A 51 -8.62 -3.22 8.01
CA SER A 51 -8.25 -4.41 7.20
C SER A 51 -7.15 -4.08 6.18
N ILE A 52 -7.11 -2.86 5.71
CA ILE A 52 -6.07 -2.50 4.70
C ILE A 52 -4.68 -2.45 5.34
N ARG A 53 -4.47 -1.53 6.24
CA ARG A 53 -3.13 -1.40 6.88
C ARG A 53 -2.85 -2.58 7.80
N HIS A 54 -3.86 -3.16 8.39
CA HIS A 54 -3.62 -4.32 9.29
C HIS A 54 -2.95 -5.43 8.47
N ASN A 55 -3.48 -5.72 7.31
CA ASN A 55 -2.87 -6.78 6.46
C ASN A 55 -1.43 -6.40 6.09
N LEU A 56 -1.19 -5.16 5.74
CA LEU A 56 0.20 -4.75 5.37
C LEU A 56 1.15 -4.99 6.54
N SER A 57 0.74 -4.68 7.74
CA SER A 57 1.64 -4.86 8.91
C SER A 57 1.96 -6.35 9.11
N LEU A 58 0.96 -7.19 9.14
CA LEU A 58 1.25 -8.65 9.35
C LEU A 58 1.91 -9.23 8.09
N ASN A 59 1.47 -8.83 6.93
CA ASN A 59 2.07 -9.39 5.69
C ASN A 59 3.52 -8.94 5.57
N GLU A 60 4.43 -9.86 5.49
CA GLU A 60 5.86 -9.49 5.37
C GLU A 60 6.21 -9.27 3.90
N CYS A 61 5.32 -9.63 3.01
CA CYS A 61 5.59 -9.42 1.56
C CYS A 61 5.78 -7.92 1.29
N PHE A 62 4.99 -7.10 1.92
CA PHE A 62 5.14 -5.63 1.72
C PHE A 62 6.25 -5.13 2.63
N VAL A 63 7.19 -4.39 2.11
CA VAL A 63 8.31 -3.86 2.95
C VAL A 63 8.15 -2.36 3.11
N LYS A 64 8.03 -1.90 4.32
CA LYS A 64 7.89 -0.43 4.56
C LYS A 64 9.30 0.17 4.68
N VAL A 65 9.47 1.41 4.29
CA VAL A 65 10.83 2.04 4.34
C VAL A 65 10.83 3.17 5.38
N PRO A 66 11.18 2.90 6.62
CA PRO A 66 11.23 3.94 7.68
C PRO A 66 11.96 5.20 7.19
N ARG A 67 11.40 6.35 7.43
CA ARG A 67 12.06 7.61 6.97
C ARG A 67 13.45 7.72 7.58
N ASP A 68 14.34 8.39 6.90
CA ASP A 68 15.72 8.55 7.44
C ASP A 68 15.64 9.46 8.67
N ASP A 69 16.56 9.33 9.58
CA ASP A 69 16.54 10.19 10.79
C ASP A 69 16.85 11.63 10.39
N LYS A 70 17.46 11.81 9.24
CA LYS A 70 17.82 13.18 8.78
C LYS A 70 16.54 13.99 8.56
N LYS A 71 15.51 13.38 8.01
CA LYS A 71 14.23 14.11 7.75
C LYS A 71 13.05 13.24 8.19
N PRO A 72 12.69 13.28 9.46
CA PRO A 72 11.56 12.47 10.00
C PRO A 72 10.21 13.19 9.85
N GLY A 73 9.13 12.47 9.99
CA GLY A 73 7.79 13.11 9.86
C GLY A 73 6.70 12.03 9.81
N LYS A 74 6.30 11.64 8.62
CA LYS A 74 5.25 10.60 8.48
C LYS A 74 5.82 9.24 8.89
N GLY A 75 4.97 8.32 9.26
CA GLY A 75 5.45 6.97 9.68
C GLY A 75 6.51 6.45 8.71
N SER A 76 6.13 5.60 7.78
CA SER A 76 7.12 5.05 6.81
C SER A 76 6.48 4.87 5.43
N TYR A 77 7.28 4.81 4.40
CA TYR A 77 6.73 4.61 3.03
C TYR A 77 6.41 3.14 2.81
N TRP A 78 5.61 2.84 1.82
CA TRP A 78 5.25 1.42 1.52
C TRP A 78 5.63 1.10 0.06
N THR A 79 6.32 0.02 -0.15
CA THR A 79 6.74 -0.36 -1.54
C THR A 79 6.76 -1.88 -1.68
N LEU A 80 6.73 -2.38 -2.88
CA LEU A 80 6.75 -3.86 -3.09
C LEU A 80 8.14 -4.40 -2.77
N ASP A 81 8.29 -5.70 -2.70
CA ASP A 81 9.62 -6.29 -2.38
C ASP A 81 10.70 -5.60 -3.25
N PRO A 82 11.96 -5.79 -2.95
CA PRO A 82 13.07 -5.15 -3.73
C PRO A 82 12.99 -5.42 -5.25
N ASP A 83 14.13 -5.55 -5.89
CA ASP A 83 14.15 -5.81 -7.35
C ASP A 83 14.37 -7.30 -7.60
N SER A 84 14.01 -8.11 -6.64
CA SER A 84 14.17 -9.61 -6.70
C SER A 84 14.85 -10.08 -7.99
N TYR A 85 16.07 -9.66 -8.22
CA TYR A 85 16.80 -10.09 -9.45
C TYR A 85 17.57 -11.37 -9.15
N ASN A 86 17.96 -11.57 -7.91
CA ASN A 86 18.72 -12.79 -7.53
C ASN A 86 17.78 -13.81 -6.89
N MET A 87 16.50 -13.61 -7.01
CA MET A 87 15.54 -14.56 -6.39
C MET A 87 15.28 -15.72 -7.35
N PHE A 88 15.60 -16.92 -6.92
CA PHE A 88 15.39 -18.13 -7.75
C PHE A 88 14.41 -19.07 -7.03
N GLU A 89 13.58 -18.52 -6.19
CA GLU A 89 12.61 -19.37 -5.44
C GLU A 89 11.76 -20.15 -6.44
N ASN A 90 11.86 -19.81 -7.69
CA ASN A 90 11.07 -20.51 -8.74
C ASN A 90 11.99 -20.88 -9.91
N GLY A 91 11.79 -22.03 -10.50
CA GLY A 91 12.65 -22.44 -11.64
C GLY A 91 12.52 -21.41 -12.77
N SER A 92 11.34 -20.90 -12.97
CA SER A 92 11.14 -19.88 -14.04
C SER A 92 12.02 -18.66 -13.77
N PHE A 93 12.13 -18.26 -12.53
CA PHE A 93 12.97 -17.07 -12.21
C PHE A 93 14.44 -17.46 -12.30
N LEU A 94 14.87 -17.98 -13.42
CA LEU A 94 16.30 -18.38 -13.56
C LEU A 94 16.64 -18.54 -15.05
N MET A 1 -26.95 -0.79 -9.01
CA MET A 1 -26.47 0.25 -8.07
C MET A 1 -24.96 0.10 -7.86
N LEU A 2 -24.41 0.79 -6.91
CA LEU A 2 -22.95 0.70 -6.66
C LEU A 2 -22.61 -0.68 -6.07
N VAL A 3 -21.52 -1.26 -6.48
CA VAL A 3 -21.11 -2.60 -5.95
C VAL A 3 -19.60 -2.62 -5.75
N LYS A 4 -19.12 -3.34 -4.79
CA LYS A 4 -17.64 -3.39 -4.56
C LYS A 4 -17.01 -4.26 -5.65
N PRO A 5 -15.82 -3.93 -6.09
CA PRO A 5 -15.12 -4.71 -7.16
C PRO A 5 -14.60 -6.06 -6.65
N PRO A 6 -14.32 -6.99 -7.52
CA PRO A 6 -13.81 -8.34 -7.15
C PRO A 6 -12.33 -8.32 -6.74
N TYR A 7 -11.68 -7.19 -6.82
CA TYR A 7 -10.24 -7.16 -6.43
C TYR A 7 -10.12 -7.46 -4.94
N SER A 8 -9.17 -8.27 -4.55
CA SER A 8 -9.01 -8.57 -3.11
C SER A 8 -8.32 -7.39 -2.44
N TYR A 9 -8.29 -7.36 -1.14
CA TYR A 9 -7.62 -6.21 -0.46
C TYR A 9 -6.16 -6.17 -0.89
N ILE A 10 -5.56 -7.31 -1.05
CA ILE A 10 -4.12 -7.35 -1.47
C ILE A 10 -3.97 -6.67 -2.83
N ALA A 11 -4.83 -6.99 -3.77
CA ALA A 11 -4.74 -6.38 -5.12
C ALA A 11 -4.99 -4.87 -5.06
N LEU A 12 -5.95 -4.44 -4.29
CA LEU A 12 -6.22 -2.99 -4.21
C LEU A 12 -4.97 -2.28 -3.67
N ILE A 13 -4.32 -2.88 -2.71
CA ILE A 13 -3.08 -2.27 -2.16
C ILE A 13 -2.02 -2.24 -3.27
N THR A 14 -1.93 -3.31 -4.02
CA THR A 14 -0.93 -3.38 -5.13
C THR A 14 -1.25 -2.33 -6.20
N MET A 15 -2.50 -2.14 -6.51
CA MET A 15 -2.87 -1.13 -7.55
C MET A 15 -2.53 0.27 -7.05
N ALA A 16 -2.76 0.52 -5.80
CA ALA A 16 -2.46 1.87 -5.25
C ALA A 16 -0.98 2.20 -5.41
N ILE A 17 -0.12 1.25 -5.16
CA ILE A 17 1.34 1.52 -5.30
C ILE A 17 1.69 1.72 -6.76
N GLN A 18 1.25 0.83 -7.60
CA GLN A 18 1.57 0.93 -9.05
C GLN A 18 0.90 2.17 -9.66
N ASN A 19 -0.32 2.45 -9.28
CA ASN A 19 -1.02 3.63 -9.86
C ASN A 19 -0.61 4.91 -9.15
N ALA A 20 0.09 4.82 -8.06
CA ALA A 20 0.51 6.05 -7.34
C ALA A 20 1.72 6.66 -8.06
N PRO A 21 1.87 7.96 -8.03
CA PRO A 21 3.04 8.62 -8.70
C PRO A 21 4.35 8.07 -8.14
N GLU A 22 4.55 8.16 -6.86
CA GLU A 22 5.78 7.61 -6.22
C GLU A 22 5.42 6.32 -5.50
N LYS A 23 6.10 5.24 -5.77
CA LYS A 23 5.75 3.97 -5.08
C LYS A 23 5.91 4.16 -3.57
N LYS A 24 6.79 5.03 -3.17
CA LYS A 24 6.96 5.26 -1.70
C LYS A 24 5.82 6.16 -1.23
N ILE A 25 4.69 5.56 -0.98
CA ILE A 25 3.49 6.33 -0.52
C ILE A 25 3.17 5.96 0.92
N THR A 26 2.65 6.87 1.68
CA THR A 26 2.34 6.56 3.11
C THR A 26 1.04 5.76 3.18
N LEU A 27 0.81 5.08 4.27
CA LEU A 27 -0.44 4.28 4.40
C LEU A 27 -1.65 5.22 4.26
N ASN A 28 -1.58 6.35 4.89
CA ASN A 28 -2.72 7.32 4.79
C ASN A 28 -2.92 7.72 3.33
N GLY A 29 -1.85 7.93 2.62
CA GLY A 29 -1.96 8.33 1.19
C GLY A 29 -2.70 7.24 0.41
N ILE A 30 -2.48 6.00 0.74
CA ILE A 30 -3.16 4.90 0.01
C ILE A 30 -4.68 5.03 0.14
N TYR A 31 -5.19 5.36 1.29
CA TYR A 31 -6.67 5.48 1.41
C TYR A 31 -7.18 6.54 0.44
N GLN A 32 -6.47 7.61 0.32
CA GLN A 32 -6.91 8.71 -0.58
C GLN A 32 -7.04 8.18 -2.02
N PHE A 33 -6.12 7.37 -2.44
CA PHE A 33 -6.20 6.82 -3.83
C PHE A 33 -7.40 5.89 -3.98
N ILE A 34 -7.60 4.99 -3.05
CA ILE A 34 -8.74 4.03 -3.16
C ILE A 34 -10.08 4.79 -3.18
N MET A 35 -10.29 5.69 -2.27
CA MET A 35 -11.58 6.43 -2.26
C MET A 35 -11.71 7.23 -3.57
N ASP A 36 -10.64 7.82 -4.02
CA ASP A 36 -10.71 8.61 -5.29
C ASP A 36 -11.10 7.71 -6.46
N ARG A 37 -10.45 6.59 -6.63
CA ARG A 37 -10.79 5.70 -7.77
C ARG A 37 -12.16 5.07 -7.53
N PHE A 38 -12.32 4.34 -6.46
CA PHE A 38 -13.63 3.69 -6.17
C PHE A 38 -14.39 4.54 -5.14
N PRO A 39 -15.50 5.16 -5.50
CA PRO A 39 -16.28 6.01 -4.56
C PRO A 39 -17.18 5.19 -3.62
N PHE A 40 -17.31 3.92 -3.87
CA PHE A 40 -18.17 3.08 -2.99
C PHE A 40 -17.61 3.12 -1.56
N TYR A 41 -16.31 3.12 -1.45
CA TYR A 41 -15.65 3.13 -0.11
C TYR A 41 -15.99 4.42 0.66
N ARG A 42 -16.22 5.50 -0.02
CA ARG A 42 -16.54 6.76 0.70
C ARG A 42 -17.80 6.55 1.55
N GLU A 43 -18.77 5.85 1.04
CA GLU A 43 -20.01 5.63 1.83
C GLU A 43 -19.68 4.84 3.10
N ASN A 44 -18.80 3.89 2.97
CA ASN A 44 -18.37 3.06 4.14
C ASN A 44 -16.89 3.33 4.42
N LYS A 45 -16.60 4.09 5.44
CA LYS A 45 -15.17 4.40 5.76
C LYS A 45 -14.64 3.48 6.86
N GLN A 46 -15.49 3.08 7.77
CA GLN A 46 -15.03 2.18 8.87
C GLN A 46 -15.17 0.72 8.45
N GLY A 47 -14.18 -0.08 8.74
CA GLY A 47 -14.23 -1.53 8.39
C GLY A 47 -13.16 -1.85 7.35
N TRP A 48 -13.26 -1.31 6.17
CA TRP A 48 -12.24 -1.61 5.12
C TRP A 48 -10.91 -0.90 5.45
N GLN A 49 -10.97 0.29 5.97
CA GLN A 49 -9.72 1.03 6.31
C GLN A 49 -8.89 0.25 7.32
N ASN A 50 -9.50 -0.27 8.34
CA ASN A 50 -8.74 -1.04 9.37
C ASN A 50 -8.23 -2.36 8.77
N SER A 51 -9.01 -2.98 7.94
CA SER A 51 -8.58 -4.29 7.35
C SER A 51 -7.28 -4.09 6.55
N ILE A 52 -7.16 -3.00 5.84
CA ILE A 52 -5.95 -2.76 5.03
C ILE A 52 -4.70 -2.74 5.93
N ARG A 53 -4.74 -2.02 7.03
CA ARG A 53 -3.55 -1.97 7.93
C ARG A 53 -3.28 -3.37 8.51
N HIS A 54 -4.30 -4.07 8.90
CA HIS A 54 -4.11 -5.42 9.49
C HIS A 54 -3.41 -6.33 8.48
N ASN A 55 -3.84 -6.32 7.25
CA ASN A 55 -3.19 -7.18 6.23
C ASN A 55 -1.75 -6.73 6.01
N LEU A 56 -1.51 -5.44 5.99
CA LEU A 56 -0.12 -4.96 5.76
C LEU A 56 0.81 -5.49 6.86
N SER A 57 0.43 -5.40 8.09
CA SER A 57 1.32 -5.91 9.17
C SER A 57 1.47 -7.43 9.03
N LEU A 58 0.40 -8.12 8.79
CA LEU A 58 0.49 -9.60 8.65
C LEU A 58 1.25 -9.95 7.36
N ASN A 59 0.97 -9.25 6.29
CA ASN A 59 1.68 -9.55 5.02
C ASN A 59 2.99 -8.76 5.00
N GLU A 60 4.09 -9.45 5.18
CA GLU A 60 5.42 -8.76 5.19
C GLU A 60 5.98 -8.74 3.76
N CYS A 61 5.20 -9.10 2.79
CA CYS A 61 5.69 -9.11 1.39
C CYS A 61 6.02 -7.68 0.94
N PHE A 62 5.39 -6.70 1.52
CA PHE A 62 5.68 -5.29 1.12
C PHE A 62 6.97 -4.84 1.80
N VAL A 63 7.72 -3.98 1.16
CA VAL A 63 9.00 -3.50 1.77
C VAL A 63 8.71 -2.24 2.58
N LYS A 64 8.98 -2.28 3.86
CA LYS A 64 8.72 -1.08 4.71
C LYS A 64 10.00 -0.24 4.79
N VAL A 65 10.07 0.81 4.02
CA VAL A 65 11.27 1.69 4.04
C VAL A 65 10.96 2.95 4.88
N PRO A 66 11.73 3.25 5.91
CA PRO A 66 11.47 4.44 6.76
C PRO A 66 12.01 5.73 6.16
N ARG A 67 11.72 6.85 6.76
CA ARG A 67 12.23 8.15 6.25
C ARG A 67 13.68 8.33 6.72
N ASP A 68 14.42 9.17 6.04
CA ASP A 68 15.84 9.40 6.43
C ASP A 68 15.91 10.39 7.61
N ASP A 69 17.05 10.49 8.22
CA ASP A 69 17.23 11.43 9.37
C ASP A 69 16.99 12.87 8.90
N LYS A 70 17.41 13.19 7.72
CA LYS A 70 17.21 14.59 7.23
C LYS A 70 15.73 14.93 7.22
N LYS A 71 14.90 14.00 6.83
CA LYS A 71 13.43 14.26 6.80
C LYS A 71 12.82 13.85 8.16
N PRO A 72 11.77 14.50 8.59
CA PRO A 72 11.10 14.16 9.88
C PRO A 72 10.28 12.88 9.74
N GLY A 73 10.43 11.94 10.64
CA GLY A 73 9.68 10.65 10.54
C GLY A 73 8.17 10.90 10.43
N LYS A 74 7.69 11.28 9.27
CA LYS A 74 6.23 11.50 9.11
C LYS A 74 5.51 10.15 9.17
N GLY A 75 6.10 9.17 8.57
CA GLY A 75 5.49 7.81 8.56
C GLY A 75 6.41 6.85 7.80
N SER A 76 5.99 5.63 7.63
CA SER A 76 6.83 4.63 6.89
C SER A 76 6.36 4.55 5.43
N TYR A 77 7.27 4.45 4.51
CA TYR A 77 6.87 4.35 3.07
C TYR A 77 6.63 2.89 2.70
N TRP A 78 5.67 2.63 1.86
CA TRP A 78 5.36 1.23 1.44
C TRP A 78 5.67 1.06 -0.05
N THR A 79 6.39 0.04 -0.41
CA THR A 79 6.72 -0.17 -1.85
C THR A 79 7.08 -1.63 -2.09
N LEU A 80 6.89 -2.12 -3.29
CA LEU A 80 7.24 -3.54 -3.58
C LEU A 80 8.64 -3.62 -4.17
N ASP A 81 9.62 -3.96 -3.38
CA ASP A 81 11.02 -4.07 -3.88
C ASP A 81 11.71 -5.29 -3.26
N PRO A 82 11.42 -6.46 -3.76
CA PRO A 82 12.01 -7.72 -3.24
C PRO A 82 13.54 -7.76 -3.36
N ASP A 83 14.10 -8.88 -3.70
CA ASP A 83 15.58 -9.00 -3.83
C ASP A 83 15.97 -8.75 -5.30
N SER A 84 15.24 -7.92 -5.98
CA SER A 84 15.55 -7.64 -7.41
C SER A 84 17.04 -7.29 -7.54
N TYR A 85 17.86 -8.28 -7.72
CA TYR A 85 19.33 -8.02 -7.86
C TYR A 85 19.60 -7.16 -9.09
N ASN A 86 19.05 -7.54 -10.22
CA ASN A 86 19.27 -6.75 -11.48
C ASN A 86 18.00 -6.83 -12.33
N MET A 87 16.88 -7.09 -11.73
CA MET A 87 15.62 -7.20 -12.50
C MET A 87 15.23 -5.82 -13.03
N PHE A 88 15.13 -5.66 -14.32
CA PHE A 88 14.75 -4.33 -14.90
C PHE A 88 13.25 -4.32 -15.18
N GLU A 89 12.67 -5.46 -15.44
CA GLU A 89 11.21 -5.52 -15.74
C GLU A 89 10.62 -6.78 -15.08
N ASN A 90 9.32 -6.92 -15.11
CA ASN A 90 8.68 -8.12 -14.48
C ASN A 90 9.47 -9.38 -14.84
N GLY A 91 9.21 -10.46 -14.17
CA GLY A 91 9.96 -11.73 -14.44
C GLY A 91 9.63 -12.24 -15.85
N SER A 92 9.72 -11.39 -16.84
CA SER A 92 9.43 -11.84 -18.24
C SER A 92 10.55 -12.76 -18.70
N PHE A 93 11.64 -12.77 -17.99
CA PHE A 93 12.79 -13.64 -18.37
C PHE A 93 12.34 -15.10 -18.50
N LEU A 94 13.21 -15.94 -18.99
CA LEU A 94 12.86 -17.38 -19.16
C LEU A 94 12.71 -18.03 -17.77
N MET A 1 -24.91 2.93 -9.16
CA MET A 1 -24.54 1.67 -9.87
C MET A 1 -23.18 1.20 -9.37
N LEU A 2 -22.76 1.69 -8.24
CA LEU A 2 -21.44 1.27 -7.67
C LEU A 2 -21.60 -0.07 -6.95
N VAL A 3 -20.62 -0.93 -7.04
CA VAL A 3 -20.70 -2.26 -6.35
C VAL A 3 -19.30 -2.68 -5.87
N LYS A 4 -19.22 -3.46 -4.84
CA LYS A 4 -17.90 -3.90 -4.32
C LYS A 4 -17.02 -4.36 -5.50
N PRO A 5 -16.01 -3.61 -5.89
CA PRO A 5 -15.14 -4.00 -7.04
C PRO A 5 -14.60 -5.43 -6.93
N PRO A 6 -14.35 -6.07 -8.04
CA PRO A 6 -13.80 -7.47 -8.07
C PRO A 6 -12.32 -7.49 -7.67
N TYR A 7 -11.84 -6.44 -7.07
CA TYR A 7 -10.39 -6.40 -6.66
C TYR A 7 -10.27 -6.70 -5.16
N SER A 8 -9.34 -7.52 -4.78
CA SER A 8 -9.16 -7.85 -3.34
C SER A 8 -8.40 -6.72 -2.66
N TYR A 9 -8.33 -6.74 -1.35
CA TYR A 9 -7.59 -5.67 -0.64
C TYR A 9 -6.13 -5.68 -1.09
N ILE A 10 -5.57 -6.85 -1.28
CA ILE A 10 -4.15 -6.92 -1.73
C ILE A 10 -4.07 -6.35 -3.15
N ALA A 11 -5.03 -6.65 -3.98
CA ALA A 11 -5.00 -6.12 -5.37
C ALA A 11 -5.19 -4.62 -5.35
N LEU A 12 -6.14 -4.12 -4.60
CA LEU A 12 -6.34 -2.65 -4.54
C LEU A 12 -5.07 -2.01 -4.02
N ILE A 13 -4.45 -2.61 -3.04
CA ILE A 13 -3.19 -2.06 -2.49
C ILE A 13 -2.08 -2.23 -3.53
N THR A 14 -2.03 -3.36 -4.18
CA THR A 14 -0.97 -3.57 -5.21
C THR A 14 -1.14 -2.56 -6.33
N MET A 15 -2.36 -2.30 -6.72
CA MET A 15 -2.61 -1.30 -7.81
C MET A 15 -2.23 0.09 -7.30
N ALA A 16 -2.55 0.37 -6.06
CA ALA A 16 -2.24 1.70 -5.49
C ALA A 16 -0.73 1.96 -5.53
N ILE A 17 0.05 1.02 -5.06
CA ILE A 17 1.52 1.22 -5.08
C ILE A 17 2.00 1.42 -6.51
N GLN A 18 1.58 0.54 -7.38
CA GLN A 18 2.00 0.64 -8.82
C GLN A 18 1.43 1.91 -9.46
N ASN A 19 0.21 2.25 -9.13
CA ASN A 19 -0.41 3.47 -9.74
C ASN A 19 0.07 4.72 -9.00
N ALA A 20 0.99 4.58 -8.08
CA ALA A 20 1.48 5.77 -7.33
C ALA A 20 2.48 6.55 -8.19
N PRO A 21 2.54 7.85 -8.05
CA PRO A 21 3.47 8.72 -8.83
C PRO A 21 4.80 8.02 -9.15
N GLU A 22 5.75 8.04 -8.25
CA GLU A 22 7.05 7.37 -8.51
C GLU A 22 6.96 5.93 -8.02
N LYS A 23 7.12 5.70 -6.74
CA LYS A 23 7.03 4.31 -6.23
C LYS A 23 6.72 4.31 -4.73
N LYS A 24 7.22 5.28 -4.01
CA LYS A 24 6.96 5.32 -2.54
C LYS A 24 5.58 5.93 -2.26
N ILE A 25 4.79 5.26 -1.47
CA ILE A 25 3.43 5.79 -1.12
C ILE A 25 3.26 5.73 0.40
N THR A 26 2.68 6.74 0.98
CA THR A 26 2.49 6.73 2.46
C THR A 26 1.27 5.88 2.83
N LEU A 27 1.19 5.50 4.07
CA LEU A 27 0.04 4.66 4.52
C LEU A 27 -1.27 5.43 4.28
N ASN A 28 -1.29 6.69 4.67
CA ASN A 28 -2.50 7.52 4.46
C ASN A 28 -2.78 7.67 2.96
N GLY A 29 -1.76 7.83 2.17
CA GLY A 29 -1.97 8.00 0.71
C GLY A 29 -2.73 6.80 0.12
N ILE A 30 -2.42 5.62 0.56
CA ILE A 30 -3.14 4.43 0.02
C ILE A 30 -4.63 4.56 0.30
N TYR A 31 -4.99 5.03 1.47
CA TYR A 31 -6.45 5.18 1.78
C TYR A 31 -7.10 6.14 0.79
N GLN A 32 -6.51 7.27 0.56
CA GLN A 32 -7.10 8.26 -0.40
C GLN A 32 -7.20 7.61 -1.78
N PHE A 33 -6.23 6.82 -2.15
CA PHE A 33 -6.26 6.19 -3.49
C PHE A 33 -7.50 5.31 -3.61
N ILE A 34 -7.75 4.45 -2.65
CA ILE A 34 -8.95 3.57 -2.73
C ILE A 34 -10.24 4.39 -2.70
N MET A 35 -10.37 5.29 -1.76
CA MET A 35 -11.62 6.09 -1.70
C MET A 35 -11.76 6.99 -2.93
N ASP A 36 -10.71 7.63 -3.35
CA ASP A 36 -10.80 8.52 -4.54
C ASP A 36 -11.12 7.71 -5.80
N ARG A 37 -10.46 6.61 -6.00
CA ARG A 37 -10.72 5.79 -7.21
C ARG A 37 -12.11 5.13 -7.13
N PHE A 38 -12.49 4.65 -5.97
CA PHE A 38 -13.81 3.98 -5.82
C PHE A 38 -14.62 4.67 -4.72
N PRO A 39 -15.28 5.76 -5.03
CA PRO A 39 -16.10 6.52 -4.04
C PRO A 39 -17.03 5.59 -3.25
N PHE A 40 -17.09 4.35 -3.63
CA PHE A 40 -17.97 3.38 -2.91
C PHE A 40 -17.54 3.28 -1.44
N TYR A 41 -16.26 3.24 -1.18
CA TYR A 41 -15.78 3.13 0.22
C TYR A 41 -16.03 4.42 1.00
N ARG A 42 -16.20 5.52 0.32
CA ARG A 42 -16.44 6.80 1.05
C ARG A 42 -17.72 6.68 1.88
N GLU A 43 -18.74 6.05 1.35
CA GLU A 43 -20.00 5.91 2.13
C GLU A 43 -19.93 4.69 3.04
N ASN A 44 -18.81 4.02 3.04
CA ASN A 44 -18.64 2.81 3.91
C ASN A 44 -17.30 2.88 4.64
N LYS A 45 -17.33 2.97 5.95
CA LYS A 45 -16.07 3.03 6.75
C LYS A 45 -15.94 1.72 7.53
N GLN A 46 -16.73 0.75 7.16
CA GLN A 46 -16.71 -0.56 7.87
C GLN A 46 -15.28 -1.08 8.07
N GLY A 47 -15.17 -2.26 8.64
CA GLY A 47 -13.83 -2.85 8.90
C GLY A 47 -12.93 -2.74 7.67
N TRP A 48 -13.45 -2.35 6.54
CA TRP A 48 -12.59 -2.24 5.34
C TRP A 48 -11.46 -1.23 5.66
N GLN A 49 -11.82 -0.18 6.32
CA GLN A 49 -10.83 0.87 6.66
C GLN A 49 -9.69 0.30 7.53
N ASN A 50 -10.02 -0.39 8.59
CA ASN A 50 -8.95 -0.93 9.48
C ASN A 50 -8.25 -2.12 8.80
N SER A 51 -8.99 -2.96 8.15
CA SER A 51 -8.36 -4.16 7.50
C SER A 51 -7.18 -3.74 6.62
N ILE A 52 -7.20 -2.57 6.07
CA ILE A 52 -6.08 -2.14 5.19
C ILE A 52 -4.77 -2.11 5.98
N ARG A 53 -4.74 -1.44 7.10
CA ARG A 53 -3.48 -1.38 7.90
C ARG A 53 -3.18 -2.74 8.51
N HIS A 54 -4.17 -3.43 9.00
CA HIS A 54 -3.92 -4.77 9.58
C HIS A 54 -3.39 -5.69 8.49
N ASN A 55 -3.93 -5.60 7.31
CA ASN A 55 -3.44 -6.48 6.20
C ASN A 55 -1.99 -6.10 5.92
N LEU A 56 -1.69 -4.82 5.94
CA LEU A 56 -0.28 -4.38 5.68
C LEU A 56 0.62 -4.81 6.83
N SER A 57 0.16 -4.72 8.05
CA SER A 57 1.01 -5.14 9.19
C SER A 57 1.16 -6.66 9.18
N LEU A 58 0.09 -7.37 8.96
CA LEU A 58 0.17 -8.86 8.94
C LEU A 58 0.95 -9.29 7.70
N ASN A 59 0.72 -8.64 6.59
CA ASN A 59 1.44 -9.02 5.35
C ASN A 59 2.88 -8.51 5.42
N GLU A 60 3.81 -9.40 5.65
CA GLU A 60 5.24 -8.99 5.72
C GLU A 60 5.83 -9.06 4.31
N CYS A 61 5.02 -9.46 3.37
CA CYS A 61 5.48 -9.56 1.96
C CYS A 61 5.93 -8.18 1.48
N PHE A 62 5.27 -7.15 1.95
CA PHE A 62 5.64 -5.77 1.53
C PHE A 62 6.89 -5.33 2.29
N VAL A 63 7.64 -4.41 1.76
CA VAL A 63 8.89 -3.92 2.45
C VAL A 63 8.68 -2.48 2.89
N LYS A 64 8.88 -2.20 4.15
CA LYS A 64 8.72 -0.81 4.65
C LYS A 64 9.92 0.03 4.23
N VAL A 65 9.75 1.33 4.12
CA VAL A 65 10.88 2.22 3.72
C VAL A 65 11.07 3.29 4.79
N PRO A 66 11.92 3.06 5.77
CA PRO A 66 12.16 4.04 6.87
C PRO A 66 12.33 5.47 6.34
N ARG A 67 11.98 6.44 7.14
CA ARG A 67 12.10 7.87 6.73
C ARG A 67 13.13 8.56 7.62
N ASP A 68 13.68 9.65 7.17
CA ASP A 68 14.70 10.38 7.98
C ASP A 68 14.15 10.67 9.38
N ASP A 69 15.02 11.06 10.28
CA ASP A 69 14.57 11.35 11.68
C ASP A 69 13.71 12.61 11.69
N LYS A 70 13.91 13.49 10.74
CA LYS A 70 13.10 14.75 10.71
C LYS A 70 11.66 14.41 10.33
N LYS A 71 11.09 13.42 10.96
CA LYS A 71 9.68 13.01 10.64
C LYS A 71 8.71 13.64 11.67
N PRO A 72 7.87 14.57 11.27
CA PRO A 72 6.89 15.21 12.20
C PRO A 72 5.62 14.36 12.34
N GLY A 73 5.66 13.17 11.83
CA GLY A 73 4.47 12.27 11.90
C GLY A 73 4.74 11.01 11.06
N LYS A 74 4.61 11.12 9.77
CA LYS A 74 4.86 9.94 8.89
C LYS A 74 6.30 9.47 9.09
N GLY A 75 6.54 8.18 9.11
CA GLY A 75 7.93 7.67 9.35
C GLY A 75 8.37 6.69 8.26
N SER A 76 7.48 6.18 7.45
CA SER A 76 7.94 5.21 6.40
C SER A 76 6.95 5.11 5.24
N TYR A 77 7.45 4.73 4.09
CA TYR A 77 6.57 4.57 2.88
C TYR A 77 6.49 3.08 2.56
N TRP A 78 5.53 2.69 1.76
CA TRP A 78 5.39 1.24 1.40
C TRP A 78 5.74 1.04 -0.06
N THR A 79 6.64 0.12 -0.36
CA THR A 79 7.04 -0.13 -1.77
C THR A 79 7.24 -1.64 -1.99
N LEU A 80 7.18 -2.07 -3.22
CA LEU A 80 7.37 -3.52 -3.52
C LEU A 80 8.84 -3.89 -3.43
N ASP A 81 9.14 -5.17 -3.52
CA ASP A 81 10.56 -5.62 -3.44
C ASP A 81 11.41 -4.76 -4.39
N PRO A 82 12.71 -4.96 -4.42
CA PRO A 82 13.61 -4.15 -5.31
C PRO A 82 13.33 -4.45 -6.79
N ASP A 83 14.34 -4.48 -7.61
CA ASP A 83 14.13 -4.77 -9.05
C ASP A 83 14.17 -6.28 -9.26
N SER A 84 14.27 -7.04 -8.20
CA SER A 84 14.32 -8.53 -8.34
C SER A 84 13.10 -8.99 -9.14
N TYR A 85 13.18 -8.93 -10.44
CA TYR A 85 12.01 -9.34 -11.27
C TYR A 85 11.98 -10.87 -11.39
N ASN A 86 12.93 -11.44 -12.07
CA ASN A 86 12.97 -12.93 -12.23
C ASN A 86 14.13 -13.51 -11.41
N MET A 87 14.60 -12.74 -10.48
CA MET A 87 15.74 -13.21 -9.63
C MET A 87 15.22 -14.07 -8.47
N PHE A 88 15.71 -15.27 -8.36
CA PHE A 88 15.28 -16.18 -7.25
C PHE A 88 16.51 -16.92 -6.71
N GLU A 89 17.66 -16.67 -7.28
CA GLU A 89 18.89 -17.36 -6.82
C GLU A 89 20.09 -16.43 -7.06
N ASN A 90 21.24 -16.80 -6.54
CA ASN A 90 22.44 -15.94 -6.74
C ASN A 90 22.57 -15.58 -8.22
N GLY A 91 22.98 -14.38 -8.52
CA GLY A 91 23.12 -13.97 -9.94
C GLY A 91 24.42 -14.51 -10.51
N SER A 92 25.16 -15.26 -9.74
CA SER A 92 26.45 -15.81 -10.26
C SER A 92 26.15 -16.69 -11.47
N PHE A 93 25.09 -17.43 -11.43
CA PHE A 93 24.73 -18.29 -12.60
C PHE A 93 24.50 -17.40 -13.82
N LEU A 94 25.08 -17.75 -14.94
CA LEU A 94 24.89 -16.92 -16.17
C LEU A 94 23.69 -17.45 -16.95
N MET A 1 -26.90 1.03 -9.85
CA MET A 1 -26.49 0.28 -8.63
C MET A 1 -24.96 0.25 -8.54
N LEU A 2 -24.42 0.33 -7.34
CA LEU A 2 -22.94 0.29 -7.17
C LEU A 2 -22.53 -1.01 -6.49
N VAL A 3 -21.44 -1.59 -6.93
CA VAL A 3 -20.96 -2.87 -6.33
C VAL A 3 -19.44 -2.80 -6.11
N LYS A 4 -18.90 -3.63 -5.25
CA LYS A 4 -17.43 -3.60 -5.02
C LYS A 4 -16.73 -4.14 -6.28
N PRO A 5 -15.54 -3.70 -6.58
CA PRO A 5 -14.79 -4.17 -7.77
C PRO A 5 -14.10 -5.53 -7.54
N PRO A 6 -14.16 -6.45 -8.48
CA PRO A 6 -13.52 -7.78 -8.34
C PRO A 6 -12.13 -7.74 -7.67
N TYR A 7 -11.51 -6.59 -7.63
CA TYR A 7 -10.14 -6.52 -7.01
C TYR A 7 -10.24 -6.78 -5.50
N SER A 8 -9.44 -7.67 -5.00
CA SER A 8 -9.46 -7.97 -3.54
C SER A 8 -8.62 -6.92 -2.81
N TYR A 9 -8.56 -6.98 -1.51
CA TYR A 9 -7.76 -5.98 -0.75
C TYR A 9 -6.30 -6.06 -1.18
N ILE A 10 -5.78 -7.25 -1.36
CA ILE A 10 -4.37 -7.38 -1.80
C ILE A 10 -4.17 -6.70 -3.16
N ALA A 11 -5.03 -6.97 -4.09
CA ALA A 11 -4.89 -6.36 -5.44
C ALA A 11 -5.10 -4.84 -5.37
N LEU A 12 -6.07 -4.39 -4.62
CA LEU A 12 -6.30 -2.92 -4.52
C LEU A 12 -5.05 -2.25 -3.97
N ILE A 13 -4.48 -2.81 -2.93
CA ILE A 13 -3.25 -2.20 -2.37
C ILE A 13 -2.16 -2.25 -3.45
N THR A 14 -2.10 -3.34 -4.17
CA THR A 14 -1.09 -3.48 -5.24
C THR A 14 -1.32 -2.41 -6.31
N MET A 15 -2.55 -2.14 -6.63
CA MET A 15 -2.85 -1.10 -7.67
C MET A 15 -2.42 0.28 -7.15
N ALA A 16 -2.64 0.54 -5.90
CA ALA A 16 -2.27 1.87 -5.33
C ALA A 16 -0.76 2.08 -5.48
N ILE A 17 0.02 1.10 -5.14
CA ILE A 17 1.50 1.27 -5.26
C ILE A 17 1.84 1.54 -6.73
N GLN A 18 1.32 0.72 -7.60
CA GLN A 18 1.58 0.89 -9.05
C GLN A 18 0.99 2.21 -9.55
N ASN A 19 -0.19 2.55 -9.09
CA ASN A 19 -0.85 3.81 -9.55
C ASN A 19 -0.33 5.01 -8.75
N ALA A 20 0.58 4.79 -7.84
CA ALA A 20 1.12 5.92 -7.05
C ALA A 20 2.13 6.70 -7.92
N PRO A 21 2.26 7.99 -7.74
CA PRO A 21 3.24 8.79 -8.52
C PRO A 21 4.66 8.32 -8.23
N GLU A 22 4.83 7.72 -7.09
CA GLU A 22 6.16 7.19 -6.68
C GLU A 22 5.95 5.81 -6.03
N LYS A 23 6.89 4.93 -6.15
CA LYS A 23 6.71 3.59 -5.52
C LYS A 23 6.58 3.78 -4.01
N LYS A 24 7.32 4.71 -3.46
CA LYS A 24 7.22 4.96 -1.99
C LYS A 24 6.04 5.88 -1.74
N ILE A 25 5.07 5.43 -0.99
CA ILE A 25 3.87 6.27 -0.68
C ILE A 25 3.51 6.11 0.79
N THR A 26 2.90 7.11 1.36
CA THR A 26 2.52 7.01 2.80
C THR A 26 1.24 6.19 2.92
N LEU A 27 1.04 5.57 4.06
CA LEU A 27 -0.18 4.75 4.26
C LEU A 27 -1.41 5.65 4.11
N ASN A 28 -1.34 6.85 4.63
CA ASN A 28 -2.48 7.79 4.51
C ASN A 28 -2.77 8.08 3.03
N GLY A 29 -1.76 8.22 2.23
CA GLY A 29 -1.96 8.50 0.78
C GLY A 29 -2.70 7.35 0.10
N ILE A 30 -2.40 6.13 0.46
CA ILE A 30 -3.07 4.97 -0.18
C ILE A 30 -4.58 5.05 0.05
N TYR A 31 -5.01 5.43 1.23
CA TYR A 31 -6.47 5.50 1.49
C TYR A 31 -7.14 6.51 0.53
N GLN A 32 -6.50 7.62 0.29
CA GLN A 32 -7.11 8.64 -0.60
C GLN A 32 -7.31 8.05 -2.00
N PHE A 33 -6.36 7.28 -2.46
CA PHE A 33 -6.47 6.67 -3.82
C PHE A 33 -7.69 5.76 -3.93
N ILE A 34 -7.87 4.86 -3.01
CA ILE A 34 -9.02 3.91 -3.08
C ILE A 34 -10.37 4.65 -3.09
N MET A 35 -10.59 5.56 -2.19
CA MET A 35 -11.90 6.27 -2.16
C MET A 35 -12.15 7.02 -3.47
N ASP A 36 -11.15 7.64 -4.04
CA ASP A 36 -11.39 8.39 -5.31
C ASP A 36 -11.70 7.43 -6.47
N ARG A 37 -10.94 6.38 -6.62
CA ARG A 37 -11.22 5.45 -7.75
C ARG A 37 -12.53 4.69 -7.49
N PHE A 38 -12.76 4.29 -6.27
CA PHE A 38 -14.01 3.55 -5.92
C PHE A 38 -14.77 4.33 -4.84
N PRO A 39 -15.91 4.92 -5.15
CA PRO A 39 -16.68 5.73 -4.16
C PRO A 39 -17.52 4.86 -3.20
N PHE A 40 -17.64 3.59 -3.48
CA PHE A 40 -18.44 2.71 -2.58
C PHE A 40 -17.85 2.75 -1.17
N TYR A 41 -16.55 2.84 -1.09
CA TYR A 41 -15.86 2.86 0.23
C TYR A 41 -16.19 4.15 0.98
N ARG A 42 -16.45 5.22 0.29
CA ARG A 42 -16.76 6.50 0.99
C ARG A 42 -18.00 6.31 1.87
N GLU A 43 -18.99 5.60 1.38
CA GLU A 43 -20.21 5.39 2.20
C GLU A 43 -19.85 4.53 3.41
N ASN A 44 -19.02 3.55 3.20
CA ASN A 44 -18.61 2.64 4.32
C ASN A 44 -17.17 2.97 4.72
N LYS A 45 -16.98 3.60 5.85
CA LYS A 45 -15.59 3.95 6.30
C LYS A 45 -15.10 2.91 7.30
N GLN A 46 -15.93 2.52 8.21
CA GLN A 46 -15.51 1.51 9.23
C GLN A 46 -15.50 0.11 8.62
N GLY A 47 -14.51 -0.69 8.95
CA GLY A 47 -14.45 -2.08 8.41
C GLY A 47 -13.28 -2.21 7.43
N TRP A 48 -13.28 -1.45 6.36
CA TRP A 48 -12.18 -1.57 5.37
C TRP A 48 -11.03 -0.62 5.73
N GLN A 49 -11.26 0.32 6.61
CA GLN A 49 -10.19 1.28 6.96
C GLN A 49 -9.07 0.59 7.77
N ASN A 50 -9.40 0.03 8.90
CA ASN A 50 -8.34 -0.62 9.73
C ASN A 50 -7.89 -1.94 9.09
N SER A 51 -8.75 -2.60 8.36
CA SER A 51 -8.36 -3.89 7.73
C SER A 51 -7.17 -3.68 6.80
N ILE A 52 -7.15 -2.60 6.07
CA ILE A 52 -6.03 -2.34 5.13
C ILE A 52 -4.70 -2.29 5.90
N ARG A 53 -4.64 -1.61 7.01
CA ARG A 53 -3.37 -1.51 7.77
C ARG A 53 -3.00 -2.88 8.38
N HIS A 54 -3.94 -3.56 8.97
CA HIS A 54 -3.60 -4.88 9.58
C HIS A 54 -3.07 -5.82 8.50
N ASN A 55 -3.67 -5.81 7.34
CA ASN A 55 -3.18 -6.68 6.25
C ASN A 55 -1.75 -6.28 5.90
N LEU A 56 -1.48 -5.01 5.84
CA LEU A 56 -0.11 -4.53 5.51
C LEU A 56 0.88 -5.05 6.56
N SER A 57 0.55 -4.92 7.82
CA SER A 57 1.48 -5.41 8.88
C SER A 57 1.51 -6.94 8.88
N LEU A 58 0.38 -7.57 8.74
CA LEU A 58 0.34 -9.06 8.74
C LEU A 58 1.08 -9.60 7.51
N ASN A 59 0.90 -8.99 6.38
CA ASN A 59 1.59 -9.49 5.16
C ASN A 59 3.07 -9.12 5.24
N GLU A 60 3.94 -10.08 5.23
CA GLU A 60 5.40 -9.79 5.28
C GLU A 60 5.93 -9.63 3.86
N CYS A 61 5.07 -9.82 2.89
CA CYS A 61 5.51 -9.67 1.47
C CYS A 61 5.94 -8.22 1.22
N PHE A 62 5.24 -7.29 1.77
CA PHE A 62 5.60 -5.85 1.57
C PHE A 62 6.74 -5.48 2.52
N VAL A 63 7.55 -4.51 2.15
CA VAL A 63 8.69 -4.08 3.02
C VAL A 63 8.63 -2.57 3.23
N LYS A 64 8.67 -2.13 4.46
CA LYS A 64 8.62 -0.67 4.74
C LYS A 64 10.04 -0.07 4.60
N VAL A 65 10.12 1.17 4.22
CA VAL A 65 11.45 1.84 4.06
C VAL A 65 11.39 3.20 4.77
N PRO A 66 11.53 3.20 6.08
CA PRO A 66 11.48 4.46 6.88
C PRO A 66 12.26 5.60 6.23
N ARG A 67 11.99 6.81 6.60
CA ARG A 67 12.72 7.96 5.99
C ARG A 67 14.11 8.03 6.62
N ASP A 68 15.04 8.66 5.96
CA ASP A 68 16.42 8.76 6.52
C ASP A 68 16.36 9.62 7.78
N ASP A 69 17.29 9.44 8.68
CA ASP A 69 17.29 10.25 9.93
C ASP A 69 17.43 11.73 9.57
N LYS A 70 17.90 12.02 8.39
CA LYS A 70 18.07 13.43 7.97
C LYS A 70 16.69 14.04 7.65
N LYS A 71 15.67 13.23 7.62
CA LYS A 71 14.29 13.73 7.31
C LYS A 71 13.31 13.20 8.37
N PRO A 72 13.28 13.82 9.52
CA PRO A 72 12.37 13.42 10.63
C PRO A 72 10.90 13.37 10.20
N GLY A 73 10.00 13.72 11.08
CA GLY A 73 8.56 13.69 10.71
C GLY A 73 8.11 12.27 10.36
N LYS A 74 7.56 12.10 9.20
CA LYS A 74 7.10 10.74 8.78
C LYS A 74 8.28 9.77 8.73
N GLY A 75 8.08 8.56 9.18
CA GLY A 75 9.18 7.55 9.17
C GLY A 75 8.67 6.22 8.59
N SER A 76 7.88 6.27 7.55
CA SER A 76 7.36 5.00 6.97
C SER A 76 7.00 5.16 5.49
N TYR A 77 7.48 4.29 4.65
CA TYR A 77 7.16 4.33 3.20
C TYR A 77 6.77 2.90 2.78
N TRP A 78 6.05 2.75 1.69
CA TRP A 78 5.64 1.37 1.23
C TRP A 78 6.13 1.13 -0.19
N THR A 79 6.69 -0.02 -0.43
CA THR A 79 7.20 -0.35 -1.80
C THR A 79 7.16 -1.87 -2.00
N LEU A 80 7.20 -2.33 -3.22
CA LEU A 80 7.15 -3.80 -3.47
C LEU A 80 8.55 -4.39 -3.24
N ASP A 81 8.63 -5.68 -3.02
CA ASP A 81 9.95 -6.32 -2.77
C ASP A 81 10.91 -5.95 -3.92
N PRO A 82 12.16 -6.33 -3.83
CA PRO A 82 13.16 -6.03 -4.90
C PRO A 82 12.79 -6.68 -6.23
N ASP A 83 13.75 -7.19 -6.95
CA ASP A 83 13.46 -7.86 -8.24
C ASP A 83 13.00 -9.29 -7.96
N SER A 84 12.77 -9.62 -6.72
CA SER A 84 12.33 -11.00 -6.37
C SER A 84 11.03 -11.34 -7.11
N TYR A 85 11.11 -11.62 -8.38
CA TYR A 85 9.86 -11.97 -9.13
C TYR A 85 9.28 -13.25 -8.52
N ASN A 86 10.11 -14.24 -8.35
CA ASN A 86 9.65 -15.51 -7.71
C ASN A 86 10.85 -16.19 -7.07
N MET A 87 11.19 -15.77 -5.88
CA MET A 87 12.37 -16.37 -5.18
C MET A 87 11.99 -17.77 -4.69
N PHE A 88 12.83 -18.74 -4.93
CA PHE A 88 12.52 -20.13 -4.50
C PHE A 88 12.84 -20.31 -3.01
N GLU A 89 13.93 -19.73 -2.55
CA GLU A 89 14.32 -19.87 -1.12
C GLU A 89 14.37 -18.50 -0.45
N ASN A 90 14.29 -18.47 0.85
CA ASN A 90 14.34 -17.16 1.58
C ASN A 90 15.79 -16.73 1.73
N GLY A 91 16.69 -17.51 1.20
CA GLY A 91 18.15 -17.18 1.30
C GLY A 91 18.83 -17.55 -0.02
N SER A 92 19.21 -18.79 -0.18
CA SER A 92 19.88 -19.20 -1.45
C SER A 92 18.82 -19.55 -2.49
N PHE A 93 18.25 -18.55 -3.11
CA PHE A 93 17.19 -18.81 -4.14
C PHE A 93 17.85 -18.95 -5.52
N LEU A 94 19.15 -18.83 -5.59
CA LEU A 94 19.84 -18.95 -6.90
C LEU A 94 20.05 -20.44 -7.20
N MET A 1 -26.98 -0.84 -8.04
CA MET A 1 -26.57 -1.11 -6.64
C MET A 1 -25.04 -1.05 -6.54
N LEU A 2 -24.53 -0.56 -5.45
CA LEU A 2 -23.04 -0.47 -5.29
C LEU A 2 -22.51 -1.78 -4.72
N VAL A 3 -21.39 -2.24 -5.21
CA VAL A 3 -20.80 -3.52 -4.72
C VAL A 3 -19.28 -3.41 -4.75
N LYS A 4 -18.60 -4.18 -3.93
CA LYS A 4 -17.12 -4.12 -3.94
C LYS A 4 -16.60 -4.74 -5.25
N PRO A 5 -15.50 -4.25 -5.79
CA PRO A 5 -14.94 -4.80 -7.05
C PRO A 5 -14.15 -6.10 -6.80
N PRO A 6 -14.21 -7.06 -7.69
CA PRO A 6 -13.49 -8.35 -7.52
C PRO A 6 -12.08 -8.19 -6.92
N TYR A 7 -11.48 -7.05 -7.07
CA TYR A 7 -10.11 -6.86 -6.52
C TYR A 7 -10.14 -7.04 -5.00
N SER A 8 -9.22 -7.81 -4.49
CA SER A 8 -9.17 -8.03 -3.01
C SER A 8 -8.43 -6.85 -2.38
N TYR A 9 -8.46 -6.74 -1.08
CA TYR A 9 -7.77 -5.60 -0.42
C TYR A 9 -6.27 -5.65 -0.76
N ILE A 10 -5.69 -6.82 -0.77
CA ILE A 10 -4.25 -6.93 -1.10
C ILE A 10 -4.03 -6.41 -2.53
N ALA A 11 -4.89 -6.79 -3.44
CA ALA A 11 -4.74 -6.33 -4.85
C ALA A 11 -4.99 -4.81 -4.92
N LEU A 12 -5.97 -4.32 -4.22
CA LEU A 12 -6.24 -2.85 -4.28
C LEU A 12 -4.98 -2.10 -3.80
N ILE A 13 -4.34 -2.59 -2.78
CA ILE A 13 -3.11 -1.90 -2.30
C ILE A 13 -2.06 -1.97 -3.41
N THR A 14 -1.92 -3.11 -4.01
CA THR A 14 -0.92 -3.27 -5.10
C THR A 14 -1.23 -2.32 -6.26
N MET A 15 -2.48 -2.16 -6.58
CA MET A 15 -2.86 -1.26 -7.71
C MET A 15 -2.53 0.20 -7.35
N ALA A 16 -2.77 0.57 -6.13
CA ALA A 16 -2.49 1.97 -5.70
C ALA A 16 -0.99 2.27 -5.87
N ILE A 17 -0.15 1.37 -5.45
CA ILE A 17 1.32 1.60 -5.58
C ILE A 17 1.68 1.72 -7.06
N GLN A 18 1.17 0.83 -7.86
CA GLN A 18 1.47 0.85 -9.32
C GLN A 18 0.99 2.18 -9.91
N ASN A 19 -0.14 2.66 -9.48
CA ASN A 19 -0.67 3.95 -10.02
C ASN A 19 -0.03 5.11 -9.26
N ALA A 20 0.79 4.83 -8.28
CA ALA A 20 1.44 5.92 -7.51
C ALA A 20 2.64 6.45 -8.29
N PRO A 21 2.73 7.74 -8.57
CA PRO A 21 3.89 8.30 -9.31
C PRO A 21 5.20 7.70 -8.80
N GLU A 22 5.46 7.84 -7.53
CA GLU A 22 6.71 7.27 -6.94
C GLU A 22 6.35 5.92 -6.31
N LYS A 23 7.20 4.95 -6.44
CA LYS A 23 6.88 3.61 -5.85
C LYS A 23 6.68 3.73 -4.34
N LYS A 24 7.42 4.57 -3.68
CA LYS A 24 7.22 4.69 -2.21
C LYS A 24 5.96 5.51 -1.94
N ILE A 25 5.09 5.01 -1.11
CA ILE A 25 3.82 5.74 -0.81
C ILE A 25 3.50 5.63 0.68
N THR A 26 2.90 6.64 1.23
CA THR A 26 2.55 6.61 2.68
C THR A 26 1.23 5.84 2.87
N LEU A 27 1.06 5.20 3.99
CA LEU A 27 -0.19 4.44 4.23
C LEU A 27 -1.38 5.40 4.15
N ASN A 28 -1.22 6.56 4.72
CA ASN A 28 -2.32 7.58 4.68
C ASN A 28 -2.65 7.94 3.23
N GLY A 29 -1.65 8.11 2.41
CA GLY A 29 -1.89 8.48 0.99
C GLY A 29 -2.71 7.39 0.28
N ILE A 30 -2.45 6.16 0.57
CA ILE A 30 -3.20 5.05 -0.10
C ILE A 30 -4.70 5.18 0.20
N TYR A 31 -5.07 5.52 1.41
CA TYR A 31 -6.53 5.62 1.71
C TYR A 31 -7.17 6.66 0.80
N GLN A 32 -6.52 7.76 0.59
CA GLN A 32 -7.11 8.81 -0.29
C GLN A 32 -7.30 8.25 -1.71
N PHE A 33 -6.34 7.50 -2.17
CA PHE A 33 -6.42 6.95 -3.55
C PHE A 33 -7.64 6.02 -3.71
N ILE A 34 -7.81 5.09 -2.80
CA ILE A 34 -8.97 4.15 -2.91
C ILE A 34 -10.29 4.90 -2.90
N MET A 35 -10.45 5.84 -2.01
CA MET A 35 -11.74 6.58 -1.95
C MET A 35 -11.99 7.27 -3.29
N ASP A 36 -10.97 7.86 -3.87
CA ASP A 36 -11.14 8.54 -5.19
C ASP A 36 -11.39 7.51 -6.30
N ARG A 37 -10.70 6.41 -6.27
CA ARG A 37 -10.86 5.39 -7.34
C ARG A 37 -12.26 4.75 -7.26
N PHE A 38 -12.58 4.11 -6.16
CA PHE A 38 -13.91 3.45 -6.02
C PHE A 38 -14.81 4.30 -5.09
N PRO A 39 -15.99 4.68 -5.51
CA PRO A 39 -16.91 5.52 -4.68
C PRO A 39 -17.69 4.71 -3.61
N PHE A 40 -17.74 3.41 -3.74
CA PHE A 40 -18.50 2.60 -2.75
C PHE A 40 -17.91 2.80 -1.35
N TYR A 41 -16.61 2.86 -1.24
CA TYR A 41 -15.96 3.01 0.08
C TYR A 41 -16.27 4.38 0.69
N ARG A 42 -16.71 5.31 -0.10
CA ARG A 42 -17.01 6.66 0.45
C ARG A 42 -18.09 6.53 1.53
N GLU A 43 -19.15 5.84 1.23
CA GLU A 43 -20.24 5.67 2.23
C GLU A 43 -19.79 4.77 3.38
N ASN A 44 -19.06 3.74 3.06
CA ASN A 44 -18.57 2.79 4.11
C ASN A 44 -17.17 3.20 4.55
N LYS A 45 -17.06 3.88 5.66
CA LYS A 45 -15.72 4.33 6.15
C LYS A 45 -15.20 3.35 7.20
N GLN A 46 -16.05 2.86 8.05
CA GLN A 46 -15.60 1.93 9.13
C GLN A 46 -15.62 0.48 8.61
N GLY A 47 -14.62 -0.29 8.97
CA GLY A 47 -14.56 -1.72 8.52
C GLY A 47 -13.44 -1.92 7.51
N TRP A 48 -13.49 -1.22 6.40
CA TRP A 48 -12.43 -1.40 5.37
C TRP A 48 -11.19 -0.57 5.72
N GLN A 49 -11.30 0.33 6.65
CA GLN A 49 -10.12 1.18 7.00
C GLN A 49 -9.05 0.34 7.71
N ASN A 50 -9.41 -0.34 8.76
CA ASN A 50 -8.39 -1.14 9.50
C ASN A 50 -7.95 -2.37 8.68
N SER A 51 -8.78 -2.84 7.80
CA SER A 51 -8.40 -4.04 6.99
C SER A 51 -7.15 -3.74 6.17
N ILE A 52 -7.04 -2.57 5.63
CA ILE A 52 -5.85 -2.20 4.81
C ILE A 52 -4.57 -2.29 5.66
N ARG A 53 -4.58 -1.72 6.83
CA ARG A 53 -3.34 -1.76 7.67
C ARG A 53 -3.08 -3.17 8.19
N HIS A 54 -4.11 -3.86 8.62
CA HIS A 54 -3.89 -5.24 9.15
C HIS A 54 -3.28 -6.11 8.06
N ASN A 55 -3.79 -6.02 6.86
CA ASN A 55 -3.23 -6.84 5.76
C ASN A 55 -1.74 -6.50 5.57
N LEU A 56 -1.40 -5.24 5.65
CA LEU A 56 0.03 -4.85 5.47
C LEU A 56 0.91 -5.52 6.53
N SER A 57 0.46 -5.54 7.76
CA SER A 57 1.27 -6.16 8.84
C SER A 57 1.41 -7.67 8.62
N LEU A 58 0.34 -8.35 8.32
CA LEU A 58 0.44 -9.82 8.12
C LEU A 58 1.17 -10.13 6.82
N ASN A 59 0.92 -9.38 5.78
CA ASN A 59 1.61 -9.65 4.48
C ASN A 59 3.03 -9.12 4.54
N GLU A 60 4.00 -10.00 4.41
CA GLU A 60 5.43 -9.56 4.47
C GLU A 60 5.92 -9.22 3.06
N CYS A 61 5.10 -9.41 2.07
CA CYS A 61 5.54 -9.07 0.68
C CYS A 61 5.86 -7.59 0.60
N PHE A 62 5.16 -6.79 1.36
CA PHE A 62 5.42 -5.33 1.34
C PHE A 62 6.65 -5.02 2.19
N VAL A 63 7.38 -3.98 1.84
CA VAL A 63 8.61 -3.61 2.61
C VAL A 63 8.34 -2.32 3.39
N LYS A 64 8.49 -2.37 4.69
CA LYS A 64 8.22 -1.16 5.51
C LYS A 64 9.43 -0.22 5.47
N VAL A 65 9.28 0.92 4.84
CA VAL A 65 10.40 1.91 4.78
C VAL A 65 10.09 3.04 5.77
N PRO A 66 10.87 3.20 6.82
CA PRO A 66 10.60 4.26 7.84
C PRO A 66 11.08 5.64 7.38
N ARG A 67 10.35 6.67 7.72
CA ARG A 67 10.77 8.05 7.32
C ARG A 67 11.98 8.45 8.16
N ASP A 68 12.91 9.15 7.57
CA ASP A 68 14.11 9.58 8.35
C ASP A 68 13.78 10.86 9.12
N ASP A 69 14.39 11.06 10.26
CA ASP A 69 14.10 12.29 11.06
C ASP A 69 14.44 13.52 10.24
N LYS A 70 15.52 13.49 9.51
CA LYS A 70 15.91 14.68 8.68
C LYS A 70 14.85 14.91 7.61
N LYS A 71 14.14 13.88 7.23
CA LYS A 71 13.08 14.02 6.18
C LYS A 71 11.72 13.65 6.79
N PRO A 72 11.00 14.61 7.33
CA PRO A 72 9.65 14.35 7.92
C PRO A 72 8.70 13.78 6.86
N GLY A 73 7.90 12.82 7.22
CA GLY A 73 6.96 12.23 6.23
C GLY A 73 5.68 11.77 6.94
N LYS A 74 4.75 11.21 6.21
CA LYS A 74 3.49 10.74 6.84
C LYS A 74 3.60 9.24 7.15
N GLY A 75 3.11 8.84 8.30
CA GLY A 75 3.15 7.40 8.67
C GLY A 75 4.52 6.81 8.30
N SER A 76 4.52 5.73 7.55
CA SER A 76 5.80 5.11 7.12
C SER A 76 5.75 4.88 5.61
N TYR A 77 6.82 5.14 4.91
CA TYR A 77 6.81 4.93 3.43
C TYR A 77 6.69 3.42 3.15
N TRP A 78 5.88 3.06 2.18
CA TRP A 78 5.68 1.62 1.85
C TRP A 78 6.09 1.36 0.40
N THR A 79 6.74 0.24 0.14
CA THR A 79 7.15 -0.07 -1.26
C THR A 79 7.26 -1.58 -1.45
N LEU A 80 7.07 -2.05 -2.64
CA LEU A 80 7.19 -3.51 -2.90
C LEU A 80 8.67 -3.90 -2.90
N ASP A 81 9.09 -4.67 -3.87
CA ASP A 81 10.53 -5.07 -3.94
C ASP A 81 10.99 -5.02 -5.41
N PRO A 82 11.11 -3.83 -5.97
CA PRO A 82 11.52 -3.65 -7.39
C PRO A 82 13.03 -3.90 -7.58
N ASP A 83 13.63 -3.17 -8.48
CA ASP A 83 15.09 -3.32 -8.73
C ASP A 83 15.84 -2.72 -7.56
N SER A 84 15.84 -3.41 -6.46
CA SER A 84 16.52 -2.90 -5.23
C SER A 84 17.95 -2.47 -5.56
N TYR A 85 18.42 -2.73 -6.76
CA TYR A 85 19.79 -2.30 -7.13
C TYR A 85 19.90 -0.77 -7.04
N ASN A 86 18.86 -0.07 -7.43
CA ASN A 86 18.90 1.41 -7.39
C ASN A 86 18.89 1.92 -5.96
N MET A 87 18.51 1.09 -5.03
CA MET A 87 18.48 1.55 -3.61
C MET A 87 19.89 1.95 -3.19
N PHE A 88 20.19 1.91 -1.92
CA PHE A 88 21.55 2.31 -1.47
C PHE A 88 22.57 1.26 -1.92
N GLU A 89 23.61 1.09 -1.15
CA GLU A 89 24.67 0.10 -1.50
C GLU A 89 24.63 -1.07 -0.51
N ASN A 90 23.56 -1.19 0.24
CA ASN A 90 23.46 -2.30 1.22
C ASN A 90 22.00 -2.64 1.47
N GLY A 91 21.71 -3.87 1.82
CA GLY A 91 20.30 -4.26 2.07
C GLY A 91 19.57 -4.43 0.73
N SER A 92 20.30 -4.66 -0.31
CA SER A 92 19.66 -4.85 -1.65
C SER A 92 19.29 -6.32 -1.82
N PHE A 93 18.04 -6.63 -1.68
CA PHE A 93 17.59 -8.05 -1.82
C PHE A 93 17.97 -8.56 -3.22
N LEU A 94 18.56 -9.73 -3.28
CA LEU A 94 18.98 -10.30 -4.60
C LEU A 94 18.11 -11.51 -4.93
N MET A 1 -23.74 6.05 -10.19
CA MET A 1 -23.98 4.60 -10.00
C MET A 1 -22.72 3.94 -9.44
N LEU A 2 -22.69 3.65 -8.17
CA LEU A 2 -21.48 3.01 -7.57
C LEU A 2 -21.74 1.52 -7.36
N VAL A 3 -20.75 0.71 -7.63
CA VAL A 3 -20.91 -0.78 -7.47
C VAL A 3 -19.69 -1.35 -6.74
N LYS A 4 -19.86 -2.39 -5.99
CA LYS A 4 -18.71 -2.99 -5.27
C LYS A 4 -17.79 -3.67 -6.29
N PRO A 5 -16.50 -3.39 -6.29
CA PRO A 5 -15.55 -4.01 -7.26
C PRO A 5 -15.03 -5.38 -6.79
N PRO A 6 -14.68 -6.27 -7.69
CA PRO A 6 -14.17 -7.63 -7.33
C PRO A 6 -12.68 -7.66 -6.98
N TYR A 7 -12.01 -6.53 -6.97
CA TYR A 7 -10.55 -6.54 -6.64
C TYR A 7 -10.36 -7.03 -5.20
N SER A 8 -9.35 -7.83 -4.97
CA SER A 8 -9.10 -8.33 -3.59
C SER A 8 -8.50 -7.19 -2.76
N TYR A 9 -8.51 -7.33 -1.46
CA TYR A 9 -7.93 -6.27 -0.60
C TYR A 9 -6.45 -6.07 -0.96
N ILE A 10 -5.77 -7.15 -1.21
CA ILE A 10 -4.32 -7.03 -1.59
C ILE A 10 -4.22 -6.41 -2.98
N ALA A 11 -5.09 -6.79 -3.87
CA ALA A 11 -5.04 -6.24 -5.25
C ALA A 11 -5.22 -4.72 -5.20
N LEU A 12 -6.13 -4.25 -4.41
CA LEU A 12 -6.33 -2.78 -4.33
C LEU A 12 -5.02 -2.13 -3.86
N ILE A 13 -4.39 -2.73 -2.88
CA ILE A 13 -3.10 -2.18 -2.39
C ILE A 13 -2.07 -2.23 -3.52
N THR A 14 -1.99 -3.35 -4.20
CA THR A 14 -1.02 -3.48 -5.31
C THR A 14 -1.30 -2.44 -6.39
N MET A 15 -2.55 -2.21 -6.68
CA MET A 15 -2.89 -1.19 -7.73
C MET A 15 -2.49 0.20 -7.23
N ALA A 16 -2.73 0.46 -5.97
CA ALA A 16 -2.39 1.79 -5.41
C ALA A 16 -0.89 2.04 -5.55
N ILE A 17 -0.08 1.09 -5.14
CA ILE A 17 1.39 1.28 -5.26
C ILE A 17 1.74 1.48 -6.73
N GLN A 18 1.24 0.61 -7.57
CA GLN A 18 1.50 0.74 -9.03
C GLN A 18 0.96 2.08 -9.54
N ASN A 19 -0.19 2.48 -9.05
CA ASN A 19 -0.78 3.76 -9.51
C ASN A 19 -0.20 4.92 -8.70
N ALA A 20 0.69 4.63 -7.77
CA ALA A 20 1.29 5.73 -6.97
C ALA A 20 2.38 6.42 -7.80
N PRO A 21 2.34 7.72 -7.97
CA PRO A 21 3.37 8.44 -8.75
C PRO A 21 4.76 7.86 -8.50
N GLU A 22 4.96 7.31 -7.35
CA GLU A 22 6.28 6.68 -7.01
C GLU A 22 6.01 5.46 -6.12
N LYS A 23 6.90 4.52 -6.11
CA LYS A 23 6.68 3.31 -5.27
C LYS A 23 6.56 3.71 -3.80
N LYS A 24 7.33 4.67 -3.37
CA LYS A 24 7.26 5.08 -1.94
C LYS A 24 6.04 5.99 -1.72
N ILE A 25 5.04 5.48 -1.05
CA ILE A 25 3.80 6.29 -0.79
C ILE A 25 3.41 6.12 0.68
N THR A 26 2.73 7.09 1.24
CA THR A 26 2.33 6.99 2.66
C THR A 26 1.09 6.10 2.81
N LEU A 27 0.90 5.52 3.96
CA LEU A 27 -0.29 4.66 4.19
C LEU A 27 -1.55 5.51 3.99
N ASN A 28 -1.56 6.71 4.51
CA ASN A 28 -2.74 7.60 4.33
C ASN A 28 -2.96 7.88 2.84
N GLY A 29 -1.90 8.07 2.11
CA GLY A 29 -2.04 8.35 0.65
C GLY A 29 -2.74 7.20 -0.06
N ILE A 30 -2.44 5.98 0.30
CA ILE A 30 -3.07 4.82 -0.39
C ILE A 30 -4.59 4.88 -0.21
N TYR A 31 -5.07 5.21 0.96
CA TYR A 31 -6.54 5.27 1.17
C TYR A 31 -7.15 6.32 0.24
N GLN A 32 -6.49 7.43 0.06
CA GLN A 32 -7.06 8.49 -0.83
C GLN A 32 -7.31 7.90 -2.21
N PHE A 33 -6.38 7.14 -2.72
CA PHE A 33 -6.59 6.51 -4.06
C PHE A 33 -7.83 5.61 -4.04
N ILE A 34 -7.95 4.76 -3.05
CA ILE A 34 -9.10 3.82 -3.00
C ILE A 34 -10.42 4.60 -2.95
N MET A 35 -10.56 5.55 -2.07
CA MET A 35 -11.85 6.29 -2.01
C MET A 35 -12.03 7.11 -3.29
N ASP A 36 -10.99 7.71 -3.79
CA ASP A 36 -11.13 8.50 -5.04
C ASP A 36 -11.38 7.58 -6.25
N ARG A 37 -10.67 6.49 -6.35
CA ARG A 37 -10.88 5.59 -7.52
C ARG A 37 -12.25 4.90 -7.39
N PHE A 38 -12.63 4.51 -6.20
CA PHE A 38 -13.95 3.83 -5.99
C PHE A 38 -14.72 4.54 -4.87
N PRO A 39 -15.31 5.66 -5.16
CA PRO A 39 -16.09 6.45 -4.16
C PRO A 39 -17.06 5.57 -3.35
N PHE A 40 -17.18 4.33 -3.72
CA PHE A 40 -18.09 3.41 -2.97
C PHE A 40 -17.64 3.32 -1.50
N TYR A 41 -16.35 3.29 -1.29
CA TYR A 41 -15.82 3.18 0.10
C TYR A 41 -16.07 4.48 0.88
N ARG A 42 -16.29 5.58 0.21
CA ARG A 42 -16.54 6.84 0.96
C ARG A 42 -17.79 6.65 1.82
N GLU A 43 -18.79 5.99 1.29
CA GLU A 43 -20.04 5.77 2.07
C GLU A 43 -19.83 4.65 3.10
N ASN A 44 -18.74 3.96 3.01
CA ASN A 44 -18.45 2.85 3.96
C ASN A 44 -17.05 3.00 4.56
N LYS A 45 -16.97 3.19 5.86
CA LYS A 45 -15.65 3.33 6.55
C LYS A 45 -15.40 2.09 7.40
N GLN A 46 -16.18 1.08 7.21
CA GLN A 46 -16.04 -0.17 8.01
C GLN A 46 -14.59 -0.65 8.06
N GLY A 47 -14.37 -1.71 8.78
CA GLY A 47 -13.00 -2.28 8.95
C GLY A 47 -12.23 -2.28 7.63
N TRP A 48 -12.88 -2.11 6.52
CA TRP A 48 -12.12 -2.11 5.23
C TRP A 48 -10.96 -1.12 5.36
N GLN A 49 -11.07 -0.22 6.29
CA GLN A 49 -10.00 0.78 6.51
C GLN A 49 -8.95 0.20 7.46
N ASN A 50 -9.37 -0.21 8.64
CA ASN A 50 -8.41 -0.78 9.62
C ASN A 50 -7.93 -2.15 9.13
N SER A 51 -8.79 -2.89 8.47
CA SER A 51 -8.38 -4.23 7.97
C SER A 51 -7.20 -4.08 7.02
N ILE A 52 -7.23 -3.06 6.20
CA ILE A 52 -6.11 -2.83 5.25
C ILE A 52 -4.80 -2.62 6.02
N ARG A 53 -4.80 -1.76 7.01
CA ARG A 53 -3.55 -1.52 7.77
C ARG A 53 -3.14 -2.83 8.45
N HIS A 54 -4.07 -3.51 9.05
CA HIS A 54 -3.74 -4.80 9.71
C HIS A 54 -3.16 -5.76 8.68
N ASN A 55 -3.74 -5.79 7.52
CA ASN A 55 -3.23 -6.70 6.45
C ASN A 55 -1.80 -6.28 6.07
N LEU A 56 -1.55 -5.00 5.99
CA LEU A 56 -0.17 -4.56 5.61
C LEU A 56 0.83 -5.09 6.64
N SER A 57 0.55 -4.93 7.91
CA SER A 57 1.50 -5.43 8.94
C SER A 57 1.60 -6.95 8.82
N LEU A 58 0.50 -7.59 8.58
CA LEU A 58 0.50 -9.07 8.47
C LEU A 58 1.31 -9.51 7.25
N ASN A 59 1.04 -8.95 6.11
CA ASN A 59 1.80 -9.37 4.90
C ASN A 59 3.24 -8.87 5.04
N GLU A 60 4.17 -9.79 5.09
CA GLU A 60 5.59 -9.43 5.23
C GLU A 60 6.19 -9.25 3.83
N CYS A 61 5.40 -9.49 2.83
CA CYS A 61 5.88 -9.35 1.44
C CYS A 61 6.32 -7.90 1.20
N PHE A 62 5.60 -6.95 1.74
CA PHE A 62 5.97 -5.53 1.55
C PHE A 62 7.13 -5.17 2.48
N VAL A 63 7.97 -4.24 2.07
CA VAL A 63 9.12 -3.83 2.92
C VAL A 63 8.89 -2.41 3.45
N LYS A 64 8.97 -2.23 4.74
CA LYS A 64 8.77 -0.87 5.31
C LYS A 64 9.97 0.01 4.93
N VAL A 65 9.74 1.24 4.58
CA VAL A 65 10.87 2.14 4.20
C VAL A 65 10.71 3.50 4.91
N PRO A 66 11.03 3.56 6.16
CA PRO A 66 10.93 4.81 6.96
C PRO A 66 11.71 5.96 6.29
N ARG A 67 11.52 7.16 6.76
CA ARG A 67 12.26 8.31 6.16
C ARG A 67 13.65 8.37 6.78
N ASP A 68 14.49 9.26 6.30
CA ASP A 68 15.86 9.37 6.86
C ASP A 68 15.75 9.69 8.36
N ASP A 69 16.71 9.27 9.14
CA ASP A 69 16.65 9.55 10.60
C ASP A 69 16.85 11.05 10.83
N LYS A 70 17.37 11.75 9.86
CA LYS A 70 17.58 13.21 10.04
C LYS A 70 16.22 13.88 10.24
N LYS A 71 15.24 13.44 9.51
CA LYS A 71 13.87 14.02 9.64
C LYS A 71 13.18 13.37 10.84
N PRO A 72 12.29 14.07 11.51
CA PRO A 72 11.59 13.50 12.70
C PRO A 72 10.70 12.31 12.34
N GLY A 73 10.88 11.78 11.17
CA GLY A 73 10.06 10.61 10.75
C GLY A 73 8.57 10.94 10.83
N LYS A 74 8.06 11.65 9.86
CA LYS A 74 6.61 12.00 9.89
C LYS A 74 5.76 10.75 9.71
N GLY A 75 6.26 9.81 8.97
CA GLY A 75 5.51 8.55 8.74
C GLY A 75 6.43 7.52 8.08
N SER A 76 5.85 6.51 7.48
CA SER A 76 6.68 5.45 6.81
C SER A 76 6.11 5.17 5.42
N TYR A 77 6.90 5.33 4.39
CA TYR A 77 6.40 5.04 3.03
C TYR A 77 6.32 3.52 2.83
N TRP A 78 5.83 3.08 1.70
CA TRP A 78 5.73 1.60 1.45
C TRP A 78 6.16 1.29 0.01
N THR A 79 6.70 0.13 -0.23
CA THR A 79 7.12 -0.22 -1.62
C THR A 79 7.19 -1.74 -1.78
N LEU A 80 7.13 -2.21 -2.99
CA LEU A 80 7.21 -3.68 -3.24
C LEU A 80 8.66 -4.14 -3.04
N ASP A 81 8.90 -5.42 -3.03
CA ASP A 81 10.30 -5.91 -2.84
C ASP A 81 11.22 -5.14 -3.80
N PRO A 82 12.52 -5.36 -3.75
CA PRO A 82 13.48 -4.63 -4.62
C PRO A 82 13.27 -4.97 -6.09
N ASP A 83 14.35 -5.05 -6.84
CA ASP A 83 14.22 -5.40 -8.29
C ASP A 83 14.45 -6.90 -8.46
N SER A 84 14.06 -7.67 -7.49
CA SER A 84 14.25 -9.15 -7.59
C SER A 84 13.43 -9.69 -8.75
N TYR A 85 13.79 -9.34 -9.96
CA TYR A 85 13.03 -9.81 -11.14
C TYR A 85 13.45 -11.26 -11.47
N ASN A 86 14.66 -11.44 -11.95
CA ASN A 86 15.14 -12.80 -12.29
C ASN A 86 16.37 -13.15 -11.42
N MET A 87 16.53 -12.47 -10.33
CA MET A 87 17.70 -12.77 -9.44
C MET A 87 17.36 -13.96 -8.54
N PHE A 88 17.76 -15.14 -8.94
CA PHE A 88 17.48 -16.36 -8.11
C PHE A 88 18.77 -16.81 -7.43
N GLU A 89 19.85 -16.11 -7.67
CA GLU A 89 21.15 -16.48 -7.05
C GLU A 89 21.16 -16.01 -5.60
N ASN A 90 22.31 -15.89 -5.00
CA ASN A 90 22.37 -15.44 -3.58
C ASN A 90 21.90 -13.98 -3.50
N GLY A 91 21.83 -13.32 -4.61
CA GLY A 91 21.38 -11.89 -4.64
C GLY A 91 22.57 -11.00 -5.01
N SER A 92 22.93 -10.96 -6.26
CA SER A 92 24.07 -10.09 -6.70
C SER A 92 23.51 -8.82 -7.33
N PHE A 93 23.21 -7.82 -6.53
CA PHE A 93 22.64 -6.57 -7.09
C PHE A 93 23.64 -5.95 -8.07
N LEU A 94 24.88 -5.81 -7.67
CA LEU A 94 25.90 -5.23 -8.58
C LEU A 94 26.53 -6.34 -9.43
N MET A 1 -27.23 0.59 -4.26
CA MET A 1 -27.09 0.00 -5.62
C MET A 1 -25.60 -0.15 -5.94
N LEU A 2 -24.76 -0.01 -4.95
CA LEU A 2 -23.29 -0.14 -5.17
C LEU A 2 -22.77 -1.37 -4.44
N VAL A 3 -21.88 -2.10 -5.06
CA VAL A 3 -21.30 -3.34 -4.43
C VAL A 3 -19.78 -3.29 -4.51
N LYS A 4 -19.10 -4.05 -3.69
CA LYS A 4 -17.61 -4.03 -3.72
C LYS A 4 -17.10 -4.62 -5.04
N PRO A 5 -15.96 -4.18 -5.53
CA PRO A 5 -15.37 -4.69 -6.80
C PRO A 5 -14.70 -6.06 -6.59
N PRO A 6 -14.49 -6.80 -7.65
CA PRO A 6 -13.86 -8.16 -7.57
C PRO A 6 -12.35 -8.11 -7.27
N TYR A 7 -11.79 -6.96 -7.04
CA TYR A 7 -10.33 -6.88 -6.75
C TYR A 7 -10.10 -7.21 -5.27
N SER A 8 -9.11 -8.01 -4.98
CA SER A 8 -8.83 -8.35 -3.56
C SER A 8 -8.23 -7.12 -2.87
N TYR A 9 -8.23 -7.08 -1.58
CA TYR A 9 -7.66 -5.90 -0.88
C TYR A 9 -6.19 -5.77 -1.28
N ILE A 10 -5.49 -6.87 -1.38
CA ILE A 10 -4.06 -6.79 -1.79
C ILE A 10 -3.97 -6.28 -3.22
N ALA A 11 -4.85 -6.71 -4.07
CA ALA A 11 -4.82 -6.26 -5.49
C ALA A 11 -5.02 -4.74 -5.55
N LEU A 12 -5.98 -4.21 -4.84
CA LEU A 12 -6.20 -2.74 -4.87
C LEU A 12 -4.94 -2.05 -4.37
N ILE A 13 -4.34 -2.58 -3.34
CA ILE A 13 -3.10 -1.95 -2.80
C ILE A 13 -1.95 -2.17 -3.79
N THR A 14 -1.84 -3.34 -4.35
CA THR A 14 -0.73 -3.61 -5.31
C THR A 14 -0.83 -2.64 -6.49
N MET A 15 -2.02 -2.42 -6.98
CA MET A 15 -2.20 -1.49 -8.13
C MET A 15 -1.95 -0.05 -7.68
N ALA A 16 -2.36 0.27 -6.48
CA ALA A 16 -2.15 1.67 -5.98
C ALA A 16 -0.66 2.00 -5.98
N ILE A 17 0.16 1.10 -5.50
CA ILE A 17 1.63 1.35 -5.48
C ILE A 17 2.09 1.58 -6.92
N GLN A 18 1.73 0.70 -7.81
CA GLN A 18 2.13 0.85 -9.23
C GLN A 18 1.54 2.15 -9.78
N ASN A 19 0.33 2.45 -9.42
CA ASN A 19 -0.32 3.69 -9.94
C ASN A 19 0.16 4.90 -9.12
N ALA A 20 1.07 4.69 -8.21
CA ALA A 20 1.56 5.83 -7.38
C ALA A 20 2.57 6.64 -8.18
N PRO A 21 2.64 7.94 -7.97
CA PRO A 21 3.62 8.81 -8.70
C PRO A 21 5.04 8.44 -8.30
N GLU A 22 5.18 7.80 -7.17
CA GLU A 22 6.52 7.36 -6.69
C GLU A 22 6.33 6.02 -5.98
N LYS A 23 7.33 5.17 -6.00
CA LYS A 23 7.19 3.84 -5.35
C LYS A 23 6.93 4.01 -3.84
N LYS A 24 7.58 4.95 -3.22
CA LYS A 24 7.36 5.13 -1.75
C LYS A 24 6.04 5.87 -1.54
N ILE A 25 5.15 5.31 -0.77
CA ILE A 25 3.83 5.97 -0.51
C ILE A 25 3.46 5.80 0.96
N THR A 26 2.87 6.81 1.53
CA THR A 26 2.48 6.72 2.96
C THR A 26 1.18 5.92 3.08
N LEU A 27 0.92 5.36 4.23
CA LEU A 27 -0.32 4.56 4.42
C LEU A 27 -1.54 5.45 4.16
N ASN A 28 -1.50 6.67 4.61
CA ASN A 28 -2.63 7.61 4.40
C ASN A 28 -2.89 7.82 2.90
N GLY A 29 -1.85 7.96 2.13
CA GLY A 29 -2.01 8.19 0.66
C GLY A 29 -2.71 7.00 -0.02
N ILE A 30 -2.42 5.80 0.40
CA ILE A 30 -3.06 4.61 -0.24
C ILE A 30 -4.58 4.69 -0.07
N TYR A 31 -5.04 5.12 1.08
CA TYR A 31 -6.51 5.21 1.30
C TYR A 31 -7.13 6.18 0.28
N GLN A 32 -6.46 7.26 0.01
CA GLN A 32 -7.02 8.26 -0.94
C GLN A 32 -7.25 7.61 -2.30
N PHE A 33 -6.36 6.78 -2.75
CA PHE A 33 -6.55 6.13 -4.08
C PHE A 33 -7.84 5.30 -4.09
N ILE A 34 -8.12 4.61 -3.00
CA ILE A 34 -9.35 3.77 -2.94
C ILE A 34 -10.60 4.64 -3.10
N MET A 35 -10.81 5.55 -2.20
CA MET A 35 -12.02 6.42 -2.26
C MET A 35 -12.03 7.21 -3.57
N ASP A 36 -10.90 7.69 -3.99
CA ASP A 36 -10.86 8.51 -5.25
C ASP A 36 -11.33 7.65 -6.44
N ARG A 37 -10.94 6.41 -6.50
CA ARG A 37 -11.36 5.54 -7.65
C ARG A 37 -12.69 4.86 -7.33
N PHE A 38 -12.77 4.14 -6.24
CA PHE A 38 -14.06 3.46 -5.87
C PHE A 38 -14.83 4.35 -4.90
N PRO A 39 -15.97 4.91 -5.28
CA PRO A 39 -16.75 5.79 -4.36
C PRO A 39 -17.60 4.98 -3.37
N PHE A 40 -17.63 3.68 -3.54
CA PHE A 40 -18.43 2.82 -2.63
C PHE A 40 -17.92 2.96 -1.18
N TYR A 41 -16.63 3.04 -1.01
CA TYR A 41 -16.07 3.15 0.37
C TYR A 41 -16.37 4.52 0.97
N ARG A 42 -16.80 5.46 0.18
CA ARG A 42 -17.10 6.82 0.71
C ARG A 42 -18.18 6.76 1.79
N GLU A 43 -19.19 5.95 1.61
CA GLU A 43 -20.28 5.86 2.62
C GLU A 43 -19.93 4.85 3.70
N ASN A 44 -18.79 4.23 3.59
CA ASN A 44 -18.34 3.23 4.60
C ASN A 44 -16.89 3.51 4.97
N LYS A 45 -16.65 4.01 6.16
CA LYS A 45 -15.26 4.33 6.59
C LYS A 45 -14.82 3.39 7.71
N GLN A 46 -15.75 2.92 8.50
CA GLN A 46 -15.39 2.00 9.62
C GLN A 46 -15.46 0.55 9.14
N GLY A 47 -14.52 -0.26 9.55
CA GLY A 47 -14.51 -1.70 9.14
C GLY A 47 -13.45 -1.95 8.08
N TRP A 48 -13.58 -1.36 6.92
CA TRP A 48 -12.56 -1.62 5.85
C TRP A 48 -11.28 -0.81 6.13
N GLN A 49 -11.36 0.21 6.94
CA GLN A 49 -10.15 1.03 7.24
C GLN A 49 -9.08 0.17 7.94
N ASN A 50 -9.45 -0.51 9.00
CA ASN A 50 -8.46 -1.34 9.74
C ASN A 50 -8.05 -2.55 8.90
N SER A 51 -8.96 -3.10 8.13
CA SER A 51 -8.62 -4.28 7.31
C SER A 51 -7.48 -3.94 6.34
N ILE A 52 -7.52 -2.77 5.77
CA ILE A 52 -6.43 -2.37 4.82
C ILE A 52 -5.07 -2.36 5.53
N ARG A 53 -5.01 -1.78 6.71
CA ARG A 53 -3.70 -1.73 7.43
C ARG A 53 -3.31 -3.13 7.89
N HIS A 54 -4.24 -3.91 8.37
CA HIS A 54 -3.88 -5.29 8.82
C HIS A 54 -3.30 -6.06 7.65
N ASN A 55 -3.85 -5.89 6.48
CA ASN A 55 -3.31 -6.60 5.29
C ASN A 55 -1.87 -6.15 5.06
N LEU A 56 -1.61 -4.88 5.24
CA LEU A 56 -0.22 -4.38 5.03
C LEU A 56 0.69 -4.89 6.14
N SER A 57 0.22 -4.92 7.36
CA SER A 57 1.08 -5.40 8.48
C SER A 57 1.23 -6.91 8.43
N LEU A 58 0.16 -7.63 8.22
CA LEU A 58 0.24 -9.12 8.18
C LEU A 58 1.02 -9.56 6.94
N ASN A 59 0.80 -8.92 5.82
CA ASN A 59 1.53 -9.33 4.60
C ASN A 59 3.01 -9.02 4.79
N GLU A 60 3.84 -10.03 4.71
CA GLU A 60 5.30 -9.81 4.91
C GLU A 60 5.94 -9.43 3.58
N CYS A 61 5.21 -9.58 2.50
CA CYS A 61 5.78 -9.24 1.17
C CYS A 61 6.07 -7.73 1.10
N PHE A 62 5.21 -6.92 1.65
CA PHE A 62 5.46 -5.45 1.60
C PHE A 62 6.46 -5.04 2.69
N VAL A 63 7.49 -4.34 2.30
CA VAL A 63 8.53 -3.89 3.28
C VAL A 63 8.50 -2.36 3.35
N LYS A 64 8.33 -1.81 4.51
CA LYS A 64 8.28 -0.32 4.64
C LYS A 64 9.67 0.24 4.97
N VAL A 65 9.93 1.45 4.55
CA VAL A 65 11.25 2.10 4.82
C VAL A 65 10.98 3.36 5.66
N PRO A 66 10.93 3.22 6.97
CA PRO A 66 10.65 4.37 7.89
C PRO A 66 11.40 5.65 7.51
N ARG A 67 11.02 6.74 8.11
CA ARG A 67 11.68 8.05 7.83
C ARG A 67 12.91 8.19 8.73
N ASP A 68 13.61 9.28 8.63
CA ASP A 68 14.80 9.47 9.51
C ASP A 68 14.32 9.55 10.95
N ASP A 69 15.14 9.16 11.89
CA ASP A 69 14.70 9.21 13.31
C ASP A 69 14.51 10.66 13.74
N LYS A 70 15.09 11.59 13.03
CA LYS A 70 14.95 13.03 13.39
C LYS A 70 13.81 13.67 12.59
N LYS A 71 13.11 12.92 11.78
CA LYS A 71 11.99 13.50 10.97
C LYS A 71 10.73 12.63 11.13
N PRO A 72 10.02 12.82 12.22
CA PRO A 72 8.76 12.08 12.51
C PRO A 72 7.52 12.81 11.96
N GLY A 73 6.35 12.41 12.39
CA GLY A 73 5.10 13.09 11.92
C GLY A 73 4.30 12.20 10.94
N LYS A 74 4.64 12.25 9.68
CA LYS A 74 3.90 11.45 8.66
C LYS A 74 4.09 9.95 8.88
N GLY A 75 3.29 9.15 8.22
CA GLY A 75 3.41 7.68 8.38
C GLY A 75 4.69 7.18 7.71
N SER A 76 4.95 5.90 7.78
CA SER A 76 6.20 5.35 7.17
C SER A 76 5.99 5.17 5.66
N TYR A 77 7.05 4.90 4.95
CA TYR A 77 6.94 4.71 3.47
C TYR A 77 6.69 3.24 3.17
N TRP A 78 5.91 2.95 2.15
CA TRP A 78 5.62 1.52 1.77
C TRP A 78 6.09 1.27 0.34
N THR A 79 6.69 0.13 0.10
CA THR A 79 7.18 -0.20 -1.27
C THR A 79 7.13 -1.71 -1.46
N LEU A 80 7.29 -2.17 -2.68
CA LEU A 80 7.25 -3.64 -2.94
C LEU A 80 8.52 -4.29 -2.37
N ASP A 81 8.54 -5.59 -2.28
CA ASP A 81 9.73 -6.28 -1.71
C ASP A 81 10.98 -5.93 -2.55
N PRO A 82 12.06 -5.49 -1.93
CA PRO A 82 13.31 -5.15 -2.67
C PRO A 82 14.17 -6.38 -2.93
N ASP A 83 15.46 -6.22 -3.04
CA ASP A 83 16.35 -7.38 -3.28
C ASP A 83 16.49 -8.13 -1.96
N SER A 84 15.45 -8.79 -1.53
CA SER A 84 15.48 -9.52 -0.24
C SER A 84 16.39 -10.74 -0.32
N TYR A 85 16.72 -11.18 -1.51
CA TYR A 85 17.60 -12.38 -1.63
C TYR A 85 18.97 -12.05 -1.03
N ASN A 86 19.39 -10.82 -1.13
CA ASN A 86 20.72 -10.43 -0.56
C ASN A 86 20.53 -9.79 0.81
N MET A 87 19.41 -10.03 1.42
CA MET A 87 19.13 -9.44 2.77
C MET A 87 20.34 -9.68 3.68
N PHE A 88 20.30 -9.14 4.88
CA PHE A 88 21.44 -9.35 5.81
C PHE A 88 21.27 -10.71 6.49
N GLU A 89 21.52 -11.77 5.78
CA GLU A 89 21.36 -13.13 6.38
C GLU A 89 22.38 -13.31 7.49
N ASN A 90 22.01 -13.98 8.56
CA ASN A 90 22.95 -14.20 9.69
C ASN A 90 23.64 -15.56 9.54
N GLY A 91 23.55 -16.15 8.39
CA GLY A 91 24.21 -17.47 8.18
C GLY A 91 24.18 -17.86 6.70
N SER A 92 23.66 -19.01 6.38
CA SER A 92 23.60 -19.47 4.96
C SER A 92 22.22 -20.06 4.68
N PHE A 93 21.18 -19.39 5.08
CA PHE A 93 19.80 -19.91 4.86
C PHE A 93 19.51 -20.09 3.36
N LEU A 94 19.94 -19.17 2.53
CA LEU A 94 19.65 -19.32 1.07
C LEU A 94 20.29 -20.61 0.55
N MET A 1 -27.21 1.79 -6.88
CA MET A 1 -26.58 1.24 -8.12
C MET A 1 -25.07 1.11 -7.90
N LEU A 2 -24.65 1.18 -6.67
CA LEU A 2 -23.19 1.06 -6.35
C LEU A 2 -22.84 -0.41 -6.20
N VAL A 3 -21.64 -0.80 -6.57
CA VAL A 3 -21.25 -2.23 -6.44
C VAL A 3 -19.76 -2.32 -6.07
N LYS A 4 -19.42 -3.26 -5.22
CA LYS A 4 -18.00 -3.41 -4.81
C LYS A 4 -17.23 -4.10 -5.95
N PRO A 5 -16.01 -3.70 -6.23
CA PRO A 5 -15.20 -4.33 -7.31
C PRO A 5 -14.65 -5.71 -6.90
N PRO A 6 -14.28 -6.53 -7.85
CA PRO A 6 -13.74 -7.89 -7.57
C PRO A 6 -12.28 -7.84 -7.10
N TYR A 7 -11.65 -6.70 -7.12
CA TYR A 7 -10.23 -6.61 -6.68
C TYR A 7 -10.16 -6.90 -5.18
N SER A 8 -9.28 -7.77 -4.77
CA SER A 8 -9.16 -8.08 -3.32
C SER A 8 -8.54 -6.88 -2.61
N TYR A 9 -8.66 -6.82 -1.31
CA TYR A 9 -8.06 -5.67 -0.57
C TYR A 9 -6.56 -5.67 -0.81
N ILE A 10 -5.97 -6.83 -0.95
CA ILE A 10 -4.50 -6.89 -1.22
C ILE A 10 -4.24 -6.34 -2.63
N ALA A 11 -5.09 -6.68 -3.56
CA ALA A 11 -4.90 -6.20 -4.96
C ALA A 11 -5.06 -4.68 -5.02
N LEU A 12 -6.05 -4.14 -4.34
CA LEU A 12 -6.23 -2.67 -4.37
C LEU A 12 -4.97 -2.01 -3.81
N ILE A 13 -4.40 -2.58 -2.79
CA ILE A 13 -3.15 -2.01 -2.21
C ILE A 13 -2.01 -2.21 -3.21
N THR A 14 -1.96 -3.34 -3.85
CA THR A 14 -0.87 -3.60 -4.83
C THR A 14 -1.01 -2.69 -6.05
N MET A 15 -2.22 -2.48 -6.52
CA MET A 15 -2.40 -1.61 -7.71
C MET A 15 -2.12 -0.16 -7.34
N ALA A 16 -2.50 0.25 -6.16
CA ALA A 16 -2.27 1.65 -5.74
C ALA A 16 -0.78 1.99 -5.82
N ILE A 17 0.06 1.09 -5.36
CA ILE A 17 1.53 1.35 -5.42
C ILE A 17 1.94 1.55 -6.87
N GLN A 18 1.50 0.69 -7.73
CA GLN A 18 1.86 0.81 -9.18
C GLN A 18 1.19 2.04 -9.78
N ASN A 19 -0.04 2.29 -9.42
CA ASN A 19 -0.77 3.47 -9.99
C ASN A 19 -0.26 4.77 -9.35
N ALA A 20 0.49 4.67 -8.29
CA ALA A 20 1.00 5.90 -7.62
C ALA A 20 2.21 6.44 -8.41
N PRO A 21 2.43 7.73 -8.40
CA PRO A 21 3.60 8.34 -9.11
C PRO A 21 4.92 7.88 -8.47
N GLU A 22 4.95 7.83 -7.17
CA GLU A 22 6.17 7.36 -6.45
C GLU A 22 5.78 6.10 -5.66
N LYS A 23 6.56 5.07 -5.74
CA LYS A 23 6.21 3.81 -5.01
C LYS A 23 6.34 4.02 -3.51
N LYS A 24 7.09 5.00 -3.09
CA LYS A 24 7.25 5.25 -1.63
C LYS A 24 6.03 6.02 -1.13
N ILE A 25 4.88 5.78 -1.70
CA ILE A 25 3.65 6.49 -1.25
C ILE A 25 3.44 6.26 0.25
N THR A 26 2.77 7.16 0.90
CA THR A 26 2.53 7.00 2.37
C THR A 26 1.38 6.04 2.61
N LEU A 27 1.29 5.51 3.80
CA LEU A 27 0.20 4.56 4.13
C LEU A 27 -1.15 5.26 3.91
N ASN A 28 -1.30 6.43 4.46
CA ASN A 28 -2.58 7.19 4.29
C ASN A 28 -2.83 7.48 2.81
N GLY A 29 -1.80 7.82 2.08
CA GLY A 29 -1.99 8.13 0.64
C GLY A 29 -2.71 6.96 -0.04
N ILE A 30 -2.38 5.75 0.33
CA ILE A 30 -3.03 4.57 -0.30
C ILE A 30 -4.55 4.63 -0.04
N TYR A 31 -4.94 4.99 1.15
CA TYR A 31 -6.40 5.05 1.45
C TYR A 31 -7.10 6.04 0.51
N GLN A 32 -6.50 7.17 0.30
CA GLN A 32 -7.11 8.20 -0.59
C GLN A 32 -7.29 7.62 -2.00
N PHE A 33 -6.33 6.87 -2.47
CA PHE A 33 -6.42 6.27 -3.82
C PHE A 33 -7.66 5.37 -3.92
N ILE A 34 -7.87 4.53 -2.94
CA ILE A 34 -9.06 3.63 -2.98
C ILE A 34 -10.36 4.43 -2.92
N MET A 35 -10.48 5.34 -2.00
CA MET A 35 -11.74 6.12 -1.89
C MET A 35 -11.99 6.97 -3.15
N ASP A 36 -10.97 7.60 -3.66
CA ASP A 36 -11.16 8.45 -4.88
C ASP A 36 -11.44 7.59 -6.11
N ARG A 37 -10.77 6.48 -6.26
CA ARG A 37 -11.01 5.63 -7.46
C ARG A 37 -12.39 4.98 -7.37
N PHE A 38 -12.76 4.53 -6.20
CA PHE A 38 -14.10 3.89 -6.01
C PHE A 38 -14.89 4.71 -4.98
N PRO A 39 -16.01 5.30 -5.34
CA PRO A 39 -16.80 6.13 -4.38
C PRO A 39 -17.61 5.29 -3.39
N PHE A 40 -17.68 4.01 -3.61
CA PHE A 40 -18.45 3.15 -2.68
C PHE A 40 -17.87 3.26 -1.27
N TYR A 41 -16.57 3.32 -1.18
CA TYR A 41 -15.89 3.41 0.14
C TYR A 41 -16.15 4.79 0.78
N ARG A 42 -16.38 5.79 -0.01
CA ARG A 42 -16.63 7.14 0.57
C ARG A 42 -17.87 7.05 1.47
N GLU A 43 -18.82 6.23 1.11
CA GLU A 43 -20.04 6.09 1.95
C GLU A 43 -19.86 4.94 2.95
N ASN A 44 -18.67 4.43 3.05
CA ASN A 44 -18.41 3.30 4.00
C ASN A 44 -17.07 3.52 4.71
N LYS A 45 -17.08 3.49 6.01
CA LYS A 45 -15.83 3.70 6.81
C LYS A 45 -15.66 2.51 7.75
N GLN A 46 -16.38 1.45 7.50
CA GLN A 46 -16.31 0.25 8.39
C GLN A 46 -14.91 -0.36 8.43
N GLY A 47 -14.81 -1.53 9.01
CA GLY A 47 -13.50 -2.23 9.15
C GLY A 47 -12.72 -2.23 7.84
N TRP A 48 -13.30 -1.81 6.75
CA TRP A 48 -12.52 -1.82 5.48
C TRP A 48 -11.30 -0.92 5.68
N GLN A 49 -11.41 0.05 6.54
CA GLN A 49 -10.26 0.96 6.78
C GLN A 49 -9.14 0.24 7.53
N ASN A 50 -9.42 -0.30 8.69
CA ASN A 50 -8.36 -0.99 9.48
C ASN A 50 -7.81 -2.20 8.72
N SER A 51 -8.66 -2.93 8.06
CA SER A 51 -8.19 -4.15 7.33
C SER A 51 -7.11 -3.78 6.30
N ILE A 52 -7.17 -2.61 5.74
CA ILE A 52 -6.16 -2.21 4.72
C ILE A 52 -4.75 -2.20 5.31
N ARG A 53 -4.51 -1.43 6.34
CA ARG A 53 -3.14 -1.36 6.92
C ARG A 53 -2.92 -2.52 7.89
N HIS A 54 -3.96 -2.99 8.52
CA HIS A 54 -3.80 -4.12 9.47
C HIS A 54 -3.24 -5.34 8.74
N ASN A 55 -3.69 -5.58 7.53
CA ASN A 55 -3.19 -6.76 6.76
C ASN A 55 -1.74 -6.56 6.35
N LEU A 56 -1.28 -5.35 6.26
CA LEU A 56 0.13 -5.13 5.85
C LEU A 56 1.07 -5.78 6.88
N SER A 57 0.74 -5.68 8.14
CA SER A 57 1.61 -6.28 9.19
C SER A 57 1.70 -7.80 8.99
N LEU A 58 0.58 -8.46 8.80
CA LEU A 58 0.63 -9.93 8.60
C LEU A 58 1.29 -10.25 7.25
N ASN A 59 1.00 -9.47 6.24
CA ASN A 59 1.63 -9.73 4.92
C ASN A 59 3.03 -9.15 4.92
N GLU A 60 4.02 -10.01 4.84
CA GLU A 60 5.43 -9.54 4.84
C GLU A 60 5.86 -9.29 3.39
N CYS A 61 4.96 -9.49 2.47
CA CYS A 61 5.27 -9.28 1.03
C CYS A 61 5.68 -7.81 0.81
N PHE A 62 5.06 -6.91 1.51
CA PHE A 62 5.39 -5.46 1.35
C PHE A 62 6.68 -5.15 2.11
N VAL A 63 7.32 -4.04 1.77
CA VAL A 63 8.59 -3.66 2.45
C VAL A 63 8.40 -2.32 3.18
N LYS A 64 8.78 -2.26 4.43
CA LYS A 64 8.61 -0.98 5.19
C LYS A 64 9.84 -0.08 4.97
N VAL A 65 9.62 1.14 4.57
CA VAL A 65 10.75 2.10 4.36
C VAL A 65 10.40 3.42 5.04
N PRO A 66 10.41 3.45 6.34
CA PRO A 66 10.09 4.68 7.13
C PRO A 66 10.77 5.94 6.56
N ARG A 67 10.51 7.08 7.13
CA ARG A 67 11.15 8.32 6.63
C ARG A 67 12.61 8.33 7.06
N ASP A 68 13.43 9.11 6.41
CA ASP A 68 14.87 9.15 6.81
C ASP A 68 14.97 9.56 8.28
N ASP A 69 16.13 9.38 8.87
CA ASP A 69 16.29 9.75 10.30
C ASP A 69 16.20 11.27 10.46
N LYS A 70 16.51 12.01 9.42
CA LYS A 70 16.43 13.49 9.51
C LYS A 70 14.99 13.91 9.82
N LYS A 71 14.03 13.26 9.24
CA LYS A 71 12.61 13.63 9.51
C LYS A 71 12.17 13.01 10.84
N PRO A 72 11.43 13.72 11.67
CA PRO A 72 10.96 13.18 12.99
C PRO A 72 10.44 11.75 12.89
N GLY A 73 10.27 11.26 11.70
CA GLY A 73 9.77 9.87 11.52
C GLY A 73 8.23 9.86 11.54
N LYS A 74 7.61 10.71 10.77
CA LYS A 74 6.13 10.76 10.73
C LYS A 74 5.60 9.71 9.74
N GLY A 75 4.48 9.10 10.04
CA GLY A 75 3.92 8.08 9.12
C GLY A 75 5.02 7.12 8.67
N SER A 76 4.79 6.40 7.60
CA SER A 76 5.83 5.44 7.12
C SER A 76 5.59 5.18 5.63
N TYR A 77 6.61 5.28 4.83
CA TYR A 77 6.44 5.03 3.37
C TYR A 77 6.44 3.52 3.12
N TRP A 78 5.92 3.08 2.01
CA TRP A 78 5.88 1.62 1.69
C TRP A 78 6.33 1.39 0.25
N THR A 79 7.05 0.33 -0.01
CA THR A 79 7.50 0.04 -1.40
C THR A 79 7.61 -1.48 -1.59
N LEU A 80 7.73 -1.92 -2.82
CA LEU A 80 7.83 -3.40 -3.08
C LEU A 80 9.28 -3.79 -3.35
N ASP A 81 9.83 -4.65 -2.55
CA ASP A 81 11.25 -5.09 -2.76
C ASP A 81 11.60 -6.25 -1.82
N PRO A 82 11.09 -7.42 -2.10
CA PRO A 82 11.35 -8.63 -1.27
C PRO A 82 12.84 -8.99 -1.22
N ASP A 83 13.17 -10.25 -1.21
CA ASP A 83 14.60 -10.66 -1.17
C ASP A 83 15.12 -10.76 -2.59
N SER A 84 14.80 -9.80 -3.42
CA SER A 84 15.27 -9.85 -4.83
C SER A 84 16.81 -9.80 -4.86
N TYR A 85 17.44 -10.87 -4.46
CA TYR A 85 18.93 -10.89 -4.46
C TYR A 85 19.45 -10.72 -5.87
N ASN A 86 18.88 -11.40 -6.82
CA ASN A 86 19.33 -11.29 -8.25
C ASN A 86 18.11 -11.30 -9.16
N MET A 87 17.02 -10.78 -8.69
CA MET A 87 15.77 -10.76 -9.52
C MET A 87 15.71 -9.48 -10.34
N PHE A 88 16.72 -8.67 -10.25
CA PHE A 88 16.73 -7.41 -11.03
C PHE A 88 16.90 -7.73 -12.51
N GLU A 89 17.40 -8.89 -12.82
CA GLU A 89 17.58 -9.27 -14.26
C GLU A 89 16.23 -9.28 -14.97
N ASN A 90 15.24 -9.77 -14.29
CA ASN A 90 13.86 -9.82 -14.88
C ASN A 90 12.84 -9.47 -13.80
N GLY A 91 11.75 -8.85 -14.17
CA GLY A 91 10.71 -8.46 -13.17
C GLY A 91 9.57 -9.49 -13.19
N SER A 92 9.74 -10.58 -13.87
CA SER A 92 8.67 -11.62 -13.94
C SER A 92 9.24 -13.00 -13.60
N PHE A 93 9.45 -13.28 -12.34
CA PHE A 93 9.99 -14.61 -11.93
C PHE A 93 8.87 -15.40 -11.25
N LEU A 94 8.24 -16.28 -11.98
CA LEU A 94 7.12 -17.08 -11.38
C LEU A 94 7.69 -18.09 -10.37
N MET A 1 -25.87 2.75 -11.15
CA MET A 1 -25.75 2.08 -9.83
C MET A 1 -24.27 1.81 -9.53
N LEU A 2 -23.88 1.81 -8.28
CA LEU A 2 -22.45 1.56 -7.91
C LEU A 2 -22.34 0.20 -7.23
N VAL A 3 -21.28 -0.52 -7.48
CA VAL A 3 -21.10 -1.86 -6.83
C VAL A 3 -19.63 -2.02 -6.42
N LYS A 4 -19.35 -2.89 -5.49
CA LYS A 4 -17.93 -3.08 -5.07
C LYS A 4 -17.15 -3.76 -6.20
N PRO A 5 -15.89 -3.46 -6.36
CA PRO A 5 -15.07 -4.08 -7.44
C PRO A 5 -14.63 -5.51 -7.09
N PRO A 6 -14.28 -6.30 -8.07
CA PRO A 6 -13.83 -7.72 -7.83
C PRO A 6 -12.37 -7.81 -7.39
N TYR A 7 -11.75 -6.70 -7.07
CA TYR A 7 -10.31 -6.75 -6.65
C TYR A 7 -10.24 -7.05 -5.15
N SER A 8 -9.30 -7.87 -4.76
CA SER A 8 -9.14 -8.20 -3.32
C SER A 8 -8.40 -7.06 -2.61
N TYR A 9 -8.34 -7.08 -1.32
CA TYR A 9 -7.64 -5.98 -0.60
C TYR A 9 -6.18 -5.95 -1.05
N ILE A 10 -5.58 -7.10 -1.21
CA ILE A 10 -4.15 -7.14 -1.65
C ILE A 10 -4.03 -6.48 -3.03
N ALA A 11 -4.89 -6.84 -3.94
CA ALA A 11 -4.83 -6.25 -5.31
C ALA A 11 -5.08 -4.73 -5.24
N LEU A 12 -6.06 -4.31 -4.48
CA LEU A 12 -6.33 -2.85 -4.40
C LEU A 12 -5.09 -2.12 -3.89
N ILE A 13 -4.46 -2.65 -2.87
CA ILE A 13 -3.23 -1.99 -2.34
C ILE A 13 -2.10 -2.14 -3.36
N THR A 14 -2.00 -3.28 -3.97
CA THR A 14 -0.91 -3.51 -4.97
C THR A 14 -1.08 -2.53 -6.14
N MET A 15 -2.29 -2.32 -6.57
CA MET A 15 -2.52 -1.39 -7.71
C MET A 15 -2.24 0.04 -7.25
N ALA A 16 -2.58 0.35 -6.03
CA ALA A 16 -2.36 1.73 -5.51
C ALA A 16 -0.87 2.06 -5.58
N ILE A 17 -0.02 1.17 -5.15
CA ILE A 17 1.44 1.43 -5.19
C ILE A 17 1.89 1.69 -6.62
N GLN A 18 1.52 0.81 -7.51
CA GLN A 18 1.92 0.96 -8.94
C GLN A 18 1.18 2.14 -9.58
N ASN A 19 -0.06 2.34 -9.23
CA ASN A 19 -0.84 3.46 -9.84
C ASN A 19 -0.41 4.80 -9.21
N ALA A 20 0.50 4.76 -8.28
CA ALA A 20 0.95 6.02 -7.62
C ALA A 20 1.93 6.76 -8.55
N PRO A 21 1.95 8.07 -8.53
CA PRO A 21 2.90 8.86 -9.38
C PRO A 21 4.33 8.60 -8.92
N GLU A 22 4.49 8.12 -7.72
CA GLU A 22 5.83 7.80 -7.17
C GLU A 22 5.75 6.39 -6.59
N LYS A 23 6.75 5.59 -6.80
CA LYS A 23 6.69 4.20 -6.27
C LYS A 23 6.56 4.25 -4.75
N LYS A 24 7.25 5.14 -4.10
CA LYS A 24 7.15 5.23 -2.62
C LYS A 24 5.87 5.98 -2.27
N ILE A 25 5.07 5.44 -1.37
CA ILE A 25 3.79 6.10 -0.99
C ILE A 25 3.59 5.96 0.52
N THR A 26 2.95 6.92 1.14
CA THR A 26 2.72 6.86 2.61
C THR A 26 1.49 6.01 2.91
N LEU A 27 1.33 5.64 4.16
CA LEU A 27 0.15 4.82 4.56
C LEU A 27 -1.13 5.61 4.22
N ASN A 28 -1.15 6.85 4.63
CA ASN A 28 -2.33 7.73 4.35
C ASN A 28 -2.53 7.87 2.83
N GLY A 29 -1.46 7.99 2.08
CA GLY A 29 -1.60 8.17 0.61
C GLY A 29 -2.35 6.98 0.00
N ILE A 30 -2.08 5.79 0.47
CA ILE A 30 -2.78 4.60 -0.10
C ILE A 30 -4.30 4.75 0.11
N TYR A 31 -4.71 5.18 1.28
CA TYR A 31 -6.17 5.33 1.53
C TYR A 31 -6.79 6.34 0.55
N GLN A 32 -6.11 7.41 0.26
CA GLN A 32 -6.68 8.43 -0.66
C GLN A 32 -6.99 7.83 -2.03
N PHE A 33 -6.10 7.02 -2.55
CA PHE A 33 -6.33 6.41 -3.89
C PHE A 33 -7.61 5.57 -3.91
N ILE A 34 -7.78 4.70 -2.95
CA ILE A 34 -8.99 3.83 -2.95
C ILE A 34 -10.28 4.64 -2.91
N MET A 35 -10.39 5.57 -2.00
CA MET A 35 -11.65 6.37 -1.92
C MET A 35 -11.91 7.12 -3.24
N ASP A 36 -10.91 7.76 -3.78
CA ASP A 36 -11.12 8.50 -5.07
C ASP A 36 -11.34 7.50 -6.21
N ARG A 37 -10.60 6.43 -6.23
CA ARG A 37 -10.74 5.43 -7.33
C ARG A 37 -12.09 4.73 -7.24
N PHE A 38 -12.53 4.38 -6.04
CA PHE A 38 -13.84 3.68 -5.88
C PHE A 38 -14.68 4.37 -4.80
N PRO A 39 -15.34 5.46 -5.13
CA PRO A 39 -16.20 6.21 -4.17
C PRO A 39 -17.10 5.28 -3.35
N PHE A 40 -17.15 4.03 -3.73
CA PHE A 40 -18.00 3.05 -3.00
C PHE A 40 -17.56 2.96 -1.54
N TYR A 41 -16.28 2.98 -1.29
CA TYR A 41 -15.78 2.88 0.11
C TYR A 41 -16.15 4.13 0.92
N ARG A 42 -16.42 5.22 0.27
CA ARG A 42 -16.77 6.45 1.04
C ARG A 42 -18.02 6.17 1.88
N GLU A 43 -18.97 5.47 1.35
CA GLU A 43 -20.21 5.19 2.14
C GLU A 43 -19.87 4.35 3.36
N ASN A 44 -19.00 3.40 3.20
CA ASN A 44 -18.60 2.51 4.34
C ASN A 44 -17.20 2.89 4.83
N LYS A 45 -17.11 3.54 5.96
CA LYS A 45 -15.78 3.94 6.51
C LYS A 45 -15.29 2.92 7.54
N GLN A 46 -16.16 2.42 8.36
CA GLN A 46 -15.72 1.44 9.40
C GLN A 46 -15.61 0.04 8.76
N GLY A 47 -14.66 -0.74 9.22
CA GLY A 47 -14.50 -2.13 8.67
C GLY A 47 -13.31 -2.18 7.71
N TRP A 48 -13.45 -1.63 6.53
CA TRP A 48 -12.34 -1.69 5.55
C TRP A 48 -11.15 -0.83 5.97
N GLN A 49 -11.36 0.17 6.78
CA GLN A 49 -10.22 1.05 7.19
C GLN A 49 -9.13 0.24 7.91
N ASN A 50 -9.48 -0.53 8.90
CA ASN A 50 -8.44 -1.32 9.64
C ASN A 50 -7.93 -2.49 8.80
N SER A 51 -8.77 -3.09 8.00
CA SER A 51 -8.33 -4.27 7.20
C SER A 51 -7.17 -3.89 6.27
N ILE A 52 -7.18 -2.71 5.74
CA ILE A 52 -6.08 -2.30 4.81
C ILE A 52 -4.73 -2.35 5.54
N ARG A 53 -4.64 -1.75 6.70
CA ARG A 53 -3.35 -1.76 7.46
C ARG A 53 -3.05 -3.16 7.99
N HIS A 54 -4.04 -3.87 8.46
CA HIS A 54 -3.79 -5.23 8.99
C HIS A 54 -3.18 -6.08 7.88
N ASN A 55 -3.67 -5.93 6.68
CA ASN A 55 -3.11 -6.72 5.55
C ASN A 55 -1.63 -6.38 5.42
N LEU A 56 -1.30 -5.12 5.58
CA LEU A 56 0.13 -4.71 5.46
C LEU A 56 0.93 -5.31 6.62
N SER A 57 0.37 -5.35 7.80
CA SER A 57 1.12 -5.93 8.95
C SER A 57 1.14 -7.45 8.86
N LEU A 58 0.00 -8.06 8.64
CA LEU A 58 -0.04 -9.55 8.54
C LEU A 58 0.78 -9.99 7.33
N ASN A 59 0.67 -9.27 6.24
CA ASN A 59 1.43 -9.66 5.01
C ASN A 59 2.83 -9.07 5.13
N GLU A 60 3.82 -9.92 5.17
CA GLU A 60 5.23 -9.44 5.31
C GLU A 60 5.83 -9.17 3.93
N CYS A 61 5.06 -9.36 2.89
CA CYS A 61 5.60 -9.12 1.52
C CYS A 61 6.03 -7.66 1.42
N PHE A 62 5.27 -6.77 1.98
CA PHE A 62 5.62 -5.33 1.92
C PHE A 62 6.71 -5.04 2.97
N VAL A 63 7.60 -4.14 2.66
CA VAL A 63 8.69 -3.78 3.62
C VAL A 63 8.59 -2.29 3.94
N LYS A 64 8.60 -1.94 5.20
CA LYS A 64 8.50 -0.49 5.55
C LYS A 64 9.75 0.25 5.10
N VAL A 65 9.59 1.43 4.56
CA VAL A 65 10.75 2.25 4.10
C VAL A 65 10.88 3.49 5.00
N PRO A 66 11.98 3.67 5.69
CA PRO A 66 12.14 4.85 6.58
C PRO A 66 12.41 6.14 5.81
N ARG A 67 12.55 7.23 6.51
CA ARG A 67 12.81 8.55 5.85
C ARG A 67 13.87 9.32 6.64
N ASP A 68 14.53 10.26 6.03
CA ASP A 68 15.56 11.04 6.77
C ASP A 68 14.85 11.84 7.87
N ASP A 69 15.61 12.42 8.76
CA ASP A 69 14.98 13.20 9.87
C ASP A 69 14.79 14.65 9.45
N LYS A 70 15.25 15.01 8.27
CA LYS A 70 15.10 16.42 7.80
C LYS A 70 13.82 16.54 6.98
N LYS A 71 13.04 15.49 6.91
CA LYS A 71 11.76 15.51 6.13
C LYS A 71 10.62 14.98 7.01
N PRO A 72 10.10 15.79 7.89
CA PRO A 72 8.99 15.39 8.80
C PRO A 72 7.65 15.29 8.06
N GLY A 73 6.57 15.21 8.80
CA GLY A 73 5.22 15.11 8.15
C GLY A 73 5.08 13.77 7.44
N LYS A 74 5.89 13.53 6.44
CA LYS A 74 5.79 12.23 5.71
C LYS A 74 6.24 11.10 6.62
N GLY A 75 5.55 10.00 6.62
CA GLY A 75 5.93 8.85 7.49
C GLY A 75 6.80 7.88 6.69
N SER A 76 6.84 6.65 7.09
CA SER A 76 7.66 5.65 6.33
C SER A 76 6.88 5.24 5.09
N TYR A 77 7.52 5.25 3.95
CA TYR A 77 6.79 4.88 2.70
C TYR A 77 6.66 3.36 2.62
N TRP A 78 5.73 2.87 1.84
CA TRP A 78 5.54 1.40 1.69
C TRP A 78 5.90 0.99 0.27
N THR A 79 6.56 -0.14 0.11
CA THR A 79 6.96 -0.59 -1.26
C THR A 79 6.83 -2.11 -1.35
N LEU A 80 6.78 -2.64 -2.55
CA LEU A 80 6.66 -4.12 -2.72
C LEU A 80 7.86 -4.81 -2.08
N ASP A 81 8.59 -5.55 -2.85
CA ASP A 81 9.80 -6.26 -2.32
C ASP A 81 10.93 -6.11 -3.35
N PRO A 82 11.49 -4.93 -3.44
CA PRO A 82 12.59 -4.62 -4.40
C PRO A 82 13.76 -5.61 -4.29
N ASP A 83 14.97 -5.10 -4.18
CA ASP A 83 16.16 -5.98 -4.07
C ASP A 83 16.40 -6.25 -2.59
N SER A 84 15.63 -7.14 -2.02
CA SER A 84 15.78 -7.46 -0.58
C SER A 84 17.18 -8.01 -0.33
N TYR A 85 17.89 -8.35 -1.37
CA TYR A 85 19.27 -8.87 -1.19
C TYR A 85 20.09 -7.82 -0.45
N ASN A 86 19.72 -6.57 -0.56
CA ASN A 86 20.48 -5.50 0.14
C ASN A 86 20.24 -5.60 1.65
N MET A 87 19.19 -6.27 2.02
CA MET A 87 18.90 -6.44 3.48
C MET A 87 19.78 -7.57 4.02
N PHE A 88 19.57 -7.96 5.25
CA PHE A 88 20.40 -9.04 5.84
C PHE A 88 20.19 -10.33 5.05
N GLU A 89 20.06 -11.43 5.74
CA GLU A 89 19.85 -12.75 5.06
C GLU A 89 18.66 -13.47 5.67
N ASN A 90 17.78 -12.75 6.31
CA ASN A 90 16.57 -13.39 6.95
C ASN A 90 15.30 -12.70 6.45
N GLY A 91 14.34 -13.47 6.01
CA GLY A 91 13.07 -12.89 5.51
C GLY A 91 12.27 -13.97 4.80
N SER A 92 11.70 -13.66 3.67
CA SER A 92 10.89 -14.66 2.91
C SER A 92 11.58 -14.99 1.58
N PHE A 93 12.76 -14.49 1.37
CA PHE A 93 13.49 -14.78 0.09
C PHE A 93 14.19 -16.13 0.21
N LEU A 94 13.91 -17.04 -0.69
CA LEU A 94 14.56 -18.39 -0.65
C LEU A 94 15.66 -18.46 -1.71
#